data_9QWJ
#
_entry.id   9QWJ
#
_cell.length_a   85.373
_cell.length_b   122.068
_cell.length_c   108.696
_cell.angle_alpha   90.00
_cell.angle_beta   110.03
_cell.angle_gamma   90.00
#
_symmetry.space_group_name_H-M   'P 1 21 1'
#
loop_
_entity.id
_entity.type
_entity.pdbx_description
1 polymer 'Beta-2-microglobulin,T-cell surface glycoprotein CD1c'
2 polymer 'TCR alpha'
3 polymer 'TCR beta'
4 branched 2-acetamido-2-deoxy-beta-D-glucopyranose-(1-4)-2-acetamido-2-deoxy-beta-D-glucopyranose
5 non-polymer 1,2-ETHANEDIOL
6 non-polymer 2-acetamido-2-deoxy-beta-D-glucopyranose
7 non-polymer beta-D-mannopyranose
8 non-polymer DODECANE
9 non-polymer 'CALCIUM ION'
10 non-polymer DECANE
11 water water
#
loop_
_entity_poly.entity_id
_entity_poly.type
_entity_poly.pdbx_seq_one_letter_code
_entity_poly.pdbx_strand_id
1 'polypeptide(L)'
;MYRMQLLSCIALSLALVTNSIQRTPKIQVYSRHPAENGKSNFLNCYVSGFHPSDIEVDLLKNGERIEKVEHSDLSFSKDW
SFYLLYYTEFTPTEKDEYACRVNHVTLSQPKIVKWDRDIGGGGSGGGGSGGGGSEHVSFHVIQIFSFVNQSWARGQGSGW
LDELQTHGWDSESGTIIFLHNWSKGNFSNEELSDLELLFRFYLFGLTREIQDHASQDYSKYPFEVQVKAGCELHSGKSPE
GFFQVAFNGLDLLSFQNTTWVPSPGCGSLAQSVCHLLNHQYEGVTETVYNLIRSTCPRFLLGLLDAGKMYVHRQVRPEAW
LSSRPSLGSGQLLLVCHASGFYPKPVWVTWMRNEQEQLGTKHGDILPNADGTWYLQVILEVASEEPAGLSCRVRHSSLGG
QDIILYWGSLSTPPTPSTPPTGLNDIFEAQKIEWHEHHHHHH
;
B,N
2 'polypeptide(L)'
;MGNSVTQMEGPVTLSEEAFLTINCTYTATGYPSLFWYVQYPGEGLQLLLKATKADDKGSNKGFEATYRKETTSFHLEKGS
VQVSDSAVYFCALSDQYGWGKLQFGAGTQVVVTPDIQNPDPAVYQLRDSKSSDKSVCLFTDFDSQTNVSQSKDSDVYITD
KCVLDMRSMDFKSNSAVAWSNKSDFACANAFNNSIIPED
;
D,T
3 'polypeptide(L)'
;MDTGVSQNPRHKITKRGQNVTFRCDPISEHNRLYWYRQTLGQGPEFLTYFQNEAQLEKSRLLSDRFSAERPKGSFSTLEI
QRTEQGDSAMYLCASSPRTGRGAEAFFGQGTRLTVVEDLNKVFPPEVAVFEPSEAEISHTQKATLVCLATGFYPDHVELS
WWVNGKEVHSGVCTDPQPLKEQPALNDSRYALSSRLRVSATFWQDPRNHFRCQVQFYGLSENDEWTQDRAKPVTQIVSAE
AWGRAD
;
E,U
#
loop_
_chem_comp.id
_chem_comp.type
_chem_comp.name
_chem_comp.formula
BMA D-saccharide, beta linking beta-D-mannopyranose 'C6 H12 O6'
CA non-polymer 'CALCIUM ION' 'Ca 2'
D10 non-polymer DECANE 'C10 H22'
D12 non-polymer DODECANE 'C12 H26'
EDO non-polymer 1,2-ETHANEDIOL 'C2 H6 O2'
NAG D-saccharide, beta linking 2-acetamido-2-deoxy-beta-D-glucopyranose 'C8 H15 N O6'
#
# COMPACT_ATOMS: atom_id res chain seq x y z
N ILE A 21 2.42 0.46 4.14
CA ILE A 21 1.27 0.27 5.06
C ILE A 21 1.67 0.69 6.47
N GLN A 22 0.70 0.93 7.34
CA GLN A 22 1.02 1.24 8.75
C GLN A 22 0.44 0.13 9.63
N ARG A 23 1.07 -0.13 10.77
CA ARG A 23 0.59 -1.18 11.70
C ARG A 23 0.65 -0.60 13.12
N THR A 24 -0.44 -0.74 13.87
CA THR A 24 -0.51 -0.18 15.22
C THR A 24 0.24 -1.10 16.18
N PRO A 25 1.00 -0.53 17.12
CA PRO A 25 1.83 -1.34 18.06
C PRO A 25 1.02 -2.21 19.01
N LYS A 26 1.46 -3.45 19.23
CA LYS A 26 0.87 -4.31 20.29
C LYS A 26 1.72 -4.08 21.53
N ILE A 27 1.11 -4.02 22.72
CA ILE A 27 1.86 -3.64 23.91
C ILE A 27 1.56 -4.63 25.02
N GLN A 28 2.65 -5.23 25.56
CA GLN A 28 2.52 -6.29 26.57
C GLN A 28 3.54 -6.05 27.68
N VAL A 29 3.05 -6.05 28.92
CA VAL A 29 3.82 -5.67 30.11
C VAL A 29 3.79 -6.81 31.12
N TYR A 30 4.98 -7.15 31.61
CA TYR A 30 5.14 -8.33 32.46
C TYR A 30 6.42 -8.14 33.26
N SER A 31 6.52 -8.88 34.36
CA SER A 31 7.71 -8.88 35.19
C SER A 31 8.55 -10.12 34.91
N ARG A 32 9.86 -9.96 35.05
CA ARG A 32 10.80 -11.04 34.79
C ARG A 32 10.62 -12.16 35.81
N HIS A 33 10.40 -11.78 37.08
CA HIS A 33 10.19 -12.73 38.16
C HIS A 33 8.79 -12.51 38.77
N PRO A 34 8.26 -13.46 39.56
CA PRO A 34 7.05 -13.18 40.31
C PRO A 34 7.23 -11.97 41.21
N ALA A 35 6.26 -11.07 41.21
CA ALA A 35 6.30 -9.90 42.04
C ALA A 35 6.29 -10.30 43.52
N GLU A 36 7.25 -9.77 44.28
CA GLU A 36 7.20 -9.81 45.74
C GLU A 36 7.47 -8.40 46.26
N ASN A 37 6.52 -7.85 47.02
CA ASN A 37 6.62 -6.45 47.44
C ASN A 37 7.95 -6.23 48.17
N GLY A 38 8.67 -5.18 47.81
CA GLY A 38 9.94 -4.87 48.44
C GLY A 38 11.15 -5.55 47.77
N LYS A 39 10.93 -6.44 46.82
CA LYS A 39 12.01 -7.21 46.24
C LYS A 39 12.24 -6.79 44.79
N SER A 40 13.52 -6.50 44.47
CA SER A 40 13.89 -5.98 43.16
C SER A 40 13.72 -7.05 42.07
N ASN A 41 13.42 -6.59 40.86
CA ASN A 41 12.84 -7.36 39.78
C ASN A 41 13.10 -6.59 38.49
N PHE A 42 12.63 -7.10 37.36
CA PHE A 42 12.67 -6.34 36.11
C PHE A 42 11.27 -6.21 35.54
N LEU A 43 10.92 -5.00 35.11
CA LEU A 43 9.66 -4.72 34.44
C LEU A 43 9.94 -4.70 32.94
N ASN A 44 9.18 -5.52 32.19
CA ASN A 44 9.37 -5.60 30.76
C ASN A 44 8.14 -5.07 30.03
N CYS A 45 8.40 -4.40 28.90
CA CYS A 45 7.33 -3.93 27.99
C CYS A 45 7.73 -4.34 26.56
N TYR A 46 6.98 -5.26 25.97
CA TYR A 46 7.26 -5.77 24.60
C TYR A 46 6.33 -5.06 23.65
N VAL A 47 6.93 -4.27 22.77
CA VAL A 47 6.14 -3.52 21.75
C VAL A 47 6.42 -4.20 20.41
N SER A 48 5.35 -4.70 19.78
CA SER A 48 5.50 -5.52 18.56
C SER A 48 4.42 -5.28 17.51
N GLY A 49 4.62 -5.81 16.29
CA GLY A 49 3.63 -5.71 15.19
C GLY A 49 3.44 -4.30 14.67
N PHE A 50 4.44 -3.44 14.78
CA PHE A 50 4.23 -2.03 14.39
C PHE A 50 4.98 -1.65 13.12
N HIS A 51 4.50 -0.60 12.44
CA HIS A 51 5.14 -0.10 11.24
C HIS A 51 4.59 1.30 11.01
N PRO A 52 5.38 2.34 10.71
CA PRO A 52 6.83 2.27 10.58
C PRO A 52 7.53 2.23 11.94
N SER A 53 8.88 2.34 11.91
CA SER A 53 9.70 2.00 13.06
C SER A 53 9.75 3.15 14.07
N ASP A 54 9.52 4.37 13.62
CA ASP A 54 9.50 5.54 14.47
C ASP A 54 8.48 5.32 15.62
N ILE A 55 9.01 5.28 16.83
CA ILE A 55 8.13 4.98 17.99
C ILE A 55 8.71 5.61 19.24
N GLU A 56 7.86 5.92 20.22
CA GLU A 56 8.33 6.40 21.50
C GLU A 56 7.77 5.49 22.60
N VAL A 57 8.64 4.98 23.46
CA VAL A 57 8.24 4.02 24.49
C VAL A 57 8.84 4.45 25.83
N ASP A 58 7.97 4.59 26.83
CA ASP A 58 8.44 4.84 28.18
C ASP A 58 7.85 3.84 29.14
N LEU A 59 8.61 3.55 30.18
CA LEU A 59 8.09 2.86 31.34
C LEU A 59 7.78 3.95 32.37
N LEU A 60 6.60 3.84 32.99
CA LEU A 60 6.11 4.80 33.96
C LEU A 60 6.10 4.17 35.36
N LYS A 61 6.44 5.01 36.35
CA LYS A 61 6.19 4.76 37.75
C LYS A 61 5.29 5.88 38.25
N ASN A 62 4.06 5.51 38.68
CA ASN A 62 3.06 6.46 39.14
C ASN A 62 2.93 7.60 38.14
N GLY A 63 2.84 7.26 36.84
CA GLY A 63 2.53 8.23 35.82
C GLY A 63 3.75 9.01 35.33
N GLU A 64 4.95 8.81 35.92
CA GLU A 64 6.13 9.56 35.53
C GLU A 64 7.11 8.62 34.83
N ARG A 65 7.74 9.12 33.77
CA ARG A 65 8.66 8.30 33.00
C ARG A 65 9.91 7.98 33.81
N ILE A 66 10.33 6.70 33.73
CA ILE A 66 11.53 6.22 34.38
C ILE A 66 12.73 6.50 33.45
N GLU A 67 13.78 7.12 33.97
CA GLU A 67 14.96 7.35 33.15
C GLU A 67 15.79 6.07 33.13
N LYS A 68 16.76 5.95 32.25
CA LYS A 68 17.69 4.82 32.37
C LYS A 68 16.92 3.50 32.21
N VAL A 69 15.98 3.49 31.28
CA VAL A 69 15.36 2.27 30.80
C VAL A 69 16.26 1.74 29.68
N GLU A 70 16.30 0.44 29.48
CA GLU A 70 17.04 -0.11 28.35
C GLU A 70 16.08 -0.75 27.36
N HIS A 71 16.60 -0.96 26.14
CA HIS A 71 15.80 -1.57 25.09
C HIS A 71 16.71 -2.38 24.17
N SER A 72 16.10 -3.41 23.60
CA SER A 72 16.77 -4.24 22.58
C SER A 72 16.99 -3.41 21.32
N ASP A 73 17.94 -3.81 20.48
CA ASP A 73 18.11 -3.13 19.17
C ASP A 73 16.87 -3.42 18.31
N LEU A 74 16.46 -2.45 17.52
CA LEU A 74 15.26 -2.62 16.66
C LEU A 74 15.36 -3.88 15.82
N SER A 75 14.33 -4.71 15.87
CA SER A 75 14.30 -5.87 15.01
C SER A 75 12.95 -5.92 14.31
N PHE A 76 12.73 -6.98 13.52
CA PHE A 76 11.45 -7.16 12.88
C PHE A 76 11.24 -8.63 12.59
N SER A 77 9.96 -8.99 12.39
CA SER A 77 9.50 -10.35 12.22
C SER A 77 9.38 -10.71 10.75
N LYS A 78 8.93 -11.95 10.51
CA LYS A 78 8.71 -12.50 9.18
C LYS A 78 7.85 -11.57 8.32
N ASP A 79 6.85 -10.92 8.90
CA ASP A 79 5.93 -10.08 8.13
C ASP A 79 6.47 -8.65 7.99
N TRP A 80 7.74 -8.41 8.40
CA TRP A 80 8.40 -7.10 8.34
C TRP A 80 8.04 -6.14 9.46
N SER A 81 7.10 -6.54 10.34
CA SER A 81 6.68 -5.66 11.41
C SER A 81 7.73 -5.65 12.51
N PHE A 82 7.91 -4.46 13.11
CA PHE A 82 8.97 -4.20 14.05
C PHE A 82 8.60 -4.67 15.46
N TYR A 83 9.63 -4.97 16.25
CA TYR A 83 9.44 -5.37 17.67
C TYR A 83 10.61 -4.84 18.50
N LEU A 84 10.32 -4.41 19.72
CA LEU A 84 11.34 -3.89 20.66
C LEU A 84 10.99 -4.36 22.08
N LEU A 85 11.98 -4.72 22.87
CA LEU A 85 11.74 -5.08 24.29
C LEU A 85 12.34 -3.98 25.17
N TYR A 86 11.50 -3.32 25.95
CA TYR A 86 11.97 -2.29 26.92
C TYR A 86 11.98 -2.92 28.33
N TYR A 87 12.99 -2.61 29.14
CA TYR A 87 13.11 -3.21 30.45
C TYR A 87 13.84 -2.25 31.39
N THR A 88 13.45 -2.36 32.68
CA THR A 88 14.07 -1.60 33.72
C THR A 88 13.99 -2.39 35.02
N GLU A 89 14.97 -2.13 35.88
CA GLU A 89 14.95 -2.66 37.22
C GLU A 89 13.86 -1.91 37.96
N PHE A 90 13.07 -2.62 38.75
CA PHE A 90 12.07 -2.00 39.59
C PHE A 90 11.89 -2.83 40.85
N THR A 91 11.30 -2.17 41.86
CA THR A 91 10.91 -2.79 43.11
C THR A 91 9.41 -2.56 43.30
N PRO A 92 8.58 -3.57 43.03
CA PRO A 92 7.16 -3.42 43.29
C PRO A 92 6.88 -3.26 44.77
N THR A 93 5.80 -2.54 45.04
CA THR A 93 5.23 -2.35 46.36
C THR A 93 3.73 -2.52 46.20
N GLU A 94 3.00 -2.52 47.30
CA GLU A 94 1.55 -2.56 47.27
C GLU A 94 1.01 -1.36 46.49
N LYS A 95 1.57 -0.16 46.73
CA LYS A 95 0.97 1.10 46.31
C LYS A 95 1.39 1.54 44.90
N ASP A 96 2.63 1.23 44.51
CA ASP A 96 3.21 1.83 43.31
C ASP A 96 2.56 1.23 42.06
N GLU A 97 2.32 2.09 41.05
CA GLU A 97 1.71 1.69 39.80
C GLU A 97 2.69 1.85 38.66
N TYR A 98 2.83 0.79 37.88
CA TYR A 98 3.75 0.79 36.77
C TYR A 98 2.96 0.61 35.48
N ALA A 99 3.49 1.15 34.38
CA ALA A 99 2.83 1.07 33.10
C ALA A 99 3.85 1.24 31.97
N CYS A 100 3.38 0.96 30.75
CA CYS A 100 4.15 1.20 29.53
C CYS A 100 3.31 2.14 28.67
N ARG A 101 3.94 3.22 28.23
CA ARG A 101 3.31 4.25 27.42
C ARG A 101 3.98 4.27 26.05
N VAL A 102 3.17 4.21 25.00
CA VAL A 102 3.68 4.14 23.64
C VAL A 102 2.98 5.18 22.81
N ASN A 103 3.75 5.94 22.04
CA ASN A 103 3.19 6.77 21.00
C ASN A 103 3.76 6.40 19.63
N HIS A 104 2.92 6.56 18.62
CA HIS A 104 3.20 6.05 17.28
C HIS A 104 2.23 6.72 16.32
N VAL A 105 2.61 6.81 15.04
CA VAL A 105 1.80 7.57 14.10
C VAL A 105 0.38 6.96 14.00
N THR A 106 0.23 5.67 14.28
CA THR A 106 -1.08 5.00 14.17
C THR A 106 -1.99 5.38 15.33
N LEU A 107 -1.46 6.04 16.35
CA LEU A 107 -2.25 6.33 17.56
C LEU A 107 -2.56 7.83 17.64
N SER A 108 -3.81 8.18 17.98
CA SER A 108 -4.18 9.59 18.04
C SER A 108 -3.68 10.22 19.33
N GLN A 109 -3.33 9.38 20.30
CA GLN A 109 -2.75 9.83 21.54
C GLN A 109 -2.03 8.65 22.17
N PRO A 110 -1.09 8.92 23.09
CA PRO A 110 -0.32 7.86 23.70
C PRO A 110 -1.22 6.77 24.29
N LYS A 111 -0.74 5.53 24.22
CA LYS A 111 -1.47 4.37 24.70
C LYS A 111 -0.71 3.84 25.90
N ILE A 112 -1.41 3.72 27.03
CA ILE A 112 -0.85 3.34 28.30
C ILE A 112 -1.37 1.94 28.63
N VAL A 113 -0.47 0.98 28.78
CA VAL A 113 -0.87 -0.30 29.32
C VAL A 113 -0.30 -0.44 30.72
N LYS A 114 -1.18 -0.69 31.71
CA LYS A 114 -0.77 -0.87 33.09
C LYS A 114 -0.22 -2.26 33.33
N TRP A 115 0.78 -2.38 34.20
CA TRP A 115 1.21 -3.67 34.69
C TRP A 115 0.29 -4.13 35.80
N ASP A 116 -0.23 -5.35 35.66
CA ASP A 116 -0.96 -6.00 36.72
C ASP A 116 -0.19 -7.28 37.06
N ARG A 117 0.26 -7.45 38.30
CA ARG A 117 0.98 -8.68 38.66
C ARG A 117 0.10 -9.93 38.51
N ASP A 118 -1.22 -9.73 38.48
CA ASP A 118 -2.16 -10.83 38.50
C ASP A 118 -2.48 -11.35 37.09
N ILE A 119 -2.45 -10.47 36.08
CA ILE A 119 -2.79 -10.90 34.73
C ILE A 119 -1.91 -10.17 33.70
N GLY A 120 -0.96 -9.37 34.19
CA GLY A 120 -0.09 -8.52 33.36
C GLY A 120 -0.88 -7.36 32.75
N GLY A 121 -0.26 -6.67 31.78
CA GLY A 121 -0.97 -5.87 30.79
C GLY A 121 -0.68 -6.36 29.36
N GLY A 122 -1.62 -6.11 28.40
CA GLY A 122 -1.51 -6.51 27.00
C GLY A 122 -2.57 -7.54 26.64
N GLY A 132 6.58 -22.89 11.48
CA GLY A 132 7.18 -23.15 10.15
C GLY A 132 7.43 -24.65 9.98
N GLY A 133 7.96 -25.02 8.78
CA GLY A 133 8.09 -26.40 8.31
C GLY A 133 9.46 -27.03 8.65
N SER A 134 10.20 -27.51 7.63
CA SER A 134 11.62 -27.86 7.73
C SER A 134 12.39 -27.04 8.79
N GLU A 135 12.98 -27.75 9.79
CA GLU A 135 13.66 -27.10 10.91
C GLU A 135 15.01 -26.56 10.46
N HIS A 136 15.35 -25.39 10.97
CA HIS A 136 16.37 -24.58 10.36
C HIS A 136 16.98 -23.60 11.34
N VAL A 137 18.20 -23.19 11.00
CA VAL A 137 18.93 -22.12 11.66
C VAL A 137 19.34 -21.10 10.59
N SER A 138 19.44 -19.86 10.99
CA SER A 138 19.66 -18.78 10.04
C SER A 138 20.60 -17.76 10.68
N PHE A 139 21.58 -17.32 9.89
CA PHE A 139 22.34 -16.15 10.24
C PHE A 139 21.98 -15.07 9.24
N HIS A 140 21.61 -13.91 9.78
CA HIS A 140 21.26 -12.85 8.86
C HIS A 140 21.51 -11.50 9.49
N VAL A 141 21.70 -10.56 8.57
CA VAL A 141 21.88 -9.17 8.94
C VAL A 141 20.57 -8.52 8.53
N ILE A 142 20.13 -7.54 9.32
CA ILE A 142 18.96 -6.81 8.92
C ILE A 142 19.37 -5.36 8.81
N GLN A 143 18.66 -4.64 7.96
CA GLN A 143 18.83 -3.21 7.91
C GLN A 143 17.47 -2.55 7.87
N ILE A 144 17.43 -1.35 8.43
CA ILE A 144 16.24 -0.51 8.44
C ILE A 144 16.69 0.86 7.98
N PHE A 145 16.13 1.31 6.86
CA PHE A 145 16.45 2.61 6.32
C PHE A 145 15.20 3.49 6.35
N SER A 146 15.29 4.60 7.08
CA SER A 146 14.15 5.47 7.35
C SER A 146 14.41 6.82 6.68
N PHE A 147 13.57 7.13 5.71
CA PHE A 147 13.70 8.29 4.87
C PHE A 147 12.60 9.27 5.25
N VAL A 148 12.95 10.27 6.04
CA VAL A 148 11.94 11.14 6.63
C VAL A 148 11.68 12.27 5.66
N ASN A 149 12.74 12.89 5.16
CA ASN A 149 12.60 13.94 4.18
C ASN A 149 13.90 14.05 3.39
N GLN A 150 13.95 15.02 2.49
CA GLN A 150 15.12 15.28 1.65
C GLN A 150 16.37 15.56 2.50
N SER A 151 16.23 16.06 3.73
CA SER A 151 17.41 16.39 4.51
C SER A 151 17.70 15.37 5.61
N TRP A 152 16.97 14.25 5.66
CA TRP A 152 17.11 13.38 6.83
C TRP A 152 16.73 11.95 6.49
N ALA A 153 17.73 11.09 6.61
CA ALA A 153 17.57 9.65 6.49
C ALA A 153 18.52 8.97 7.46
N ARG A 154 18.22 7.72 7.77
CA ARG A 154 18.95 7.01 8.81
C ARG A 154 19.02 5.53 8.46
N GLY A 155 20.19 4.94 8.64
CA GLY A 155 20.37 3.52 8.39
C GLY A 155 20.85 2.85 9.66
N GLN A 156 20.22 1.73 10.03
CA GLN A 156 20.62 1.00 11.22
C GLN A 156 20.56 -0.49 10.91
N GLY A 157 21.21 -1.30 11.74
CA GLY A 157 21.25 -2.73 11.46
C GLY A 157 21.86 -3.53 12.58
N SER A 158 21.86 -4.84 12.40
CA SER A 158 22.26 -5.78 13.43
C SER A 158 22.35 -7.16 12.81
N GLY A 159 23.03 -8.08 13.50
CA GLY A 159 23.14 -9.45 13.05
C GLY A 159 22.50 -10.41 14.05
N TRP A 160 21.93 -11.50 13.53
CA TRP A 160 21.06 -12.41 14.27
C TRP A 160 21.40 -13.84 13.91
N LEU A 161 21.54 -14.67 14.95
CA LEU A 161 21.39 -16.11 14.83
C LEU A 161 19.98 -16.47 15.31
N ASP A 162 19.08 -16.72 14.36
CA ASP A 162 17.65 -16.85 14.62
C ASP A 162 17.16 -15.60 15.36
N GLU A 163 16.58 -15.81 16.55
CA GLU A 163 15.99 -14.73 17.34
C GLU A 163 16.99 -14.11 18.30
N LEU A 164 18.18 -14.69 18.39
CA LEU A 164 19.27 -14.20 19.23
C LEU A 164 20.14 -13.19 18.46
N GLN A 165 20.32 -12.01 19.05
CA GLN A 165 21.16 -10.99 18.45
C GLN A 165 22.63 -11.34 18.70
N THR A 166 23.44 -11.43 17.65
CA THR A 166 24.85 -11.75 17.79
C THR A 166 25.71 -10.52 17.55
N HIS A 167 25.19 -9.53 16.78
CA HIS A 167 25.98 -8.39 16.38
C HIS A 167 25.10 -7.14 16.40
N GLY A 168 25.69 -6.04 16.84
CA GLY A 168 25.08 -4.75 16.61
C GLY A 168 25.93 -3.93 15.65
N TRP A 169 25.47 -2.70 15.40
CA TRP A 169 26.17 -1.79 14.53
C TRP A 169 26.16 -0.40 15.16
N ASP A 170 27.36 0.13 15.42
CA ASP A 170 27.50 1.46 15.95
C ASP A 170 27.54 2.42 14.79
N SER A 171 26.46 3.22 14.65
CA SER A 171 26.32 4.20 13.59
C SER A 171 27.41 5.26 13.67
N GLU A 172 27.67 5.79 14.84
CA GLU A 172 28.62 6.89 14.88
C GLU A 172 29.92 6.41 14.25
N SER A 173 30.51 5.33 14.78
CA SER A 173 31.85 4.91 14.37
C SER A 173 31.84 4.03 13.10
N GLY A 174 30.67 3.53 12.67
CA GLY A 174 30.55 2.65 11.53
C GLY A 174 31.29 1.32 11.75
N THR A 175 31.08 0.67 12.91
CA THR A 175 31.80 -0.54 13.28
C THR A 175 30.82 -1.60 13.79
N ILE A 176 31.23 -2.86 13.67
CA ILE A 176 30.48 -4.00 14.17
C ILE A 176 30.65 -4.07 15.69
N ILE A 177 29.54 -4.26 16.42
CA ILE A 177 29.59 -4.56 17.84
C ILE A 177 29.42 -6.06 18.00
N PHE A 178 30.46 -6.72 18.52
CA PHE A 178 30.44 -8.16 18.78
C PHE A 178 29.80 -8.37 20.16
N LEU A 179 28.64 -9.02 20.22
CA LEU A 179 27.83 -9.01 21.43
C LEU A 179 28.28 -10.12 22.37
N HIS A 180 28.74 -11.24 21.83
CA HIS A 180 29.17 -12.38 22.61
C HIS A 180 30.64 -12.66 22.31
N ASN A 181 31.30 -13.39 23.24
CA ASN A 181 32.69 -13.80 23.12
C ASN A 181 32.90 -14.63 21.86
N TRP A 182 31.85 -15.30 21.38
CA TRP A 182 31.95 -16.20 20.26
C TRP A 182 31.35 -15.60 18.99
N SER A 183 31.01 -14.31 19.00
CA SER A 183 30.38 -13.60 17.88
C SER A 183 31.31 -13.50 16.65
N LYS A 184 32.61 -13.76 16.79
CA LYS A 184 33.50 -13.78 15.65
C LYS A 184 33.47 -15.12 14.93
N GLY A 185 32.77 -16.13 15.45
CA GLY A 185 32.77 -17.44 14.80
C GLY A 185 34.20 -17.94 14.62
N ASN A 186 34.51 -18.48 13.45
CA ASN A 186 35.87 -18.88 13.12
C ASN A 186 36.50 -17.91 12.12
N PHE A 187 35.96 -16.68 12.03
CA PHE A 187 36.51 -15.67 11.14
C PHE A 187 37.71 -14.97 11.79
N SER A 188 38.72 -14.62 10.98
CA SER A 188 39.84 -13.81 11.42
C SER A 188 39.39 -12.37 11.60
N ASN A 189 40.14 -11.63 12.42
CA ASN A 189 39.95 -10.19 12.54
C ASN A 189 40.14 -9.49 11.19
N GLU A 190 41.11 -9.94 10.36
CA GLU A 190 41.33 -9.37 9.04
C GLU A 190 40.06 -9.47 8.21
N GLU A 191 39.42 -10.66 8.18
CA GLU A 191 38.24 -10.84 7.35
C GLU A 191 37.11 -9.97 7.88
N LEU A 192 36.99 -9.87 9.22
CA LEU A 192 35.87 -9.15 9.80
C LEU A 192 36.04 -7.64 9.56
N SER A 193 37.28 -7.14 9.58
CA SER A 193 37.59 -5.74 9.34
C SER A 193 37.19 -5.36 7.91
N ASP A 194 37.46 -6.26 6.98
CA ASP A 194 37.15 -6.04 5.55
C ASP A 194 35.64 -5.97 5.38
N LEU A 195 34.94 -6.93 5.99
CA LEU A 195 33.49 -6.92 5.94
C LEU A 195 32.94 -5.66 6.58
N GLU A 196 33.48 -5.28 7.74
CA GLU A 196 33.03 -4.11 8.45
C GLU A 196 33.11 -2.88 7.55
N LEU A 197 34.22 -2.73 6.82
CA LEU A 197 34.42 -1.55 5.98
C LEU A 197 33.44 -1.57 4.81
N LEU A 198 33.22 -2.77 4.26
CA LEU A 198 32.29 -2.93 3.17
C LEU A 198 30.87 -2.51 3.61
N PHE A 199 30.46 -2.99 4.80
CA PHE A 199 29.13 -2.67 5.32
C PHE A 199 29.01 -1.16 5.53
N ARG A 200 30.05 -0.51 6.06
CA ARG A 200 30.04 0.92 6.26
C ARG A 200 29.81 1.67 4.94
N PHE A 201 30.58 1.32 3.90
CA PHE A 201 30.43 1.95 2.60
C PHE A 201 29.02 1.68 2.03
N TYR A 202 28.54 0.44 2.19
CA TYR A 202 27.22 0.05 1.70
C TYR A 202 26.09 0.82 2.36
N LEU A 203 26.06 0.90 3.70
CA LEU A 203 24.99 1.61 4.40
C LEU A 203 24.93 3.06 3.94
N PHE A 204 26.08 3.71 3.87
CA PHE A 204 26.12 5.09 3.47
C PHE A 204 25.63 5.22 2.02
N GLY A 205 26.13 4.35 1.15
CA GLY A 205 25.84 4.48 -0.29
C GLY A 205 24.42 4.15 -0.66
N LEU A 206 23.88 3.09 -0.08
CA LEU A 206 22.47 2.76 -0.35
C LEU A 206 21.56 3.89 0.13
N THR A 207 21.80 4.43 1.33
CA THR A 207 21.00 5.54 1.84
C THR A 207 21.05 6.69 0.85
N ARG A 208 22.25 7.09 0.43
CA ARG A 208 22.41 8.27 -0.46
C ARG A 208 21.74 8.01 -1.83
N GLU A 209 21.96 6.84 -2.38
CA GLU A 209 21.38 6.49 -3.70
C GLU A 209 19.85 6.58 -3.62
N ILE A 210 19.29 6.08 -2.51
CA ILE A 210 17.84 6.16 -2.39
C ILE A 210 17.39 7.62 -2.27
N GLN A 211 18.10 8.42 -1.46
CA GLN A 211 17.80 9.82 -1.26
C GLN A 211 17.90 10.59 -2.56
N ASP A 212 18.80 10.19 -3.46
CA ASP A 212 18.95 10.87 -4.73
C ASP A 212 17.75 10.59 -5.62
N HIS A 213 17.28 9.35 -5.66
CA HIS A 213 16.10 9.06 -6.46
C HIS A 213 14.87 9.73 -5.85
N ALA A 214 14.78 9.77 -4.51
CA ALA A 214 13.60 10.27 -3.83
C ALA A 214 13.51 11.80 -3.86
N SER A 215 14.62 12.48 -4.05
CA SER A 215 14.65 13.94 -4.00
C SER A 215 13.93 14.55 -5.21
N GLN A 216 13.54 13.71 -6.18
CA GLN A 216 12.88 14.17 -7.40
C GLN A 216 11.36 14.17 -7.25
N ASP A 217 10.84 13.59 -6.16
CA ASP A 217 9.43 13.69 -5.80
C ASP A 217 9.28 13.59 -4.28
N TYR A 218 9.09 14.76 -3.64
CA TYR A 218 9.03 14.90 -2.19
C TYR A 218 7.79 14.27 -1.56
N SER A 219 6.71 14.05 -2.33
CA SER A 219 5.47 13.59 -1.71
C SER A 219 5.54 12.11 -1.36
N LYS A 220 6.60 11.40 -1.74
CA LYS A 220 6.74 10.00 -1.37
C LYS A 220 7.16 9.87 0.11
N TYR A 221 7.59 10.98 0.72
CA TYR A 221 8.12 10.97 2.07
C TYR A 221 6.99 10.99 3.08
N PRO A 222 7.13 10.40 4.30
CA PRO A 222 8.23 9.51 4.65
C PRO A 222 8.04 8.07 4.15
N PHE A 223 9.11 7.30 4.13
CA PHE A 223 9.00 5.91 3.75
C PHE A 223 10.13 5.12 4.39
N GLU A 224 9.96 3.80 4.43
CA GLU A 224 10.98 2.99 5.05
C GLU A 224 11.30 1.80 4.18
N VAL A 225 12.57 1.41 4.24
CA VAL A 225 13.10 0.27 3.50
C VAL A 225 13.73 -0.66 4.51
N GLN A 226 13.45 -1.96 4.33
CA GLN A 226 14.04 -2.99 5.16
C GLN A 226 14.71 -4.01 4.27
N VAL A 227 15.84 -4.48 4.76
CA VAL A 227 16.57 -5.56 4.16
C VAL A 227 16.82 -6.66 5.18
N LYS A 228 16.66 -7.89 4.72
CA LYS A 228 17.09 -9.05 5.46
C LYS A 228 17.93 -9.91 4.53
N ALA A 229 19.17 -10.19 4.88
CA ALA A 229 20.08 -10.89 3.98
C ALA A 229 20.94 -11.83 4.81
N GLY A 230 21.16 -13.03 4.30
CA GLY A 230 21.96 -14.00 5.03
C GLY A 230 21.79 -15.39 4.43
N CYS A 231 21.85 -16.41 5.30
CA CYS A 231 21.80 -17.78 4.84
C CYS A 231 21.19 -18.65 5.93
N GLU A 232 20.56 -19.75 5.48
CA GLU A 232 19.80 -20.66 6.33
C GLU A 232 20.35 -22.07 6.15
N LEU A 233 20.49 -22.82 7.24
CA LEU A 233 20.76 -24.26 7.16
C LEU A 233 19.47 -24.99 7.53
N HIS A 234 18.85 -25.65 6.54
CA HIS A 234 17.71 -26.52 6.78
C HIS A 234 18.17 -27.97 6.99
N SER A 235 17.51 -28.69 7.91
CA SER A 235 17.66 -30.14 8.02
C SER A 235 17.53 -30.79 6.64
N GLY A 236 18.53 -31.56 6.20
CA GLY A 236 18.43 -32.33 4.96
C GLY A 236 19.01 -31.58 3.76
N LYS A 237 19.35 -30.31 3.94
CA LYS A 237 19.87 -29.45 2.89
C LYS A 237 21.16 -28.81 3.37
N SER A 238 21.87 -28.18 2.44
CA SER A 238 23.05 -27.40 2.80
C SER A 238 22.69 -25.91 2.69
N PRO A 239 23.58 -24.99 3.14
CA PRO A 239 23.21 -23.60 3.32
C PRO A 239 22.62 -22.94 2.07
N GLU A 240 21.61 -22.08 2.26
CA GLU A 240 21.02 -21.36 1.16
C GLU A 240 21.04 -19.88 1.51
N GLY A 241 21.57 -19.03 0.63
CA GLY A 241 21.53 -17.60 0.86
C GLY A 241 20.26 -16.93 0.37
N PHE A 242 19.92 -15.80 0.96
CA PHE A 242 18.76 -15.02 0.57
C PHE A 242 19.11 -13.54 0.79
N PHE A 243 18.36 -12.69 0.10
CA PHE A 243 18.48 -11.24 0.20
C PHE A 243 17.09 -10.69 -0.09
N GLN A 244 16.40 -10.22 0.94
CA GLN A 244 15.01 -9.79 0.80
C GLN A 244 14.81 -8.33 1.16
N VAL A 245 13.89 -7.66 0.45
CA VAL A 245 13.71 -6.23 0.60
C VAL A 245 12.22 -5.97 0.76
N ALA A 246 11.89 -5.01 1.65
CA ALA A 246 10.54 -4.53 1.86
C ALA A 246 10.51 -3.00 1.74
N PHE A 247 9.35 -2.48 1.36
CA PHE A 247 9.12 -1.06 1.25
C PHE A 247 7.77 -0.78 1.92
N ASN A 248 7.77 0.19 2.86
CA ASN A 248 6.61 0.53 3.68
C ASN A 248 5.90 -0.72 4.23
N GLY A 249 6.69 -1.71 4.65
CA GLY A 249 6.20 -2.87 5.39
C GLY A 249 5.70 -4.02 4.53
N LEU A 250 5.83 -3.93 3.19
CA LEU A 250 5.44 -4.96 2.25
C LEU A 250 6.66 -5.43 1.44
N ASP A 251 6.67 -6.71 1.15
CA ASP A 251 7.62 -7.30 0.23
C ASP A 251 7.73 -6.41 -0.99
N LEU A 252 8.96 -6.05 -1.33
CA LEU A 252 9.23 -5.31 -2.55
C LEU A 252 9.89 -6.23 -3.59
N LEU A 253 11.03 -6.84 -3.21
CA LEU A 253 11.74 -7.72 -4.13
C LEU A 253 12.66 -8.64 -3.33
N SER A 254 13.25 -9.63 -4.02
CA SER A 254 14.29 -10.48 -3.46
C SER A 254 15.31 -10.94 -4.50
N PHE A 255 16.43 -11.44 -4.01
CA PHE A 255 17.50 -11.95 -4.90
C PHE A 255 17.30 -13.44 -5.09
N GLN A 256 17.04 -13.84 -6.34
CA GLN A 256 16.83 -15.27 -6.66
C GLN A 256 17.90 -15.71 -7.66
N ASN A 257 18.80 -16.59 -7.23
CA ASN A 257 19.94 -17.05 -8.06
C ASN A 257 20.85 -15.87 -8.41
N THR A 258 20.69 -15.28 -9.59
CA THR A 258 21.51 -14.13 -10.03
C THR A 258 20.59 -13.03 -10.49
N THR A 259 19.31 -13.12 -10.16
CA THR A 259 18.31 -12.18 -10.66
C THR A 259 17.55 -11.53 -9.51
N TRP A 260 17.44 -10.20 -9.56
CA TRP A 260 16.52 -9.49 -8.69
C TRP A 260 15.10 -9.65 -9.21
N VAL A 261 14.24 -10.22 -8.37
CA VAL A 261 12.90 -10.63 -8.75
C VAL A 261 11.88 -9.76 -8.00
N PRO A 262 10.96 -9.08 -8.71
CA PRO A 262 9.95 -8.25 -8.05
C PRO A 262 8.88 -9.08 -7.34
N SER A 263 8.52 -8.66 -6.15
CA SER A 263 7.37 -9.21 -5.46
C SER A 263 6.13 -9.02 -6.32
N PRO A 264 5.36 -10.09 -6.58
CA PRO A 264 4.11 -9.91 -7.35
C PRO A 264 3.21 -8.83 -6.73
N GLY A 265 3.17 -8.83 -5.39
CA GLY A 265 2.48 -7.83 -4.58
C GLY A 265 2.80 -6.35 -4.81
N CYS A 266 4.06 -5.91 -5.11
CA CYS A 266 4.36 -4.48 -5.19
C CYS A 266 4.55 -3.95 -6.63
N GLY A 267 3.88 -4.61 -7.61
CA GLY A 267 3.56 -4.02 -8.90
C GLY A 267 4.71 -3.20 -9.52
N SER A 268 4.37 -1.94 -9.87
CA SER A 268 5.14 -1.15 -10.81
C SER A 268 6.43 -0.63 -10.21
N LEU A 269 6.41 -0.22 -8.93
CA LEU A 269 7.64 0.25 -8.31
C LEU A 269 8.65 -0.89 -8.21
N ALA A 270 8.19 -2.09 -7.83
CA ALA A 270 9.06 -3.26 -7.69
C ALA A 270 9.74 -3.59 -9.03
N GLN A 271 8.96 -3.49 -10.11
CA GLN A 271 9.47 -3.73 -11.45
C GLN A 271 10.60 -2.76 -11.81
N SER A 272 10.39 -1.45 -11.53
CA SER A 272 11.39 -0.43 -11.81
C SER A 272 12.70 -0.69 -11.06
N VAL A 273 12.58 -1.00 -9.76
CA VAL A 273 13.77 -1.16 -8.95
C VAL A 273 14.52 -2.42 -9.41
N CYS A 274 13.78 -3.50 -9.71
CA CYS A 274 14.45 -4.71 -10.18
C CYS A 274 15.15 -4.47 -11.53
N HIS A 275 14.52 -3.66 -12.40
CA HIS A 275 15.13 -3.33 -13.67
C HIS A 275 16.45 -2.58 -13.43
N LEU A 276 16.45 -1.57 -12.54
CA LEU A 276 17.68 -0.87 -12.21
C LEU A 276 18.70 -1.89 -11.73
N LEU A 277 18.32 -2.72 -10.75
CA LEU A 277 19.31 -3.57 -10.12
C LEU A 277 19.87 -4.58 -11.12
N ASN A 278 19.04 -5.07 -12.04
CA ASN A 278 19.44 -6.15 -12.93
C ASN A 278 20.29 -5.60 -14.09
N HIS A 279 20.18 -4.28 -14.39
CA HIS A 279 20.78 -3.73 -15.60
C HIS A 279 21.82 -2.64 -15.36
N GLN A 280 21.84 -2.00 -14.21
CA GLN A 280 22.84 -0.97 -13.93
C GLN A 280 23.65 -1.27 -12.67
N TYR A 281 23.70 -2.50 -12.13
CA TYR A 281 24.48 -2.67 -10.88
C TYR A 281 25.05 -4.09 -10.79
N GLU A 282 25.78 -4.52 -11.83
CA GLU A 282 26.19 -5.91 -11.94
C GLU A 282 27.29 -6.17 -10.91
N GLY A 283 28.00 -5.12 -10.51
CA GLY A 283 29.01 -5.25 -9.45
C GLY A 283 28.32 -5.48 -8.12
N VAL A 284 27.19 -4.82 -7.91
CA VAL A 284 26.49 -5.03 -6.65
C VAL A 284 25.99 -6.47 -6.59
N THR A 285 25.40 -6.90 -7.70
CA THR A 285 24.87 -8.22 -7.85
C THR A 285 25.92 -9.27 -7.54
N GLU A 286 27.12 -9.14 -8.09
CA GLU A 286 28.16 -10.12 -7.87
C GLU A 286 28.54 -10.11 -6.39
N THR A 287 28.53 -8.93 -5.75
CA THR A 287 28.98 -8.83 -4.37
C THR A 287 27.96 -9.52 -3.47
N VAL A 288 26.68 -9.22 -3.70
CA VAL A 288 25.64 -9.89 -2.93
C VAL A 288 25.74 -11.39 -3.10
N TYR A 289 25.97 -11.87 -4.32
CA TYR A 289 26.02 -13.33 -4.58
C TYR A 289 27.09 -14.01 -3.72
N ASN A 290 28.34 -13.54 -3.79
CA ASN A 290 29.45 -14.14 -3.02
C ASN A 290 29.17 -14.05 -1.51
N LEU A 291 28.61 -12.95 -1.06
CA LEU A 291 28.35 -12.75 0.39
C LEU A 291 27.34 -13.80 0.90
N ILE A 292 26.19 -13.92 0.27
CA ILE A 292 25.10 -14.81 0.79
C ILE A 292 25.34 -16.28 0.41
N ARG A 293 26.05 -16.56 -0.69
CA ARG A 293 26.21 -17.96 -1.16
C ARG A 293 27.53 -18.57 -0.69
N SER A 294 28.53 -17.77 -0.36
CA SER A 294 29.86 -18.34 -0.03
C SER A 294 30.35 -17.89 1.35
N THR A 295 30.36 -16.60 1.63
CA THR A 295 30.86 -16.08 2.91
C THR A 295 29.89 -16.38 4.04
N CYS A 296 28.60 -16.19 3.81
CA CYS A 296 27.61 -16.34 4.88
C CYS A 296 27.59 -17.79 5.35
N PRO A 297 27.54 -18.82 4.47
CA PRO A 297 27.63 -20.24 4.92
C PRO A 297 28.85 -20.47 5.79
N ARG A 298 30.03 -20.02 5.37
CA ARG A 298 31.24 -20.13 6.19
C ARG A 298 31.02 -19.46 7.54
N PHE A 299 30.44 -18.27 7.54
CA PHE A 299 30.28 -17.56 8.79
C PHE A 299 29.32 -18.31 9.73
N LEU A 300 28.16 -18.74 9.20
CA LEU A 300 27.13 -19.44 9.93
C LEU A 300 27.66 -20.68 10.65
N LEU A 301 28.32 -21.57 9.88
CA LEU A 301 28.86 -22.81 10.43
C LEU A 301 29.89 -22.54 11.53
N GLY A 302 30.79 -21.57 11.32
CA GLY A 302 31.76 -21.20 12.35
C GLY A 302 31.11 -20.56 13.60
N LEU A 303 29.98 -19.87 13.41
CA LEU A 303 29.34 -19.15 14.49
C LEU A 303 28.58 -20.14 15.38
N LEU A 304 27.85 -21.07 14.76
CA LEU A 304 27.13 -22.12 15.49
C LEU A 304 28.10 -22.92 16.34
N ASP A 305 29.26 -23.21 15.75
CA ASP A 305 30.28 -24.03 16.38
C ASP A 305 30.86 -23.31 17.60
N ALA A 306 31.24 -22.04 17.44
CA ALA A 306 31.83 -21.27 18.52
C ALA A 306 30.81 -21.01 19.62
N GLY A 307 29.52 -20.89 19.27
CA GLY A 307 28.49 -20.49 20.24
C GLY A 307 27.65 -21.68 20.77
N LYS A 308 28.07 -22.90 20.38
CA LYS A 308 27.46 -24.18 20.72
C LYS A 308 26.94 -24.22 22.16
N MET A 309 27.86 -23.92 23.10
CA MET A 309 27.58 -24.06 24.53
C MET A 309 26.47 -23.11 24.95
N TYR A 310 26.46 -21.90 24.37
CA TYR A 310 25.49 -20.90 24.77
C TYR A 310 24.14 -21.23 24.13
N VAL A 311 24.14 -21.55 22.84
CA VAL A 311 22.92 -21.73 22.08
C VAL A 311 22.16 -23.01 22.50
N HIS A 312 22.87 -24.08 22.88
CA HIS A 312 22.26 -25.31 23.30
C HIS A 312 22.24 -25.42 24.84
N ARG A 313 22.41 -24.30 25.57
CA ARG A 313 22.29 -24.35 27.02
C ARG A 313 20.83 -24.64 27.39
N GLN A 314 20.63 -25.02 28.66
CA GLN A 314 19.31 -25.28 29.21
C GLN A 314 19.13 -24.40 30.45
N VAL A 315 18.01 -23.67 30.57
CA VAL A 315 17.79 -22.79 31.70
C VAL A 315 16.38 -23.08 32.21
N ARG A 316 16.31 -23.47 33.49
CA ARG A 316 15.06 -23.91 34.07
C ARG A 316 14.13 -22.72 34.28
N PRO A 317 12.83 -22.84 33.95
CA PRO A 317 11.86 -21.82 34.31
C PRO A 317 11.59 -21.75 35.82
N GLU A 318 11.24 -20.57 36.33
CA GLU A 318 10.52 -20.49 37.57
C GLU A 318 9.04 -20.36 37.20
N ALA A 319 8.16 -20.81 38.10
CA ALA A 319 6.74 -20.88 37.79
C ALA A 319 5.92 -20.40 38.98
N TRP A 320 4.74 -19.83 38.72
CA TRP A 320 3.89 -19.42 39.83
C TRP A 320 2.46 -19.22 39.37
N LEU A 321 1.53 -19.24 40.33
CA LEU A 321 0.12 -19.02 40.05
C LEU A 321 -0.28 -17.63 40.54
N SER A 322 -1.32 -17.09 39.91
CA SER A 322 -2.04 -15.93 40.38
C SER A 322 -3.48 -16.05 39.87
N SER A 323 -4.33 -15.14 40.34
CA SER A 323 -5.72 -15.07 39.91
C SER A 323 -6.19 -13.62 39.86
N ARG A 324 -7.29 -13.42 39.15
CA ARG A 324 -8.13 -12.25 39.30
C ARG A 324 -9.58 -12.70 39.13
N PRO A 325 -10.58 -11.95 39.65
CA PRO A 325 -11.96 -12.07 39.14
C PRO A 325 -12.09 -11.78 37.62
N SER A 326 -13.19 -12.23 37.00
CA SER A 326 -13.39 -12.17 35.54
C SER A 326 -13.93 -10.80 35.13
N GLN A 331 -16.66 -15.78 38.98
CA GLN A 331 -15.81 -16.54 38.02
C GLN A 331 -14.36 -16.09 38.08
N LEU A 332 -13.46 -16.96 38.57
CA LEU A 332 -12.06 -16.61 38.63
C LEU A 332 -11.39 -16.85 37.26
N LEU A 333 -10.34 -16.09 37.00
CA LEU A 333 -9.32 -16.50 36.05
C LEU A 333 -8.13 -17.03 36.85
N LEU A 334 -7.73 -18.29 36.61
CA LEU A 334 -6.49 -18.78 37.18
C LEU A 334 -5.40 -18.58 36.14
N VAL A 335 -4.26 -18.07 36.56
CA VAL A 335 -3.17 -17.76 35.65
C VAL A 335 -1.93 -18.50 36.11
N CYS A 336 -1.35 -19.28 35.17
CA CYS A 336 -0.12 -20.00 35.44
C CYS A 336 1.00 -19.34 34.66
N HIS A 337 2.11 -19.02 35.34
CA HIS A 337 3.19 -18.29 34.72
C HIS A 337 4.44 -19.18 34.74
N ALA A 338 5.24 -19.05 33.68
CA ALA A 338 6.55 -19.68 33.59
C ALA A 338 7.48 -18.65 33.00
N SER A 339 8.59 -18.35 33.67
CA SER A 339 9.51 -17.32 33.21
C SER A 339 10.94 -17.78 33.44
N GLY A 340 11.82 -17.43 32.51
CA GLY A 340 13.26 -17.70 32.65
C GLY A 340 13.70 -18.98 31.93
N PHE A 341 12.83 -19.60 31.12
CA PHE A 341 13.19 -20.83 30.42
C PHE A 341 13.89 -20.51 29.11
N TYR A 342 14.86 -21.38 28.78
CA TYR A 342 15.55 -21.41 27.50
C TYR A 342 16.00 -22.86 27.31
N PRO A 343 15.91 -23.48 26.10
CA PRO A 343 15.36 -22.85 24.90
C PRO A 343 13.85 -22.67 24.92
N LYS A 344 13.33 -22.30 23.74
CA LYS A 344 11.99 -21.74 23.66
C LYS A 344 10.89 -22.80 23.75
N PRO A 345 11.01 -24.00 23.14
CA PRO A 345 9.92 -24.98 23.24
C PRO A 345 9.58 -25.30 24.69
N VAL A 346 8.27 -25.31 25.00
CA VAL A 346 7.79 -25.45 26.36
C VAL A 346 6.37 -25.96 26.25
N TRP A 347 5.87 -26.61 27.30
CA TRP A 347 4.50 -27.07 27.29
C TRP A 347 3.88 -26.80 28.65
N VAL A 348 2.83 -25.97 28.70
CA VAL A 348 2.26 -25.50 29.95
C VAL A 348 0.75 -25.70 29.86
N THR A 349 0.18 -26.41 30.84
CA THR A 349 -1.23 -26.73 30.73
C THR A 349 -1.83 -26.83 32.13
N TRP A 350 -3.12 -26.52 32.20
CA TRP A 350 -3.92 -26.71 33.40
C TRP A 350 -4.46 -28.14 33.40
N MET A 351 -4.39 -28.77 34.57
CA MET A 351 -4.81 -30.19 34.69
C MET A 351 -5.78 -30.39 35.85
N ARG A 352 -6.84 -31.16 35.64
CA ARG A 352 -7.73 -31.53 36.76
C ARG A 352 -7.47 -33.02 37.00
N ASN A 353 -6.43 -33.34 37.76
CA ASN A 353 -6.05 -34.74 38.01
C ASN A 353 -5.84 -35.47 36.68
N GLU A 354 -4.71 -35.24 36.01
CA GLU A 354 -4.37 -35.98 34.75
C GLU A 354 -5.29 -35.63 33.58
N GLN A 355 -6.43 -34.99 33.84
CA GLN A 355 -7.27 -34.55 32.71
C GLN A 355 -6.83 -33.12 32.32
N GLU A 356 -6.36 -32.96 31.08
CA GLU A 356 -5.94 -31.63 30.62
C GLU A 356 -7.20 -30.80 30.39
N GLN A 357 -7.24 -29.59 30.96
CA GLN A 357 -8.40 -28.73 30.83
C GLN A 357 -8.32 -28.03 29.49
N LEU A 358 -9.34 -28.25 28.67
CA LEU A 358 -9.56 -27.45 27.48
C LEU A 358 -10.39 -26.25 27.91
N GLY A 359 -10.28 -25.13 27.19
CA GLY A 359 -10.74 -23.85 27.69
C GLY A 359 -9.56 -23.05 28.27
N THR A 360 -8.37 -23.64 28.17
CA THR A 360 -7.14 -22.98 28.58
C THR A 360 -6.63 -22.09 27.44
N LYS A 361 -6.49 -20.77 27.72
CA LYS A 361 -5.98 -19.78 26.78
C LYS A 361 -4.45 -19.64 26.91
N HIS A 362 -3.71 -20.03 25.87
CA HIS A 362 -2.25 -19.91 25.87
C HIS A 362 -1.85 -18.53 25.39
N GLY A 363 -1.15 -17.76 26.24
CA GLY A 363 -0.66 -16.45 25.82
C GLY A 363 0.53 -16.59 24.87
N ASP A 364 1.09 -15.48 24.44
CA ASP A 364 2.27 -15.49 23.60
C ASP A 364 3.48 -15.81 24.46
N ILE A 365 4.47 -16.42 23.83
CA ILE A 365 5.78 -16.57 24.45
C ILE A 365 6.55 -15.27 24.22
N LEU A 366 6.92 -14.59 25.31
CA LEU A 366 7.44 -13.24 25.26
C LEU A 366 8.88 -13.25 25.77
N PRO A 367 9.74 -12.35 25.25
CA PRO A 367 11.14 -12.35 25.62
C PRO A 367 11.41 -11.64 26.95
N ASN A 368 12.40 -12.16 27.68
CA ASN A 368 13.08 -11.46 28.77
C ASN A 368 14.38 -10.89 28.21
N ALA A 369 15.00 -9.96 28.94
CA ALA A 369 16.16 -9.23 28.46
C ALA A 369 17.39 -10.12 28.40
N ASP A 370 17.45 -11.16 29.26
CA ASP A 370 18.55 -12.11 29.26
C ASP A 370 18.43 -13.20 28.20
N GLY A 371 17.45 -13.18 27.28
CA GLY A 371 17.38 -14.20 26.22
C GLY A 371 16.51 -15.41 26.58
N THR A 372 15.99 -15.48 27.81
CA THR A 372 15.06 -16.51 28.21
C THR A 372 13.67 -16.03 27.82
N TRP A 373 12.63 -16.82 28.16
CA TRP A 373 11.27 -16.53 27.75
C TRP A 373 10.28 -16.56 28.92
N TYR A 374 9.08 -16.05 28.64
CA TYR A 374 7.97 -15.84 29.58
C TYR A 374 6.69 -16.30 28.89
N LEU A 375 5.83 -16.95 29.67
CA LEU A 375 4.52 -17.40 29.21
C LEU A 375 3.53 -17.43 30.38
N GLN A 376 2.30 -16.97 30.13
CA GLN A 376 1.22 -17.24 31.05
C GLN A 376 0.12 -17.99 30.31
N VAL A 377 -0.57 -18.85 31.07
CA VAL A 377 -1.67 -19.66 30.57
C VAL A 377 -2.83 -19.49 31.54
N ILE A 378 -4.04 -19.24 31.00
CA ILE A 378 -5.19 -18.76 31.74
C ILE A 378 -6.28 -19.83 31.69
N LEU A 379 -6.89 -20.11 32.84
CA LEU A 379 -8.08 -20.93 32.88
C LEU A 379 -9.21 -20.16 33.56
N GLU A 380 -10.34 -20.03 32.84
CA GLU A 380 -11.56 -19.46 33.40
C GLU A 380 -12.33 -20.57 34.14
N VAL A 381 -12.62 -20.33 35.42
CA VAL A 381 -13.30 -21.32 36.24
C VAL A 381 -14.54 -20.69 36.90
N ALA A 382 -15.42 -21.55 37.45
CA ALA A 382 -16.56 -21.18 38.30
C ALA A 382 -16.27 -21.53 39.75
N SER A 383 -17.30 -21.40 40.63
CA SER A 383 -17.22 -21.69 42.06
C SER A 383 -15.99 -21.03 42.69
N GLU A 384 -15.41 -21.67 43.73
CA GLU A 384 -14.37 -21.05 44.55
C GLU A 384 -13.03 -21.65 44.17
N GLU A 385 -12.22 -22.03 45.19
CA GLU A 385 -11.19 -23.04 45.00
C GLU A 385 -11.88 -24.30 44.50
N PRO A 386 -11.79 -24.64 43.18
CA PRO A 386 -12.65 -25.66 42.57
C PRO A 386 -12.03 -27.06 42.56
N ALA A 387 -11.85 -27.65 43.75
CA ALA A 387 -11.13 -28.91 43.92
C ALA A 387 -9.74 -28.82 43.29
N GLY A 388 -9.14 -29.99 43.08
CA GLY A 388 -7.71 -30.08 42.72
C GLY A 388 -7.32 -29.63 41.35
N LEU A 389 -7.19 -28.33 41.18
CA LEU A 389 -6.65 -27.87 39.91
C LEU A 389 -5.15 -27.73 40.08
N SER A 390 -4.39 -28.02 39.01
CA SER A 390 -2.97 -27.77 39.02
C SER A 390 -2.49 -27.30 37.65
N CYS A 391 -1.34 -26.63 37.67
CA CYS A 391 -0.69 -26.24 36.44
C CYS A 391 0.61 -27.03 36.30
N ARG A 392 0.80 -27.60 35.11
CA ARG A 392 1.99 -28.44 34.84
C ARG A 392 2.91 -27.72 33.85
N VAL A 393 4.16 -27.48 34.26
CA VAL A 393 5.14 -26.88 33.36
C VAL A 393 6.12 -27.96 32.92
N ARG A 394 6.21 -28.21 31.61
CA ARG A 394 7.10 -29.22 31.05
C ARG A 394 8.08 -28.51 30.15
N HIS A 395 9.37 -28.83 30.30
CA HIS A 395 10.40 -28.09 29.59
C HIS A 395 11.67 -28.92 29.63
N SER A 396 12.44 -28.83 28.53
CA SER A 396 13.62 -29.67 28.32
C SER A 396 14.59 -29.56 29.50
N SER A 397 14.66 -28.40 30.12
CA SER A 397 15.63 -28.12 31.19
C SER A 397 15.33 -28.88 32.48
N LEU A 398 14.17 -29.52 32.62
CA LEU A 398 13.71 -29.93 33.98
C LEU A 398 14.14 -31.34 34.36
N GLY A 399 14.83 -32.02 33.44
CA GLY A 399 15.36 -33.34 33.71
C GLY A 399 14.24 -34.34 34.00
N GLY A 400 13.11 -34.22 33.28
CA GLY A 400 12.01 -35.17 33.37
C GLY A 400 11.16 -34.97 34.64
N GLN A 401 11.37 -33.87 35.34
CA GLN A 401 10.68 -33.57 36.57
C GLN A 401 9.88 -32.28 36.40
N ASP A 402 8.62 -32.46 36.02
CA ASP A 402 7.73 -31.35 35.70
C ASP A 402 7.53 -30.49 36.93
N ILE A 403 7.33 -29.18 36.74
CA ILE A 403 6.86 -28.33 37.82
C ILE A 403 5.34 -28.46 37.87
N ILE A 404 4.79 -28.83 39.03
CA ILE A 404 3.34 -28.90 39.16
C ILE A 404 2.95 -27.96 40.30
N LEU A 405 2.09 -26.98 40.01
CA LEU A 405 1.64 -26.03 41.03
C LEU A 405 0.15 -26.26 41.31
N TYR A 406 -0.19 -26.39 42.59
CA TYR A 406 -1.55 -26.70 43.01
C TYR A 406 -2.22 -25.38 43.43
N TRP A 407 -3.43 -25.14 42.93
CA TRP A 407 -4.11 -23.90 43.25
C TRP A 407 -4.62 -23.89 44.71
N SER B 4 49.64 -5.93 2.42
CA SER B 4 48.66 -6.76 1.68
C SER B 4 49.13 -7.02 0.23
N VAL B 5 50.10 -6.25 -0.25
CA VAL B 5 50.63 -6.40 -1.64
C VAL B 5 52.17 -6.37 -1.58
N THR B 6 52.81 -7.41 -2.08
CA THR B 6 54.29 -7.45 -2.14
C THR B 6 54.70 -7.64 -3.59
N GLN B 7 55.59 -6.79 -4.10
CA GLN B 7 56.06 -6.96 -5.47
C GLN B 7 57.59 -6.93 -5.54
N MET B 8 58.13 -7.34 -6.68
CA MET B 8 59.56 -7.43 -6.91
C MET B 8 60.21 -6.08 -6.76
N GLU B 9 61.32 -6.09 -6.05
CA GLU B 9 62.19 -4.94 -5.92
C GLU B 9 62.94 -4.78 -7.25
N GLY B 10 63.03 -3.56 -7.73
CA GLY B 10 63.80 -3.25 -8.92
C GLY B 10 65.01 -2.43 -8.54
N PRO B 11 65.62 -1.65 -9.44
CA PRO B 11 65.19 -1.56 -10.84
C PRO B 11 65.43 -2.84 -11.65
N VAL B 12 64.59 -3.10 -12.63
CA VAL B 12 64.81 -4.16 -13.60
C VAL B 12 65.27 -3.50 -14.90
N THR B 13 66.52 -3.79 -15.31
CA THR B 13 67.07 -3.37 -16.58
C THR B 13 67.01 -4.51 -17.60
N LEU B 14 66.42 -4.27 -18.77
CA LEU B 14 66.47 -5.26 -19.83
C LEU B 14 66.51 -4.60 -21.21
N SER B 15 66.91 -5.42 -22.16
CA SER B 15 67.08 -5.03 -23.55
C SER B 15 65.72 -5.05 -24.24
N GLU B 16 65.46 -4.06 -25.08
CA GLU B 16 64.41 -4.10 -26.09
C GLU B 16 64.26 -5.52 -26.65
N GLU B 17 63.03 -6.03 -26.65
CA GLU B 17 62.60 -7.34 -27.13
C GLU B 17 62.83 -8.46 -26.12
N ALA B 18 63.38 -8.18 -24.93
CA ALA B 18 63.49 -9.21 -23.89
C ALA B 18 62.15 -9.43 -23.18
N PHE B 19 62.00 -10.57 -22.52
CA PHE B 19 60.76 -10.89 -21.81
C PHE B 19 60.74 -10.18 -20.47
N LEU B 20 59.64 -9.50 -20.11
CA LEU B 20 59.54 -8.87 -18.81
C LEU B 20 58.64 -9.69 -17.90
N THR B 21 59.10 -9.93 -16.66
CA THR B 21 58.28 -10.48 -15.58
C THR B 21 58.45 -9.59 -14.36
N ILE B 22 57.36 -9.08 -13.80
CA ILE B 22 57.38 -8.45 -12.48
C ILE B 22 56.45 -9.23 -11.58
N ASN B 23 57.03 -9.91 -10.58
CA ASN B 23 56.28 -10.67 -9.60
C ASN B 23 55.47 -9.77 -8.67
N CYS B 24 54.25 -10.20 -8.38
CA CYS B 24 53.40 -9.60 -7.37
C CYS B 24 52.59 -10.69 -6.65
N THR B 25 52.65 -10.64 -5.32
CA THR B 25 51.85 -11.58 -4.51
C THR B 25 51.03 -10.76 -3.53
N TYR B 26 49.85 -11.24 -3.21
CA TYR B 26 48.95 -10.53 -2.27
C TYR B 26 48.48 -11.44 -1.14
N THR B 27 47.94 -10.83 -0.09
CA THR B 27 47.33 -11.59 1.01
C THR B 27 45.96 -11.02 1.21
N ALA B 28 44.92 -11.84 1.11
CA ALA B 28 43.53 -11.38 1.30
C ALA B 28 42.61 -12.53 1.71
N THR B 29 41.67 -12.27 2.61
CA THR B 29 40.70 -13.28 3.01
C THR B 29 39.44 -13.25 2.15
N GLY B 30 39.16 -12.11 1.49
CA GLY B 30 37.86 -11.87 0.90
C GLY B 30 37.93 -12.07 -0.61
N TYR B 31 37.43 -11.09 -1.39
CA TYR B 31 37.36 -11.19 -2.86
C TYR B 31 37.90 -9.90 -3.45
N PRO B 32 39.24 -9.68 -3.39
CA PRO B 32 39.82 -8.42 -3.87
C PRO B 32 39.89 -8.31 -5.39
N SER B 33 39.87 -7.09 -5.88
CA SER B 33 40.13 -6.87 -7.32
C SER B 33 41.63 -6.54 -7.41
N LEU B 34 42.33 -7.04 -8.44
CA LEU B 34 43.80 -6.85 -8.54
C LEU B 34 44.14 -5.95 -9.73
N PHE B 35 45.25 -5.23 -9.62
CA PHE B 35 45.58 -4.24 -10.68
C PHE B 35 47.05 -3.92 -10.86
N TRP B 36 47.43 -3.53 -12.06
CA TRP B 36 48.72 -2.89 -12.30
C TRP B 36 48.50 -1.47 -12.79
N TYR B 37 49.19 -0.51 -12.14
CA TYR B 37 49.26 0.89 -12.48
C TYR B 37 50.65 1.15 -13.02
N VAL B 38 50.76 2.11 -13.92
CA VAL B 38 52.04 2.50 -14.50
C VAL B 38 52.20 4.01 -14.38
N GLN B 39 53.46 4.42 -14.19
CA GLN B 39 53.83 5.82 -14.13
C GLN B 39 55.00 6.02 -15.08
N TYR B 40 54.75 6.68 -16.22
CA TYR B 40 55.80 7.04 -17.16
C TYR B 40 56.57 8.24 -16.63
N PRO B 41 57.86 8.43 -17.01
CA PRO B 41 58.67 9.56 -16.54
C PRO B 41 57.98 10.90 -16.77
N GLY B 42 57.93 11.74 -15.73
CA GLY B 42 57.28 13.04 -15.85
C GLY B 42 55.74 12.98 -15.75
N GLU B 43 55.14 11.78 -15.56
CA GLU B 43 53.69 11.68 -15.59
C GLU B 43 53.12 11.23 -14.23
N GLY B 44 51.79 11.31 -14.12
CA GLY B 44 51.03 10.75 -12.99
C GLY B 44 50.76 9.25 -13.16
N LEU B 45 50.20 8.65 -12.13
CA LEU B 45 49.82 7.25 -12.19
C LEU B 45 48.60 7.02 -13.08
N GLN B 46 48.58 5.87 -13.74
CA GLN B 46 47.43 5.50 -14.56
C GLN B 46 47.29 3.98 -14.59
N LEU B 47 46.04 3.53 -14.68
CA LEU B 47 45.76 2.10 -14.74
C LEU B 47 46.40 1.51 -15.99
N LEU B 48 47.12 0.38 -15.84
CA LEU B 48 47.55 -0.40 -16.99
C LEU B 48 46.52 -1.49 -17.27
N LEU B 49 46.25 -2.33 -16.27
CA LEU B 49 45.32 -3.43 -16.45
C LEU B 49 44.83 -3.94 -15.08
N LYS B 50 43.79 -4.78 -15.10
CA LYS B 50 43.16 -5.21 -13.87
C LYS B 50 42.45 -6.55 -14.05
N ALA B 51 42.07 -7.15 -12.93
CA ALA B 51 41.28 -8.38 -12.93
C ALA B 51 40.44 -8.40 -11.66
N THR B 52 39.14 -8.66 -11.77
CA THR B 52 38.26 -8.52 -10.62
C THR B 52 37.91 -9.88 -10.01
N LYS B 53 38.34 -11.01 -10.61
CA LYS B 53 38.07 -12.28 -9.97
C LYS B 53 39.08 -13.33 -10.36
N ALA B 54 39.10 -14.44 -9.61
CA ALA B 54 40.01 -15.55 -9.81
C ALA B 54 39.96 -16.01 -11.27
N ASP B 55 41.15 -16.12 -11.87
CA ASP B 55 41.37 -16.62 -13.23
C ASP B 55 41.10 -15.55 -14.29
N ASP B 56 40.60 -14.37 -13.93
CA ASP B 56 40.51 -13.27 -14.88
CA ASP B 56 40.49 -13.24 -14.85
C ASP B 56 41.92 -12.83 -15.26
N LYS B 57 42.06 -12.45 -16.53
CA LYS B 57 43.30 -11.94 -17.12
C LYS B 57 43.05 -10.49 -17.55
N GLY B 58 43.96 -9.61 -17.12
CA GLY B 58 43.99 -8.26 -17.62
C GLY B 58 45.11 -8.13 -18.67
N SER B 59 44.87 -7.35 -19.69
CA SER B 59 45.90 -7.20 -20.71
C SER B 59 45.81 -5.82 -21.32
N ASN B 60 46.99 -5.31 -21.70
CA ASN B 60 47.08 -3.99 -22.30
C ASN B 60 48.42 -3.83 -23.00
N LYS B 61 48.42 -3.53 -24.31
CA LYS B 61 49.64 -3.19 -25.05
C LYS B 61 50.70 -4.29 -24.93
N GLY B 62 50.31 -5.56 -24.92
CA GLY B 62 51.24 -6.66 -24.76
C GLY B 62 51.48 -7.06 -23.31
N PHE B 63 51.08 -6.25 -22.33
CA PHE B 63 51.24 -6.70 -20.95
C PHE B 63 50.08 -7.63 -20.56
N GLU B 64 50.34 -8.59 -19.66
CA GLU B 64 49.24 -9.36 -19.09
C GLU B 64 49.55 -9.77 -17.66
N ALA B 65 48.46 -9.96 -16.91
CA ALA B 65 48.55 -10.50 -15.56
C ALA B 65 47.29 -11.28 -15.24
N THR B 66 47.47 -12.47 -14.67
CA THR B 66 46.38 -13.38 -14.42
C THR B 66 46.20 -13.46 -12.90
N TYR B 67 44.97 -13.25 -12.44
CA TYR B 67 44.60 -13.40 -11.04
C TYR B 67 44.62 -14.88 -10.67
N ARG B 68 45.64 -15.34 -9.93
CA ARG B 68 45.72 -16.75 -9.58
C ARG B 68 45.49 -16.87 -8.08
N LYS B 69 44.26 -17.18 -7.70
CA LYS B 69 43.89 -17.24 -6.29
C LYS B 69 44.76 -18.23 -5.52
N GLU B 70 45.10 -19.37 -6.12
CA GLU B 70 45.77 -20.43 -5.36
C GLU B 70 47.25 -20.12 -5.09
N THR B 71 47.89 -19.22 -5.83
CA THR B 71 49.24 -18.81 -5.46
C THR B 71 49.21 -17.35 -5.01
N THR B 72 47.99 -16.83 -4.73
CA THR B 72 47.74 -15.40 -4.44
C THR B 72 48.73 -14.51 -5.20
N SER B 73 48.64 -14.53 -6.54
CA SER B 73 49.59 -13.81 -7.37
C SER B 73 48.89 -13.15 -8.55
N PHE B 74 49.55 -12.09 -9.03
CA PHE B 74 49.11 -11.29 -10.15
C PHE B 74 50.36 -10.82 -10.88
N HIS B 75 51.18 -11.78 -11.34
CA HIS B 75 52.48 -11.47 -11.93
C HIS B 75 52.32 -10.73 -13.27
N LEU B 76 53.07 -9.64 -13.46
CA LEU B 76 53.04 -8.90 -14.71
C LEU B 76 54.01 -9.55 -15.71
N GLU B 77 53.56 -9.74 -16.94
CA GLU B 77 54.40 -10.27 -18.01
C GLU B 77 54.16 -9.51 -19.32
N LYS B 78 55.27 -9.31 -20.07
CA LYS B 78 55.20 -8.88 -21.45
C LYS B 78 56.29 -9.60 -22.25
N GLY B 79 55.88 -10.24 -23.34
CA GLY B 79 56.71 -11.13 -24.14
C GLY B 79 57.91 -10.42 -24.77
N SER B 80 57.73 -9.15 -25.17
CA SER B 80 58.75 -8.43 -25.93
C SER B 80 58.71 -6.94 -25.56
N VAL B 81 59.57 -6.49 -24.64
CA VAL B 81 59.45 -5.12 -24.12
C VAL B 81 59.96 -4.14 -25.17
N GLN B 82 59.38 -2.93 -25.13
CA GLN B 82 59.76 -1.83 -26.00
C GLN B 82 60.37 -0.72 -25.16
N VAL B 83 61.15 0.15 -25.82
CA VAL B 83 61.81 1.23 -25.10
C VAL B 83 60.81 2.13 -24.36
N SER B 84 59.63 2.33 -24.93
CA SER B 84 58.63 3.21 -24.35
C SER B 84 57.97 2.59 -23.12
N ASP B 85 58.39 1.37 -22.74
CA ASP B 85 57.87 0.70 -21.55
C ASP B 85 58.67 1.10 -20.33
N SER B 86 59.71 1.93 -20.51
CA SER B 86 60.52 2.37 -19.37
C SER B 86 59.61 3.20 -18.46
N ALA B 87 59.45 2.75 -17.22
CA ALA B 87 58.52 3.39 -16.31
C ALA B 87 58.56 2.72 -14.94
N VAL B 88 57.71 3.20 -14.02
CA VAL B 88 57.48 2.50 -12.74
C VAL B 88 56.13 1.79 -12.77
N TYR B 89 56.13 0.49 -12.41
CA TYR B 89 54.95 -0.35 -12.41
C TYR B 89 54.55 -0.66 -10.95
N PHE B 90 53.29 -0.46 -10.62
CA PHE B 90 52.78 -0.69 -9.27
C PHE B 90 51.68 -1.74 -9.28
N CYS B 91 51.93 -2.84 -8.58
CA CYS B 91 50.89 -3.80 -8.29
C CYS B 91 49.95 -3.21 -7.23
N ALA B 92 48.68 -3.52 -7.32
CA ALA B 92 47.71 -2.96 -6.35
C ALA B 92 46.52 -3.90 -6.13
N LEU B 93 45.87 -3.74 -4.99
CA LEU B 93 44.64 -4.52 -4.74
C LEU B 93 43.55 -3.63 -4.12
N SER B 94 42.31 -3.92 -4.44
CA SER B 94 41.17 -3.23 -3.82
C SER B 94 40.41 -4.29 -3.03
N ASP B 95 40.36 -4.11 -1.71
CA ASP B 95 39.63 -5.08 -0.83
C ASP B 95 38.17 -4.66 -0.75
N GLN B 96 37.47 -5.03 0.33
CA GLN B 96 36.02 -4.75 0.43
C GLN B 96 35.32 -5.28 -0.83
N TYR B 97 35.69 -6.49 -1.27
CA TYR B 97 35.02 -7.14 -2.43
C TYR B 97 35.16 -6.29 -3.70
N GLY B 98 36.23 -5.51 -3.82
CA GLY B 98 36.47 -4.67 -5.00
C GLY B 98 35.86 -3.29 -4.87
N TRP B 99 35.48 -2.90 -3.66
CA TRP B 99 34.91 -1.57 -3.41
C TRP B 99 35.85 -0.73 -2.55
N GLY B 100 36.98 -1.31 -2.16
CA GLY B 100 37.90 -0.63 -1.25
C GLY B 100 38.94 0.24 -1.91
N LYS B 101 39.68 0.99 -1.10
CA LYS B 101 40.76 1.86 -1.60
C LYS B 101 41.87 1.01 -2.22
N LEU B 102 42.58 1.58 -3.17
CA LEU B 102 43.72 0.86 -3.76
C LEU B 102 44.84 0.73 -2.73
N GLN B 103 45.40 -0.45 -2.59
CA GLN B 103 46.58 -0.67 -1.72
C GLN B 103 47.72 -1.01 -2.68
N PHE B 104 48.79 -0.23 -2.70
CA PHE B 104 49.82 -0.37 -3.71
C PHE B 104 51.03 -1.11 -3.18
N GLY B 105 51.68 -1.95 -3.99
CA GLY B 105 53.04 -2.44 -3.70
C GLY B 105 54.05 -1.29 -3.75
N ALA B 106 55.33 -1.60 -3.49
CA ALA B 106 56.37 -0.58 -3.41
C ALA B 106 56.75 -0.03 -4.80
N GLY B 107 56.35 -0.73 -5.85
CA GLY B 107 56.63 -0.30 -7.22
C GLY B 107 57.94 -0.92 -7.74
N THR B 108 58.02 -1.08 -9.06
CA THR B 108 59.20 -1.61 -9.71
C THR B 108 59.55 -0.74 -10.93
N GLN B 109 60.69 -0.08 -10.88
CA GLN B 109 61.24 0.60 -12.04
C GLN B 109 61.70 -0.41 -13.10
N VAL B 110 61.31 -0.16 -14.34
CA VAL B 110 61.79 -0.93 -15.48
C VAL B 110 62.55 0.01 -16.42
N VAL B 111 63.79 -0.34 -16.73
CA VAL B 111 64.61 0.42 -17.66
C VAL B 111 64.82 -0.48 -18.88
N VAL B 112 64.26 -0.04 -20.02
CA VAL B 112 64.38 -0.77 -21.27
C VAL B 112 65.43 -0.07 -22.14
N THR B 113 66.54 -0.76 -22.39
CA THR B 113 67.61 -0.20 -23.19
C THR B 113 67.38 -0.43 -24.68
N PRO B 114 67.71 0.54 -25.55
CA PRO B 114 67.61 0.32 -27.00
C PRO B 114 68.67 -0.62 -27.57
N ASP B 115 68.33 -1.32 -28.66
CA ASP B 115 69.31 -2.08 -29.43
C ASP B 115 69.97 -1.13 -30.41
N ILE B 116 71.21 -0.72 -30.16
CA ILE B 116 71.83 0.29 -31.00
C ILE B 116 72.29 -0.39 -32.28
N GLN B 117 71.69 0.04 -33.41
CA GLN B 117 71.85 -0.55 -34.73
C GLN B 117 73.33 -0.55 -35.12
N ASN B 118 74.01 0.59 -34.98
CA ASN B 118 75.39 0.68 -35.38
C ASN B 118 76.17 1.53 -34.38
N PRO B 119 76.73 0.95 -33.29
CA PRO B 119 77.38 1.75 -32.26
C PRO B 119 78.53 2.53 -32.87
N ASP B 120 78.81 3.74 -32.34
CA ASP B 120 79.88 4.59 -32.83
C ASP B 120 80.42 5.41 -31.67
N PRO B 121 80.94 4.78 -30.60
CA PRO B 121 81.18 5.48 -29.34
C PRO B 121 82.18 6.60 -29.49
N ALA B 122 81.83 7.80 -29.02
CA ALA B 122 82.79 8.90 -29.12
C ALA B 122 82.54 9.92 -28.02
N VAL B 123 83.59 10.66 -27.69
CA VAL B 123 83.55 11.68 -26.67
C VAL B 123 83.79 13.01 -27.34
N TYR B 124 82.93 14.01 -27.12
CA TYR B 124 83.07 15.30 -27.78
C TYR B 124 83.08 16.37 -26.71
N GLN B 125 83.79 17.45 -26.98
CA GLN B 125 83.73 18.63 -26.13
C GLN B 125 82.84 19.70 -26.78
N LEU B 126 81.95 20.30 -26.00
CA LEU B 126 81.03 21.34 -26.42
C LEU B 126 81.30 22.65 -25.68
N ARG B 127 81.41 23.78 -26.40
CA ARG B 127 81.67 25.07 -25.77
C ARG B 127 80.37 25.79 -25.42
N ASP B 128 80.42 26.64 -24.38
CA ASP B 128 79.30 27.47 -23.94
C ASP B 128 78.94 28.43 -25.07
N SER B 129 77.64 28.71 -25.24
CA SER B 129 77.19 29.65 -26.26
C SER B 129 77.45 31.10 -25.85
N LYS B 130 77.71 31.36 -24.55
CA LYS B 130 78.11 32.69 -24.06
C LYS B 130 79.65 32.85 -23.99
N ASP B 133 84.34 30.48 -22.34
CA ASP B 133 85.34 29.37 -22.24
C ASP B 133 84.76 28.13 -21.54
N LYS B 134 83.69 28.28 -20.74
CA LYS B 134 83.10 27.17 -19.99
C LYS B 134 82.71 26.07 -20.98
N SER B 135 82.90 24.79 -20.59
CA SER B 135 82.60 23.67 -21.47
C SER B 135 82.05 22.44 -20.73
N VAL B 136 81.33 21.60 -21.48
CA VAL B 136 80.87 20.30 -21.05
C VAL B 136 81.44 19.24 -21.99
N CYS B 137 81.32 17.97 -21.60
CA CYS B 137 81.72 16.83 -22.43
C CYS B 137 80.52 15.91 -22.66
N LEU B 138 80.47 15.32 -23.85
CA LEU B 138 79.40 14.42 -24.26
C LEU B 138 79.98 13.09 -24.70
N PHE B 139 79.57 12.03 -24.03
CA PHE B 139 79.86 10.69 -24.50
C PHE B 139 78.59 10.18 -25.17
N THR B 140 78.71 9.74 -26.42
CA THR B 140 77.50 9.41 -27.17
C THR B 140 77.74 8.26 -28.12
N ASP B 141 76.63 7.66 -28.56
CA ASP B 141 76.57 6.68 -29.64
C ASP B 141 77.11 5.33 -29.21
N PHE B 142 77.28 5.11 -27.91
CA PHE B 142 77.79 3.84 -27.42
C PHE B 142 76.62 2.84 -27.30
N ASP B 143 76.96 1.54 -27.23
CA ASP B 143 75.94 0.50 -27.19
C ASP B 143 75.37 0.40 -25.77
N SER B 144 74.24 -0.30 -25.67
CA SER B 144 73.46 -0.26 -24.45
C SER B 144 74.09 -1.12 -23.35
N GLN B 145 75.18 -1.82 -23.66
CA GLN B 145 75.83 -2.67 -22.69
C GLN B 145 77.06 -1.99 -22.09
N THR B 146 77.42 -0.77 -22.53
CA THR B 146 78.54 -0.04 -21.96
C THR B 146 78.18 0.44 -20.55
N ASN B 147 79.08 0.23 -19.59
CA ASN B 147 78.98 0.90 -18.29
C ASN B 147 79.59 2.30 -18.40
N VAL B 148 78.86 3.31 -17.88
CA VAL B 148 79.42 4.65 -17.71
C VAL B 148 79.78 4.77 -16.25
N SER B 149 81.08 4.68 -15.96
CA SER B 149 81.54 4.53 -14.60
C SER B 149 81.39 5.86 -13.86
N GLN B 150 81.39 5.77 -12.53
CA GLN B 150 81.01 6.90 -11.70
C GLN B 150 82.17 7.88 -11.71
N SER B 151 81.88 9.14 -11.35
CA SER B 151 82.93 10.12 -11.19
C SER B 151 83.78 9.71 -9.98
N LYS B 152 85.08 9.99 -10.06
CA LYS B 152 85.97 9.81 -8.94
C LYS B 152 86.08 11.15 -8.20
N ASP B 153 86.09 12.26 -8.95
CA ASP B 153 86.27 13.61 -8.43
C ASP B 153 84.91 14.16 -7.99
N SER B 154 84.83 14.83 -6.86
CA SER B 154 83.60 15.46 -6.42
C SER B 154 83.45 16.78 -7.18
N ASP B 155 84.52 17.26 -7.84
CA ASP B 155 84.47 18.46 -8.65
C ASP B 155 84.18 18.15 -10.13
N VAL B 156 83.89 16.89 -10.46
CA VAL B 156 83.52 16.44 -11.80
C VAL B 156 82.22 15.67 -11.70
N TYR B 157 81.23 16.05 -12.50
CA TYR B 157 79.92 15.43 -12.48
C TYR B 157 79.71 14.65 -13.77
N ILE B 158 79.10 13.48 -13.64
CA ILE B 158 78.87 12.60 -14.76
C ILE B 158 77.46 12.10 -14.60
N THR B 159 76.64 12.27 -15.64
CA THR B 159 75.23 11.90 -15.57
C THR B 159 75.14 10.42 -15.86
N ASP B 160 73.99 9.84 -15.51
CA ASP B 160 73.58 8.56 -16.03
C ASP B 160 73.42 8.68 -17.54
N LYS B 161 73.38 7.54 -18.19
CA LYS B 161 73.04 7.48 -19.60
C LYS B 161 71.55 7.82 -19.74
N CYS B 162 71.28 8.51 -20.84
CA CYS B 162 69.99 9.00 -21.30
C CYS B 162 69.76 8.47 -22.73
N VAL B 163 68.56 7.98 -23.05
CA VAL B 163 68.22 7.53 -24.39
C VAL B 163 67.38 8.57 -25.14
N LEU B 164 67.88 9.09 -26.27
CA LEU B 164 67.13 10.04 -27.06
C LEU B 164 66.73 9.41 -28.39
N ASP B 165 65.59 9.87 -28.92
CA ASP B 165 64.94 9.27 -30.06
C ASP B 165 64.59 10.37 -31.07
N MET B 166 65.33 10.38 -32.18
CA MET B 166 65.02 11.20 -33.33
C MET B 166 64.00 10.43 -34.17
N ARG B 167 62.73 10.57 -33.79
CA ARG B 167 61.70 9.60 -34.18
C ARG B 167 61.53 9.58 -35.69
N SER B 168 61.56 10.77 -36.29
CA SER B 168 61.27 10.91 -37.69
C SER B 168 62.44 10.35 -38.51
N MET B 169 63.54 10.00 -37.84
CA MET B 169 64.70 9.47 -38.54
C MET B 169 64.92 8.02 -38.13
N ASP B 170 64.00 7.46 -37.35
CA ASP B 170 64.11 6.10 -36.85
C ASP B 170 65.53 5.82 -36.33
N PHE B 171 66.00 6.65 -35.39
CA PHE B 171 67.34 6.56 -34.85
C PHE B 171 67.33 6.89 -33.36
N LYS B 172 67.91 5.99 -32.56
CA LYS B 172 68.08 6.14 -31.13
C LYS B 172 69.57 6.13 -30.81
N SER B 173 69.93 6.91 -29.78
CA SER B 173 71.30 7.00 -29.28
C SER B 173 71.30 7.16 -27.76
N ASN B 174 72.30 6.52 -27.14
CA ASN B 174 72.65 6.72 -25.74
C ASN B 174 73.59 7.91 -25.61
N SER B 175 73.48 8.64 -24.49
CA SER B 175 74.52 9.59 -24.13
C SER B 175 74.65 9.81 -22.62
N ALA B 176 75.80 10.37 -22.24
CA ALA B 176 76.06 10.87 -20.91
C ALA B 176 76.86 12.18 -21.02
N VAL B 177 76.62 13.06 -20.06
CA VAL B 177 77.29 14.35 -20.03
C VAL B 177 78.19 14.39 -18.83
N ALA B 178 79.31 15.09 -18.99
CA ALA B 178 80.20 15.34 -17.88
C ALA B 178 80.61 16.80 -17.93
N TRP B 179 80.79 17.42 -16.75
CA TRP B 179 81.29 18.77 -16.66
C TRP B 179 82.00 18.95 -15.32
N SER B 180 82.69 20.09 -15.21
CA SER B 180 83.51 20.43 -14.06
C SER B 180 83.78 21.94 -14.06
N ASN B 181 84.24 22.46 -12.92
CA ASN B 181 84.61 23.85 -12.76
C ASN B 181 86.10 24.02 -13.09
N LYS B 182 86.85 22.91 -13.10
CA LYS B 182 88.30 22.95 -12.94
C LYS B 182 88.99 23.37 -14.23
N SER B 183 90.26 23.81 -14.10
CA SER B 183 91.07 24.25 -15.22
C SER B 183 91.78 23.07 -15.89
N ASP B 184 91.92 21.92 -15.21
CA ASP B 184 92.59 20.76 -15.81
C ASP B 184 91.57 19.81 -16.43
N PHE B 185 90.31 20.22 -16.57
CA PHE B 185 89.30 19.28 -17.00
C PHE B 185 89.41 19.08 -18.51
N ALA B 186 89.57 17.81 -18.92
CA ALA B 186 89.67 17.41 -20.32
C ALA B 186 88.72 16.23 -20.54
N CYS B 187 88.10 16.20 -21.72
CA CYS B 187 87.09 15.21 -22.03
C CYS B 187 87.74 13.86 -22.23
N ALA B 188 88.97 13.89 -22.76
CA ALA B 188 89.80 12.71 -22.92
C ALA B 188 89.73 11.78 -21.70
N ASN B 189 89.69 12.29 -20.46
CA ASN B 189 89.83 11.48 -19.26
C ASN B 189 88.50 11.19 -18.58
N ALA B 190 87.45 11.90 -18.97
CA ALA B 190 86.28 12.08 -18.13
C ALA B 190 85.49 10.78 -17.95
N PHE B 191 85.46 9.91 -18.97
CA PHE B 191 84.54 8.79 -18.96
C PHE B 191 85.28 7.48 -18.61
N THR C 3 39.77 17.58 -18.06
CA THR C 3 39.53 16.17 -18.44
C THR C 3 39.65 15.27 -17.19
N GLY C 4 40.81 15.31 -16.50
CA GLY C 4 41.16 14.41 -15.40
C GLY C 4 41.04 15.08 -14.04
N VAL C 5 41.72 14.53 -13.01
CA VAL C 5 41.69 15.06 -11.67
C VAL C 5 42.68 16.22 -11.61
N SER C 6 42.27 17.33 -11.01
CA SER C 6 43.09 18.52 -10.96
C SER C 6 43.54 18.81 -9.52
N GLN C 7 44.84 19.04 -9.32
CA GLN C 7 45.38 19.40 -8.01
C GLN C 7 46.12 20.73 -8.05
N ASN C 8 45.99 21.51 -6.97
CA ASN C 8 46.67 22.78 -6.80
C ASN C 8 47.11 22.92 -5.35
N PRO C 9 48.28 23.51 -5.06
CA PRO C 9 49.24 23.90 -6.10
C PRO C 9 50.04 22.70 -6.60
N ARG C 10 50.68 22.82 -7.76
CA ARG C 10 51.42 21.66 -8.32
C ARG C 10 52.66 21.44 -7.44
N HIS C 11 53.13 22.52 -6.82
CA HIS C 11 54.35 22.45 -5.99
C HIS C 11 54.19 23.40 -4.81
N LYS C 12 54.79 23.05 -3.68
CA LYS C 12 54.75 23.93 -2.50
C LYS C 12 56.06 23.81 -1.72
N ILE C 13 56.76 24.91 -1.54
CA ILE C 13 57.94 24.94 -0.69
C ILE C 13 57.49 25.68 0.55
N THR C 14 57.84 25.19 1.72
CA THR C 14 57.45 25.87 2.93
C THR C 14 58.55 25.71 3.99
N LYS C 15 58.56 26.62 4.96
CA LYS C 15 59.45 26.49 6.10
C LYS C 15 58.87 25.50 7.11
N ARG C 16 59.73 24.65 7.68
CA ARG C 16 59.35 23.83 8.82
C ARG C 16 58.55 24.67 9.82
N GLY C 17 57.39 24.16 10.28
CA GLY C 17 56.61 24.85 11.30
C GLY C 17 55.35 25.52 10.72
N GLN C 18 55.36 25.88 9.44
CA GLN C 18 54.21 26.53 8.80
C GLN C 18 53.13 25.51 8.43
N ASN C 19 51.89 25.98 8.32
CA ASN C 19 50.77 25.22 7.85
C ASN C 19 50.70 25.30 6.32
N VAL C 20 50.22 24.24 5.66
CA VAL C 20 49.94 24.25 4.23
C VAL C 20 48.55 23.64 3.99
N THR C 21 47.86 24.14 2.95
CA THR C 21 46.61 23.58 2.48
C THR C 21 46.74 23.29 0.99
N PHE C 22 46.33 22.10 0.58
CA PHE C 22 46.30 21.67 -0.81
C PHE C 22 44.84 21.40 -1.20
N ARG C 23 44.59 21.47 -2.50
CA ARG C 23 43.26 21.34 -3.04
C ARG C 23 43.24 20.30 -4.16
N CYS C 24 42.13 19.53 -4.17
CA CYS C 24 41.84 18.57 -5.22
C CYS C 24 40.47 18.84 -5.84
N ASP C 25 40.40 18.89 -7.17
CA ASP C 25 39.10 18.90 -7.85
C ASP C 25 38.98 17.59 -8.63
N PRO C 26 38.14 16.66 -8.13
CA PRO C 26 38.02 15.35 -8.75
C PRO C 26 37.22 15.41 -10.03
N ILE C 27 37.19 14.32 -10.78
CA ILE C 27 36.28 14.27 -11.91
C ILE C 27 34.86 14.39 -11.35
N SER C 28 34.04 15.27 -11.95
CA SER C 28 32.73 15.52 -11.37
C SER C 28 31.92 14.28 -11.58
N GLU C 29 31.07 13.98 -10.62
CA GLU C 29 30.19 12.82 -10.71
C GLU C 29 30.86 11.64 -10.01
N HIS C 30 32.18 11.64 -9.83
CA HIS C 30 32.83 10.62 -9.01
C HIS C 30 32.46 10.84 -7.54
N ASN C 31 31.88 9.81 -6.93
CA ASN C 31 31.47 9.89 -5.51
C ASN C 31 32.64 9.52 -4.58
N ARG C 32 33.64 8.82 -5.11
CA ARG C 32 34.76 8.33 -4.26
C ARG C 32 36.04 9.14 -4.52
N LEU C 33 36.63 9.67 -3.46
CA LEU C 33 37.84 10.47 -3.53
C LEU C 33 38.82 10.02 -2.46
N TYR C 34 40.08 9.95 -2.89
CA TYR C 34 41.13 9.42 -2.00
C TYR C 34 42.36 10.28 -2.01
N TRP C 35 42.93 10.49 -0.83
CA TRP C 35 44.25 11.11 -0.74
C TRP C 35 45.30 10.05 -0.43
N TYR C 36 46.45 10.25 -1.05
CA TYR C 36 47.60 9.35 -0.83
C TYR C 36 48.87 10.19 -0.77
N ARG C 37 49.90 9.70 -0.10
CA ARG C 37 51.21 10.30 -0.10
C ARG C 37 52.21 9.36 -0.79
N GLN C 38 53.12 9.89 -1.61
CA GLN C 38 54.13 9.08 -2.27
C GLN C 38 55.50 9.76 -2.07
N THR C 39 56.49 9.04 -1.56
CA THR C 39 57.83 9.58 -1.45
C THR C 39 58.66 8.88 -2.51
N LEU C 40 59.49 9.68 -3.20
CA LEU C 40 60.39 9.27 -4.28
C LEU C 40 60.81 7.82 -4.18
N GLY C 41 60.56 7.05 -5.22
CA GLY C 41 61.02 5.66 -5.25
C GLY C 41 60.13 4.71 -4.46
N GLN C 42 58.89 5.12 -4.08
CA GLN C 42 58.00 4.17 -3.42
C GLN C 42 56.53 4.30 -3.84
N GLY C 43 55.76 3.32 -3.39
CA GLY C 43 54.35 3.22 -3.70
C GLY C 43 53.53 4.21 -2.87
N PRO C 44 52.42 4.71 -3.41
CA PRO C 44 51.54 5.58 -2.67
C PRO C 44 51.07 4.91 -1.37
N GLU C 45 51.04 5.70 -0.29
CA GLU C 45 50.51 5.30 0.99
C GLU C 45 49.15 5.97 1.17
N PHE C 46 48.14 5.19 1.56
CA PHE C 46 46.77 5.72 1.77
C PHE C 46 46.69 6.70 2.95
N LEU C 47 46.03 7.83 2.71
CA LEU C 47 45.78 8.78 3.79
C LEU C 47 44.29 8.78 4.21
N THR C 48 43.35 9.01 3.27
CA THR C 48 41.94 9.08 3.65
C THR C 48 41.06 8.96 2.42
N TYR C 49 39.77 8.70 2.69
CA TYR C 49 38.78 8.38 1.68
C TYR C 49 37.51 9.14 2.00
N PHE C 50 36.94 9.78 0.98
CA PHE C 50 35.60 10.30 1.09
C PHE C 50 34.66 9.56 0.15
N GLN C 51 33.45 9.29 0.70
CA GLN C 51 32.30 8.89 -0.08
C GLN C 51 31.29 10.03 -0.01
N ASN C 52 31.16 10.73 -1.14
CA ASN C 52 30.39 11.99 -1.16
C ASN C 52 31.14 12.93 -0.20
N GLU C 53 30.44 13.50 0.77
CA GLU C 53 31.02 14.45 1.71
C GLU C 53 31.60 13.69 2.90
N ALA C 54 31.29 12.40 3.03
CA ALA C 54 31.54 11.67 4.26
C ALA C 54 32.94 11.06 4.23
N GLN C 55 33.73 11.40 5.27
CA GLN C 55 35.04 10.81 5.42
C GLN C 55 34.91 9.43 6.06
N LEU C 56 34.78 8.36 5.26
CA LEU C 56 34.36 7.06 5.79
C LEU C 56 35.51 6.17 6.22
N GLU C 57 36.73 6.56 5.87
CA GLU C 57 37.92 5.78 6.28
C GLU C 57 39.17 6.66 6.32
N LYS C 58 39.85 6.69 7.46
CA LYS C 58 41.11 7.37 7.54
C LYS C 58 42.19 6.36 7.87
N SER C 59 43.39 6.54 7.30
CA SER C 59 44.50 5.73 7.75
C SER C 59 44.67 5.82 9.27
N ARG C 60 44.91 4.68 9.91
CA ARG C 60 45.36 4.59 11.30
C ARG C 60 46.68 5.31 11.56
N LEU C 61 47.51 5.53 10.53
CA LEU C 61 48.82 6.15 10.69
C LEU C 61 48.74 7.66 10.42
N LEU C 62 47.60 8.16 10.01
CA LEU C 62 47.48 9.56 9.63
C LEU C 62 47.87 10.45 10.80
N SER C 63 48.87 11.33 10.64
CA SER C 63 49.18 12.30 11.69
C SER C 63 47.95 13.13 12.08
N ASP C 64 47.81 13.47 13.37
CA ASP C 64 46.82 14.43 13.83
C ASP C 64 47.05 15.83 13.30
N ARG C 65 48.24 16.11 12.76
CA ARG C 65 48.49 17.36 12.06
C ARG C 65 47.75 17.45 10.71
N PHE C 66 47.26 16.32 10.20
CA PHE C 66 46.71 16.27 8.84
C PHE C 66 45.20 16.28 8.98
N SER C 67 44.49 17.12 8.22
CA SER C 67 43.05 17.00 8.18
C SER C 67 42.55 17.29 6.78
N ALA C 68 41.58 16.47 6.35
CA ALA C 68 40.97 16.65 5.03
C ALA C 68 39.50 16.99 5.20
N GLU C 69 38.96 17.71 4.24
CA GLU C 69 37.52 17.79 4.12
C GLU C 69 37.10 17.86 2.66
N ARG C 70 35.83 17.54 2.43
CA ARG C 70 35.20 17.58 1.08
C ARG C 70 33.78 18.07 1.37
N PRO C 71 33.59 19.36 1.71
CA PRO C 71 32.29 19.90 2.22
C PRO C 71 31.07 19.61 1.34
N LYS C 72 31.20 19.64 0.01
CA LYS C 72 30.00 19.46 -0.85
C LYS C 72 30.12 18.20 -1.73
N GLY C 73 30.91 17.22 -1.30
CA GLY C 73 31.06 15.97 -2.06
C GLY C 73 31.74 16.22 -3.39
N SER C 74 32.43 17.34 -3.50
CA SER C 74 33.10 17.72 -4.76
C SER C 74 34.60 17.89 -4.51
N PHE C 75 35.07 19.13 -4.52
CA PHE C 75 36.47 19.41 -4.23
C PHE C 75 36.79 19.02 -2.79
N SER C 76 38.07 18.69 -2.54
CA SER C 76 38.55 18.37 -1.22
C SER C 76 39.80 19.18 -0.92
N THR C 77 40.03 19.47 0.36
CA THR C 77 41.26 20.11 0.78
C THR C 77 41.95 19.18 1.79
N LEU C 78 43.28 19.20 1.74
CA LEU C 78 44.13 18.55 2.72
C LEU C 78 45.00 19.64 3.36
N GLU C 79 44.91 19.73 4.67
CA GLU C 79 45.67 20.67 5.46
C GLU C 79 46.68 19.92 6.33
N ILE C 80 47.95 20.39 6.30
CA ILE C 80 48.99 19.95 7.22
C ILE C 80 49.37 21.12 8.14
N GLN C 81 49.13 20.97 9.43
CA GLN C 81 49.61 21.93 10.41
C GLN C 81 51.04 21.61 10.80
N ARG C 82 51.82 22.68 11.06
CA ARG C 82 53.15 22.60 11.63
C ARG C 82 53.96 21.56 10.87
N THR C 83 54.24 21.91 9.61
CA THR C 83 54.95 21.00 8.72
C THR C 83 56.30 20.60 9.32
N GLU C 84 56.67 19.35 9.01
CA GLU C 84 57.94 18.72 9.38
C GLU C 84 58.65 18.28 8.11
N GLN C 85 59.95 18.10 8.18
CA GLN C 85 60.73 17.64 7.00
C GLN C 85 60.17 16.33 6.46
N GLY C 86 59.79 15.42 7.34
CA GLY C 86 59.28 14.11 6.92
C GLY C 86 57.95 14.22 6.22
N ASP C 87 57.32 15.39 6.27
CA ASP C 87 56.10 15.56 5.48
C ASP C 87 56.40 15.71 3.99
N SER C 88 57.65 16.02 3.64
CA SER C 88 58.03 16.25 2.24
C SER C 88 57.70 15.02 1.38
N ALA C 89 56.84 15.18 0.37
CA ALA C 89 56.39 14.07 -0.47
C ALA C 89 55.45 14.58 -1.55
N MET C 90 55.09 13.68 -2.46
CA MET C 90 54.05 14.01 -3.45
C MET C 90 52.69 13.64 -2.82
N TYR C 91 51.79 14.60 -2.69
CA TYR C 91 50.43 14.38 -2.20
C TYR C 91 49.52 14.18 -3.43
N LEU C 92 48.94 12.98 -3.54
CA LEU C 92 48.11 12.59 -4.68
C LEU C 92 46.65 12.55 -4.24
N CYS C 93 45.82 13.04 -5.14
CA CYS C 93 44.39 12.88 -5.06
C CYS C 93 43.96 11.95 -6.19
N ALA C 94 43.00 11.07 -5.89
CA ALA C 94 42.42 10.25 -6.95
C ALA C 94 40.91 10.16 -6.74
N SER C 95 40.18 9.86 -7.80
CA SER C 95 38.74 9.70 -7.72
C SER C 95 38.34 8.49 -8.55
N SER C 96 37.24 7.88 -8.12
CA SER C 96 36.74 6.67 -8.79
C SER C 96 35.24 6.81 -8.99
N PRO C 97 34.65 6.32 -10.10
CA PRO C 97 33.19 6.30 -10.26
C PRO C 97 32.61 5.12 -9.51
N ARG C 98 31.29 4.93 -9.57
CA ARG C 98 30.70 3.69 -8.97
C ARG C 98 30.44 2.68 -10.10
N THR C 99 31.41 2.53 -11.01
CA THR C 99 31.22 1.66 -12.19
C THR C 99 31.26 0.22 -11.80
N GLY C 100 31.46 -0.09 -10.53
CA GLY C 100 31.41 -1.52 -10.20
C GLY C 100 32.63 -2.00 -9.46
N ARG C 101 32.77 -3.31 -9.36
CA ARG C 101 33.92 -3.90 -8.64
C ARG C 101 35.19 -3.58 -9.41
N GLY C 102 36.27 -3.27 -8.70
CA GLY C 102 37.55 -2.98 -9.35
C GLY C 102 37.48 -1.77 -10.25
N ALA C 103 36.78 -0.75 -9.83
CA ALA C 103 36.68 0.49 -10.63
C ALA C 103 38.06 1.16 -10.73
N GLU C 104 38.32 1.76 -11.88
CA GLU C 104 39.55 2.51 -12.10
C GLU C 104 39.60 3.74 -11.21
N ALA C 105 40.77 3.97 -10.61
CA ALA C 105 41.02 5.20 -9.87
C ALA C 105 41.83 6.12 -10.77
N PHE C 106 41.37 7.37 -10.83
CA PHE C 106 41.93 8.36 -11.72
C PHE C 106 42.76 9.30 -10.85
N PHE C 107 44.06 9.42 -11.16
CA PHE C 107 44.97 10.19 -10.32
C PHE C 107 45.26 11.57 -10.89
N GLY C 108 45.32 12.55 -9.98
CA GLY C 108 45.88 13.85 -10.25
C GLY C 108 47.39 13.78 -10.51
N GLN C 109 47.95 14.93 -10.90
CA GLN C 109 49.39 15.06 -11.10
C GLN C 109 50.09 15.42 -9.79
N GLY C 110 49.29 15.66 -8.75
CA GLY C 110 49.87 15.81 -7.41
C GLY C 110 50.31 17.18 -6.96
N THR C 111 50.57 17.29 -5.66
CA THR C 111 51.15 18.52 -5.09
C THR C 111 52.46 18.06 -4.48
N ARG C 112 53.59 18.49 -5.04
CA ARG C 112 54.91 18.13 -4.48
C ARG C 112 55.27 19.10 -3.33
N LEU C 113 55.37 18.56 -2.12
CA LEU C 113 55.67 19.40 -0.94
C LEU C 113 57.13 19.23 -0.54
N THR C 114 57.81 20.35 -0.36
CA THR C 114 59.19 20.29 0.17
C THR C 114 59.23 21.19 1.38
N VAL C 115 59.44 20.60 2.55
CA VAL C 115 59.58 21.34 3.79
C VAL C 115 61.07 21.60 4.01
N VAL C 116 61.48 22.88 4.03
CA VAL C 116 62.88 23.26 4.18
C VAL C 116 63.07 23.85 5.57
N GLU C 117 64.28 23.70 6.13
CA GLU C 117 64.66 24.27 7.42
C GLU C 117 64.62 25.78 7.34
N ASP C 118 65.13 26.30 6.22
CA ASP C 118 65.30 27.78 6.06
C ASP C 118 65.12 28.18 4.60
N LEU C 119 64.29 29.19 4.36
CA LEU C 119 63.98 29.64 2.98
C LEU C 119 65.24 30.24 2.30
N ASN C 120 66.28 30.56 3.08
CA ASN C 120 67.52 31.16 2.52
C ASN C 120 68.38 30.08 1.87
N LYS C 121 67.91 28.84 1.89
CA LYS C 121 68.63 27.75 1.20
C LYS C 121 67.98 27.51 -0.16
N VAL C 122 66.91 28.25 -0.46
CA VAL C 122 66.23 28.12 -1.78
C VAL C 122 67.00 28.96 -2.81
N PHE C 123 67.29 28.38 -3.98
CA PHE C 123 68.02 29.09 -5.05
C PHE C 123 67.42 28.73 -6.40
N PRO C 124 67.31 29.68 -7.35
CA PRO C 124 66.85 29.37 -8.68
C PRO C 124 68.01 28.78 -9.47
N PRO C 125 67.79 28.09 -10.61
CA PRO C 125 68.88 27.58 -11.42
C PRO C 125 69.60 28.66 -12.21
N GLU C 126 70.89 28.43 -12.43
CA GLU C 126 71.57 29.04 -13.54
C GLU C 126 71.53 28.08 -14.73
N VAL C 127 71.43 28.63 -15.93
CA VAL C 127 71.19 27.82 -17.12
C VAL C 127 72.20 28.24 -18.19
N ALA C 128 72.88 27.26 -18.79
CA ALA C 128 73.72 27.52 -19.95
C ALA C 128 73.40 26.49 -21.03
N VAL C 129 73.63 26.91 -22.27
CA VAL C 129 73.54 26.03 -23.43
C VAL C 129 74.94 25.88 -24.01
N PHE C 130 75.31 24.63 -24.33
CA PHE C 130 76.60 24.34 -24.93
C PHE C 130 76.37 23.89 -26.36
N GLU C 131 77.11 24.49 -27.29
CA GLU C 131 76.88 24.35 -28.72
C GLU C 131 77.54 23.08 -29.27
N PRO C 132 77.01 22.52 -30.37
CA PRO C 132 77.49 21.23 -30.89
C PRO C 132 78.98 21.27 -31.26
N SER C 133 79.63 20.13 -31.04
CA SER C 133 81.02 19.89 -31.40
C SER C 133 81.15 19.76 -32.92
N GLU C 134 82.16 20.44 -33.46
CA GLU C 134 82.57 20.34 -34.85
C GLU C 134 82.89 18.89 -35.20
N ALA C 135 83.52 18.17 -34.28
CA ALA C 135 83.90 16.82 -34.57
C ALA C 135 82.66 15.93 -34.73
N GLU C 136 81.61 16.17 -33.91
CA GLU C 136 80.40 15.36 -33.97
C GLU C 136 79.75 15.63 -35.33
N ILE C 137 79.70 16.89 -35.72
CA ILE C 137 79.05 17.29 -36.95
C ILE C 137 79.73 16.57 -38.12
N SER C 138 81.07 16.61 -38.21
CA SER C 138 81.72 16.01 -39.37
C SER C 138 81.69 14.50 -39.28
N HIS C 139 81.68 13.91 -38.07
CA HIS C 139 81.72 12.45 -37.97
C HIS C 139 80.34 11.82 -38.19
N THR C 140 79.24 12.49 -37.82
CA THR C 140 77.92 11.84 -37.75
C THR C 140 76.84 12.56 -38.56
N GLN C 141 77.13 13.79 -39.02
CA GLN C 141 76.14 14.68 -39.63
C GLN C 141 74.97 14.95 -38.68
N LYS C 142 75.23 14.88 -37.37
CA LYS C 142 74.25 15.26 -36.38
C LYS C 142 74.89 16.28 -35.45
N ALA C 143 74.06 17.02 -34.72
CA ALA C 143 74.54 18.09 -33.88
C ALA C 143 73.84 18.00 -32.52
N THR C 144 74.58 17.73 -31.43
CA THR C 144 73.93 17.64 -30.13
C THR C 144 74.18 18.94 -29.35
N LEU C 145 73.11 19.63 -28.97
CA LEU C 145 73.21 20.74 -28.03
C LEU C 145 73.08 20.17 -26.63
N VAL C 146 73.77 20.77 -25.64
CA VAL C 146 73.58 20.38 -24.26
C VAL C 146 73.13 21.60 -23.44
N CYS C 147 72.08 21.37 -22.62
CA CYS C 147 71.63 22.33 -21.63
C CYS C 147 72.02 21.86 -20.22
N LEU C 148 72.52 22.78 -19.40
CA LEU C 148 72.93 22.51 -18.04
C LEU C 148 72.27 23.52 -17.12
N ALA C 149 71.43 23.03 -16.19
CA ALA C 149 70.90 23.83 -15.10
C ALA C 149 71.62 23.45 -13.81
N THR C 150 72.20 24.45 -13.14
CA THR C 150 73.00 24.26 -11.94
C THR C 150 72.53 25.15 -10.81
N GLY C 151 72.95 24.80 -9.60
CA GLY C 151 72.90 25.64 -8.40
C GLY C 151 71.50 25.78 -7.77
N PHE C 152 70.54 24.91 -8.12
CA PHE C 152 69.17 25.15 -7.71
C PHE C 152 68.80 24.31 -6.48
N TYR C 153 67.84 24.79 -5.69
CA TYR C 153 67.33 24.09 -4.54
C TYR C 153 65.98 24.69 -4.19
N PRO C 154 64.94 23.88 -3.87
CA PRO C 154 65.00 22.42 -4.01
C PRO C 154 65.02 21.94 -5.45
N ASP C 155 64.80 20.64 -5.67
CA ASP C 155 64.96 20.01 -7.01
C ASP C 155 63.68 20.04 -7.84
N HIS C 156 62.87 21.06 -7.68
CA HIS C 156 61.61 21.21 -8.43
C HIS C 156 61.86 21.95 -9.76
N VAL C 157 62.23 21.25 -10.84
CA VAL C 157 62.40 21.95 -12.10
C VAL C 157 61.76 21.18 -13.25
N GLU C 158 61.37 21.88 -14.33
CA GLU C 158 60.92 21.29 -15.58
C GLU C 158 61.71 21.93 -16.73
N LEU C 159 62.50 21.10 -17.40
CA LEU C 159 63.30 21.55 -18.52
C LEU C 159 62.62 21.22 -19.84
N SER C 160 62.55 22.23 -20.70
CA SER C 160 61.94 22.09 -22.01
C SER C 160 62.87 22.72 -23.04
N TRP C 161 62.79 22.19 -24.26
CA TRP C 161 63.55 22.77 -25.36
C TRP C 161 62.58 23.43 -26.32
N TRP C 162 62.98 24.59 -26.83
CA TRP C 162 62.20 25.38 -27.74
C TRP C 162 63.04 25.69 -28.98
N VAL C 163 62.50 25.31 -30.15
CA VAL C 163 63.13 25.56 -31.45
C VAL C 163 62.21 26.46 -32.25
N ASN C 164 62.75 27.64 -32.58
CA ASN C 164 62.02 28.66 -33.30
C ASN C 164 60.67 28.93 -32.64
N GLY C 165 60.66 29.10 -31.31
CA GLY C 165 59.46 29.57 -30.62
C GLY C 165 58.48 28.45 -30.29
N LYS C 166 58.80 27.20 -30.68
CA LYS C 166 57.92 26.05 -30.40
C LYS C 166 58.64 24.95 -29.65
N GLU C 167 57.95 24.37 -28.66
CA GLU C 167 58.52 23.34 -27.82
C GLU C 167 58.70 22.08 -28.68
N VAL C 168 59.85 21.41 -28.56
CA VAL C 168 60.08 20.12 -29.22
C VAL C 168 60.23 19.02 -28.16
N HIS C 169 59.89 17.80 -28.57
CA HIS C 169 60.07 16.61 -27.76
C HIS C 169 61.06 15.64 -28.44
N SER C 170 60.97 15.57 -29.78
CA SER C 170 61.80 14.70 -30.59
C SER C 170 63.28 15.07 -30.50
N GLY C 171 64.15 14.06 -30.37
CA GLY C 171 65.58 14.26 -30.29
C GLY C 171 66.06 14.81 -28.93
N VAL C 172 65.18 14.79 -27.92
CA VAL C 172 65.47 15.33 -26.59
C VAL C 172 65.65 14.18 -25.59
N CYS C 173 66.61 14.36 -24.71
CA CYS C 173 66.78 13.44 -23.58
C CYS C 173 67.28 14.25 -22.38
N THR C 174 66.49 14.27 -21.31
CA THR C 174 66.79 15.00 -20.09
C THR C 174 67.09 13.97 -18.99
N ASP C 175 68.14 14.18 -18.18
CA ASP C 175 68.40 13.31 -17.03
C ASP C 175 67.09 13.06 -16.28
N PRO C 176 66.76 11.79 -15.94
CA PRO C 176 65.53 11.50 -15.22
C PRO C 176 65.49 12.10 -13.82
N GLN C 177 66.66 12.25 -13.17
CA GLN C 177 66.75 12.83 -11.83
C GLN C 177 67.85 13.88 -11.77
N PRO C 178 67.63 15.04 -11.11
CA PRO C 178 68.70 15.97 -10.83
C PRO C 178 69.80 15.31 -10.01
N LEU C 179 71.06 15.70 -10.19
CA LEU C 179 72.08 15.17 -9.30
C LEU C 179 72.43 16.22 -8.23
N LYS C 180 73.00 15.77 -7.10
CA LYS C 180 73.39 16.64 -6.01
C LYS C 180 74.77 17.19 -6.28
N GLU C 181 74.96 18.51 -6.14
CA GLU C 181 76.27 19.12 -6.37
C GLU C 181 77.22 18.82 -5.22
N GLN C 182 76.69 18.65 -4.00
CA GLN C 182 77.50 18.24 -2.87
C GLN C 182 76.80 17.10 -2.17
N PRO C 183 76.98 15.82 -2.62
CA PRO C 183 76.18 14.70 -2.11
C PRO C 183 76.24 14.48 -0.58
N ALA C 184 77.31 14.95 0.07
CA ALA C 184 77.49 14.82 1.51
C ALA C 184 76.46 15.64 2.30
N LEU C 185 75.89 16.67 1.67
CA LEU C 185 74.98 17.57 2.36
C LEU C 185 73.53 17.15 2.12
N ASN C 186 72.72 17.26 3.18
CA ASN C 186 71.28 17.02 3.07
C ASN C 186 70.61 18.20 2.39
N ASP C 187 71.21 19.38 2.45
CA ASP C 187 70.67 20.57 1.82
C ASP C 187 71.41 20.94 0.52
N SER C 188 72.04 19.96 -0.15
CA SER C 188 72.78 20.17 -1.39
C SER C 188 71.95 20.91 -2.44
N ARG C 189 72.58 21.81 -3.18
CA ARG C 189 71.97 22.34 -4.40
C ARG C 189 72.09 21.26 -5.49
N TYR C 190 71.30 21.43 -6.58
CA TYR C 190 71.16 20.38 -7.58
C TYR C 190 71.61 20.86 -8.97
N ALA C 191 71.90 19.87 -9.82
CA ALA C 191 72.18 20.14 -11.22
C ALA C 191 71.37 19.16 -12.08
N LEU C 192 71.04 19.57 -13.32
CA LEU C 192 70.33 18.75 -14.30
C LEU C 192 70.83 19.02 -15.71
N SER C 193 71.06 17.97 -16.51
CA SER C 193 71.44 18.19 -17.90
C SER C 193 70.38 17.65 -18.87
N SER C 194 70.40 18.18 -20.10
CA SER C 194 69.53 17.73 -21.17
C SER C 194 70.26 17.82 -22.51
N ARG C 195 69.89 16.92 -23.42
CA ARG C 195 70.40 16.97 -24.78
C ARG C 195 69.25 17.17 -25.77
N LEU C 196 69.57 17.97 -26.81
CA LEU C 196 68.75 18.13 -27.99
C LEU C 196 69.64 17.80 -29.19
N ARG C 197 69.28 16.74 -29.91
CA ARG C 197 70.03 16.40 -31.11
C ARG C 197 69.22 16.70 -32.37
N VAL C 198 69.89 17.32 -33.34
CA VAL C 198 69.30 17.75 -34.59
C VAL C 198 70.27 17.35 -35.71
N SER C 199 69.81 17.52 -36.96
CA SER C 199 70.70 17.23 -38.08
C SER C 199 71.78 18.31 -38.16
N ALA C 200 72.92 17.97 -38.74
CA ALA C 200 73.97 18.97 -38.95
C ALA C 200 73.43 20.17 -39.70
N THR C 201 72.62 19.91 -40.76
CA THR C 201 72.16 20.97 -41.65
C THR C 201 71.21 21.90 -40.89
N PHE C 202 70.42 21.40 -39.93
CA PHE C 202 69.51 22.23 -39.17
C PHE C 202 70.28 23.13 -38.22
N TRP C 203 71.33 22.61 -37.59
CA TRP C 203 72.19 23.40 -36.72
C TRP C 203 72.89 24.48 -37.53
N GLN C 204 73.28 24.13 -38.77
CA GLN C 204 74.16 24.97 -39.57
C GLN C 204 73.39 26.06 -40.31
N ASP C 205 72.14 26.33 -39.93
CA ASP C 205 71.32 27.38 -40.52
C ASP C 205 71.19 28.51 -39.50
N PRO C 206 71.74 29.72 -39.75
CA PRO C 206 71.72 30.80 -38.77
C PRO C 206 70.32 31.36 -38.44
N ARG C 207 69.30 30.98 -39.19
CA ARG C 207 67.94 31.39 -38.87
C ARG C 207 67.38 30.57 -37.70
N ASN C 208 67.97 29.42 -37.36
CA ASN C 208 67.39 28.55 -36.36
C ASN C 208 67.78 29.00 -34.95
N HIS C 209 66.78 29.01 -34.07
CA HIS C 209 66.91 29.46 -32.70
C HIS C 209 66.61 28.32 -31.74
N PHE C 210 67.55 28.07 -30.80
CA PHE C 210 67.41 26.98 -29.84
C PHE C 210 67.46 27.55 -28.43
N ARG C 211 66.43 27.27 -27.63
CA ARG C 211 66.31 27.81 -26.27
C ARG C 211 66.03 26.65 -25.31
N CYS C 212 66.89 26.55 -24.29
CA CYS C 212 66.65 25.67 -23.16
C CYS C 212 65.97 26.48 -22.06
N GLN C 213 64.78 26.04 -21.65
CA GLN C 213 63.97 26.71 -20.65
C GLN C 213 63.86 25.85 -19.37
N VAL C 214 64.09 26.45 -18.20
CA VAL C 214 63.98 25.71 -16.96
C VAL C 214 62.96 26.44 -16.09
N GLN C 215 61.80 25.82 -15.95
CA GLN C 215 60.78 26.30 -15.02
C GLN C 215 61.19 25.83 -13.65
N PHE C 216 61.43 26.77 -12.73
CA PHE C 216 61.77 26.47 -11.36
C PHE C 216 60.57 26.78 -10.46
N TYR C 217 60.31 25.89 -9.50
CA TYR C 217 59.27 26.13 -8.51
C TYR C 217 59.93 26.44 -7.17
N GLY C 218 59.66 27.66 -6.70
CA GLY C 218 60.35 28.26 -5.58
C GLY C 218 59.33 28.85 -4.61
N LEU C 219 59.70 30.01 -4.04
CA LEU C 219 58.88 30.73 -3.09
C LEU C 219 57.68 31.34 -3.81
N SER C 220 56.67 31.74 -3.02
CA SER C 220 55.45 32.34 -3.55
C SER C 220 55.35 33.80 -3.07
N GLU C 221 54.28 34.49 -3.50
CA GLU C 221 54.09 35.91 -3.20
C GLU C 221 54.08 36.13 -1.68
N ASN C 222 53.30 35.32 -0.96
CA ASN C 222 53.09 35.50 0.45
C ASN C 222 54.34 35.18 1.28
N ASP C 223 55.35 34.49 0.75
CA ASP C 223 56.53 34.13 1.53
C ASP C 223 57.37 35.37 1.84
N GLU C 224 57.78 35.49 3.09
CA GLU C 224 58.66 36.54 3.56
C GLU C 224 60.10 36.28 3.10
N TRP C 225 60.82 37.37 2.80
CA TRP C 225 62.23 37.28 2.35
C TRP C 225 62.97 38.52 2.85
N THR C 226 64.14 38.34 3.45
CA THR C 226 64.88 39.46 4.02
C THR C 226 66.34 39.42 3.58
N GLN C 227 66.59 38.56 2.60
CA GLN C 227 67.98 38.40 2.14
C GLN C 227 68.33 39.48 1.11
N ASP C 228 69.60 39.56 0.74
CA ASP C 228 70.10 40.60 -0.16
C ASP C 228 69.75 40.24 -1.60
N ARG C 229 70.02 38.99 -1.94
CA ARG C 229 69.75 38.48 -3.30
C ARG C 229 68.26 38.47 -3.61
N ALA C 230 67.95 38.43 -4.89
CA ALA C 230 66.58 38.29 -5.36
C ALA C 230 65.88 37.15 -4.62
N LYS C 231 64.63 37.39 -4.25
CA LYS C 231 63.78 36.36 -3.69
C LYS C 231 63.66 35.21 -4.71
N PRO C 232 64.09 33.98 -4.38
CA PRO C 232 64.01 32.86 -5.31
C PRO C 232 62.58 32.36 -5.54
N VAL C 233 61.77 33.18 -6.20
CA VAL C 233 60.38 32.85 -6.50
C VAL C 233 60.35 31.82 -7.64
N THR C 234 59.22 31.14 -7.75
CA THR C 234 58.87 30.40 -8.95
C THR C 234 59.17 31.27 -10.17
N GLN C 235 59.91 30.74 -11.15
CA GLN C 235 60.37 31.55 -12.25
C GLN C 235 60.91 30.64 -13.36
N ILE C 236 61.03 31.22 -14.56
CA ILE C 236 61.69 30.59 -15.69
C ILE C 236 63.09 31.19 -15.89
N VAL C 237 64.09 30.34 -16.08
CA VAL C 237 65.43 30.77 -16.44
C VAL C 237 65.77 30.02 -17.73
N SER C 238 66.24 30.77 -18.72
CA SER C 238 66.52 30.23 -20.05
C SER C 238 67.95 30.53 -20.47
N ALA C 239 68.45 29.72 -21.41
CA ALA C 239 69.67 30.01 -22.15
C ALA C 239 69.40 29.60 -23.59
N GLU C 240 70.19 30.16 -24.54
CA GLU C 240 69.94 29.85 -25.94
C GLU C 240 71.19 29.88 -26.81
N ALA C 241 70.99 29.43 -28.06
CA ALA C 241 72.00 29.50 -29.10
C ALA C 241 71.28 29.66 -30.43
N TRP C 242 71.99 30.25 -31.39
CA TRP C 242 71.52 30.38 -32.77
C TRP C 242 72.39 29.49 -33.65
N GLY C 243 71.79 28.90 -34.69
CA GLY C 243 72.57 28.10 -35.64
C GLY C 243 73.72 28.91 -36.23
N ARG C 244 74.78 28.23 -36.68
CA ARG C 244 75.87 28.92 -37.37
C ARG C 244 76.30 28.16 -38.63
N ALA C 245 76.37 28.87 -39.75
CA ALA C 245 76.89 28.32 -40.99
C ALA C 245 78.40 28.05 -40.87
N ASP C 246 78.79 26.79 -41.12
CA ASP C 246 80.16 26.35 -41.24
C ASP C 246 80.15 24.82 -41.39
N ILE D 21 -0.98 0.34 -5.11
CA ILE D 21 0.12 0.09 -6.10
C ILE D 21 -0.42 0.45 -7.48
N GLN D 22 0.49 0.59 -8.44
CA GLN D 22 0.07 0.73 -9.83
C GLN D 22 0.69 -0.41 -10.63
N ARG D 23 0.04 -0.75 -11.74
CA ARG D 23 0.51 -1.77 -12.66
C ARG D 23 0.33 -1.25 -14.08
N THR D 24 1.37 -1.41 -14.88
CA THR D 24 1.35 -0.82 -16.21
C THR D 24 0.66 -1.81 -17.17
N PRO D 25 -0.15 -1.36 -18.14
CA PRO D 25 -0.85 -2.30 -19.01
C PRO D 25 0.01 -3.14 -19.94
N LYS D 26 -0.37 -4.40 -20.14
CA LYS D 26 0.14 -5.21 -21.24
C LYS D 26 -0.82 -5.05 -22.42
N ILE D 27 -0.26 -4.94 -23.64
CA ILE D 27 -1.07 -4.61 -24.80
C ILE D 27 -0.80 -5.59 -25.93
N GLN D 28 -1.86 -6.24 -26.42
CA GLN D 28 -1.75 -7.27 -27.44
C GLN D 28 -2.79 -7.04 -28.52
N VAL D 29 -2.33 -7.09 -29.78
CA VAL D 29 -3.16 -6.76 -30.93
C VAL D 29 -3.14 -7.92 -31.91
N TYR D 30 -4.32 -8.34 -32.35
CA TYR D 30 -4.46 -9.55 -33.15
C TYR D 30 -5.80 -9.48 -33.89
N SER D 31 -5.91 -10.29 -34.94
CA SER D 31 -7.13 -10.34 -35.74
C SER D 31 -7.92 -11.60 -35.41
N ARG D 32 -9.25 -11.48 -35.54
CA ARG D 32 -10.15 -12.57 -35.21
C ARG D 32 -9.98 -13.71 -36.20
N HIS D 33 -9.77 -13.37 -37.49
CA HIS D 33 -9.57 -14.32 -38.57
C HIS D 33 -8.23 -14.05 -39.27
N PRO D 34 -7.71 -14.97 -40.11
CA PRO D 34 -6.53 -14.66 -40.90
C PRO D 34 -6.77 -13.42 -41.74
N ALA D 35 -5.78 -12.53 -41.77
CA ALA D 35 -5.88 -11.36 -42.62
C ALA D 35 -5.89 -11.80 -44.08
N GLU D 36 -6.88 -11.32 -44.84
CA GLU D 36 -6.91 -11.44 -46.28
C GLU D 36 -7.28 -10.08 -46.86
N ASN D 37 -6.39 -9.55 -47.72
CA ASN D 37 -6.55 -8.21 -48.29
C ASN D 37 -7.95 -8.09 -48.88
N GLY D 38 -8.65 -7.00 -48.54
CA GLY D 38 -9.98 -6.72 -49.08
C GLY D 38 -11.13 -7.40 -48.33
N LYS D 39 -10.85 -8.24 -47.33
CA LYS D 39 -11.87 -9.04 -46.69
C LYS D 39 -12.06 -8.56 -45.24
N SER D 40 -13.33 -8.35 -44.86
CA SER D 40 -13.77 -7.87 -43.57
C SER D 40 -13.42 -8.85 -42.45
N ASN D 41 -13.11 -8.30 -41.27
CA ASN D 41 -12.47 -9.04 -40.19
C ASN D 41 -12.74 -8.29 -38.89
N PHE D 42 -12.20 -8.77 -37.77
CA PHE D 42 -12.20 -7.96 -36.55
C PHE D 42 -10.76 -7.75 -36.08
N LEU D 43 -10.45 -6.51 -35.68
CA LEU D 43 -9.19 -6.18 -35.04
C LEU D 43 -9.40 -6.14 -33.53
N ASN D 44 -8.59 -6.90 -32.79
CA ASN D 44 -8.74 -6.97 -31.36
C ASN D 44 -7.52 -6.36 -30.69
N CYS D 45 -7.78 -5.65 -29.59
CA CYS D 45 -6.74 -5.15 -28.72
C CYS D 45 -7.08 -5.51 -27.28
N TYR D 46 -6.29 -6.42 -26.68
CA TYR D 46 -6.48 -6.96 -25.35
C TYR D 46 -5.50 -6.28 -24.42
N VAL D 47 -6.04 -5.50 -23.48
CA VAL D 47 -5.25 -4.70 -22.56
C VAL D 47 -5.49 -5.25 -21.15
N SER D 48 -4.41 -5.66 -20.47
CA SER D 48 -4.51 -6.48 -19.26
C SER D 48 -3.39 -6.16 -18.27
N GLY D 49 -3.58 -6.61 -17.03
CA GLY D 49 -2.56 -6.53 -15.98
C GLY D 49 -2.36 -5.11 -15.45
N PHE D 50 -3.31 -4.20 -15.63
CA PHE D 50 -3.12 -2.82 -15.24
C PHE D 50 -3.89 -2.42 -13.97
N HIS D 51 -3.47 -1.31 -13.37
CA HIS D 51 -4.10 -0.78 -12.17
C HIS D 51 -3.60 0.65 -11.99
N PRO D 52 -4.42 1.68 -11.73
CA PRO D 52 -5.87 1.57 -11.55
C PRO D 52 -6.61 1.37 -12.87
N SER D 53 -7.95 1.37 -12.82
CA SER D 53 -8.78 0.95 -13.94
C SER D 53 -8.91 2.04 -15.00
N ASP D 54 -8.69 3.30 -14.57
CA ASP D 54 -8.76 4.46 -15.44
C ASP D 54 -7.80 4.25 -16.61
N ILE D 55 -8.30 4.18 -17.84
CA ILE D 55 -7.45 3.90 -18.99
C ILE D 55 -8.13 4.50 -20.21
N GLU D 56 -7.35 4.77 -21.27
CA GLU D 56 -7.91 5.20 -22.54
C GLU D 56 -7.34 4.28 -23.62
N VAL D 57 -8.22 3.74 -24.48
CA VAL D 57 -7.77 2.78 -25.47
C VAL D 57 -8.42 3.15 -26.81
N ASP D 58 -7.62 3.30 -27.86
CA ASP D 58 -8.16 3.49 -29.19
C ASP D 58 -7.52 2.53 -30.20
N LEU D 59 -8.30 2.18 -31.21
CA LEU D 59 -7.77 1.46 -32.35
C LEU D 59 -7.53 2.52 -33.41
N LEU D 60 -6.36 2.44 -34.07
CA LEU D 60 -5.94 3.40 -35.08
C LEU D 60 -5.97 2.74 -36.47
N LYS D 61 -6.41 3.54 -37.43
CA LYS D 61 -6.27 3.26 -38.85
C LYS D 61 -5.44 4.40 -39.44
N ASN D 62 -4.24 4.04 -39.93
CA ASN D 62 -3.30 5.00 -40.52
C ASN D 62 -3.10 6.15 -39.54
N GLY D 63 -2.96 5.85 -38.25
CA GLY D 63 -2.68 6.83 -37.23
C GLY D 63 -3.88 7.60 -36.71
N GLU D 64 -5.09 7.42 -37.26
CA GLU D 64 -6.28 8.14 -36.78
C GLU D 64 -7.16 7.17 -35.99
N ARG D 65 -7.74 7.65 -34.88
CA ARG D 65 -8.62 6.85 -34.04
C ARG D 65 -9.85 6.39 -34.81
N ILE D 66 -10.23 5.12 -34.69
CA ILE D 66 -11.43 4.54 -35.30
C ILE D 66 -12.63 4.81 -34.38
N GLU D 67 -13.71 5.37 -34.91
CA GLU D 67 -14.93 5.57 -34.14
C GLU D 67 -15.61 4.23 -33.99
N LYS D 68 -16.53 4.08 -33.05
CA LYS D 68 -17.38 2.90 -33.15
C LYS D 68 -16.53 1.65 -32.89
N VAL D 69 -15.58 1.75 -31.98
CA VAL D 69 -14.92 0.60 -31.41
C VAL D 69 -15.77 0.10 -30.24
N GLU D 70 -15.76 -1.21 -29.97
CA GLU D 70 -16.50 -1.75 -28.84
C GLU D 70 -15.52 -2.32 -27.84
N HIS D 71 -15.98 -2.49 -26.59
CA HIS D 71 -15.14 -3.10 -25.57
C HIS D 71 -15.98 -3.93 -24.60
N SER D 72 -15.37 -5.00 -24.09
CA SER D 72 -15.94 -5.81 -23.04
C SER D 72 -16.08 -4.98 -21.76
N ASP D 73 -16.99 -5.38 -20.88
CA ASP D 73 -17.12 -4.78 -19.56
C ASP D 73 -15.82 -5.01 -18.78
N LEU D 74 -15.38 -3.98 -18.04
CA LEU D 74 -14.19 -4.09 -17.23
C LEU D 74 -14.28 -5.31 -16.31
N SER D 75 -13.21 -6.10 -16.32
CA SER D 75 -13.07 -7.19 -15.38
C SER D 75 -11.70 -7.13 -14.74
N PHE D 76 -11.40 -8.11 -13.89
CA PHE D 76 -10.08 -8.20 -13.31
C PHE D 76 -9.74 -9.64 -12.97
N SER D 77 -8.45 -9.91 -12.74
CA SER D 77 -7.91 -11.25 -12.55
C SER D 77 -7.76 -11.56 -11.06
N LYS D 78 -7.18 -12.73 -10.78
CA LYS D 78 -6.94 -13.22 -9.44
C LYS D 78 -6.07 -12.21 -8.66
N ASP D 79 -5.15 -11.48 -9.31
CA ASP D 79 -4.28 -10.54 -8.58
C ASP D 79 -4.91 -9.16 -8.53
N TRP D 80 -6.21 -9.04 -8.90
CA TRP D 80 -6.96 -7.78 -8.88
C TRP D 80 -6.65 -6.87 -10.07
N SER D 81 -5.69 -7.22 -10.95
CA SER D 81 -5.36 -6.36 -12.07
C SER D 81 -6.43 -6.47 -13.15
N PHE D 82 -6.70 -5.35 -13.81
CA PHE D 82 -7.83 -5.18 -14.72
C PHE D 82 -7.49 -5.69 -16.13
N TYR D 83 -8.52 -6.14 -16.83
CA TYR D 83 -8.37 -6.49 -18.24
C TYR D 83 -9.64 -6.14 -19.03
N LEU D 84 -9.44 -5.77 -20.30
CA LEU D 84 -10.53 -5.67 -21.24
C LEU D 84 -10.08 -5.81 -22.69
N LEU D 85 -11.08 -6.11 -23.52
CA LEU D 85 -10.88 -6.38 -24.93
C LEU D 85 -11.60 -5.28 -25.69
N TYR D 86 -10.82 -4.55 -26.51
CA TYR D 86 -11.36 -3.65 -27.52
C TYR D 86 -11.33 -4.34 -28.89
N TYR D 87 -12.36 -4.08 -29.68
CA TYR D 87 -12.51 -4.72 -30.97
C TYR D 87 -13.30 -3.83 -31.90
N THR D 88 -12.99 -3.93 -33.19
CA THR D 88 -13.70 -3.21 -34.23
C THR D 88 -13.64 -4.02 -35.51
N GLU D 89 -14.63 -3.77 -36.36
CA GLU D 89 -14.62 -4.31 -37.70
C GLU D 89 -13.53 -3.57 -38.47
N PHE D 90 -12.77 -4.30 -39.28
CA PHE D 90 -11.81 -3.69 -40.17
C PHE D 90 -11.64 -4.56 -41.42
N THR D 91 -11.09 -3.93 -42.46
CA THR D 91 -10.72 -4.58 -43.71
C THR D 91 -9.24 -4.35 -43.93
N PRO D 92 -8.37 -5.34 -43.67
CA PRO D 92 -6.97 -5.20 -44.03
C PRO D 92 -6.80 -5.07 -45.54
N THR D 93 -5.80 -4.25 -45.92
CA THR D 93 -5.40 -4.07 -47.30
C THR D 93 -3.87 -4.09 -47.31
N GLU D 94 -3.27 -3.98 -48.49
CA GLU D 94 -1.83 -3.88 -48.65
C GLU D 94 -1.28 -2.67 -47.89
N LYS D 95 -1.93 -1.52 -48.05
CA LYS D 95 -1.40 -0.20 -47.68
C LYS D 95 -1.72 0.17 -46.23
N ASP D 96 -2.89 -0.25 -45.72
CA ASP D 96 -3.44 0.33 -44.51
C ASP D 96 -2.68 -0.21 -43.30
N GLU D 97 -2.44 0.66 -42.32
CA GLU D 97 -1.77 0.30 -41.08
C GLU D 97 -2.71 0.46 -39.89
N TYR D 98 -2.70 -0.56 -39.01
CA TYR D 98 -3.58 -0.58 -37.87
C TYR D 98 -2.73 -0.67 -36.61
N ALA D 99 -3.25 -0.14 -35.50
CA ALA D 99 -2.52 -0.14 -34.24
C ALA D 99 -3.49 0.00 -33.05
N CYS D 100 -2.98 -0.25 -31.84
CA CYS D 100 -3.71 -0.01 -30.61
C CYS D 100 -2.91 0.98 -29.79
N ARG D 101 -3.58 2.07 -29.37
CA ARG D 101 -2.98 3.12 -28.59
C ARG D 101 -3.64 3.18 -27.22
N VAL D 102 -2.79 3.16 -26.20
CA VAL D 102 -3.23 3.09 -24.83
C VAL D 102 -2.53 4.20 -24.07
N ASN D 103 -3.32 4.97 -23.31
CA ASN D 103 -2.76 5.83 -22.29
C ASN D 103 -3.24 5.40 -20.89
N HIS D 104 -2.38 5.60 -19.89
CA HIS D 104 -2.61 5.13 -18.53
C HIS D 104 -1.63 5.88 -17.64
N VAL D 105 -1.97 6.03 -16.35
CA VAL D 105 -1.16 6.85 -15.45
C VAL D 105 0.25 6.29 -15.34
N THR D 106 0.45 4.97 -15.55
CA THR D 106 1.80 4.39 -15.53
C THR D 106 2.63 4.72 -16.77
N LEU D 107 2.06 5.35 -17.80
CA LEU D 107 2.85 5.66 -19.00
C LEU D 107 3.09 7.16 -19.10
N SER D 108 4.29 7.58 -19.51
CA SER D 108 4.56 9.02 -19.61
C SER D 108 4.01 9.57 -20.92
N GLN D 109 3.69 8.66 -21.84
CA GLN D 109 3.06 9.08 -23.09
C GLN D 109 2.30 7.89 -23.61
N PRO D 110 1.32 8.11 -24.51
CA PRO D 110 0.58 7.02 -25.09
C PRO D 110 1.53 5.97 -25.68
N LYS D 111 1.15 4.71 -25.57
CA LYS D 111 1.88 3.60 -26.11
C LYS D 111 1.08 3.06 -27.30
N ILE D 112 1.74 3.00 -28.46
CA ILE D 112 1.11 2.57 -29.70
C ILE D 112 1.72 1.22 -30.03
N VAL D 113 0.93 0.17 -30.08
CA VAL D 113 1.41 -1.11 -30.57
C VAL D 113 0.81 -1.37 -31.95
N LYS D 114 1.68 -1.53 -32.96
CA LYS D 114 1.26 -1.76 -34.34
C LYS D 114 0.82 -3.20 -34.55
N TRP D 115 -0.17 -3.38 -35.41
CA TRP D 115 -0.64 -4.73 -35.74
C TRP D 115 0.21 -5.22 -36.91
N ASP D 116 0.79 -6.39 -36.77
CA ASP D 116 1.42 -7.07 -37.89
C ASP D 116 0.56 -8.25 -38.28
N ARG D 117 0.19 -8.34 -39.55
CA ARG D 117 -0.75 -9.35 -40.02
C ARG D 117 -0.26 -10.77 -39.77
N ASP D 118 1.05 -10.96 -39.61
CA ASP D 118 1.62 -12.31 -39.52
C ASP D 118 1.76 -12.74 -38.06
N ILE D 119 2.01 -11.77 -37.18
CA ILE D 119 2.54 -12.05 -35.86
C ILE D 119 1.85 -11.16 -34.83
N GLY D 120 0.92 -10.28 -35.28
CA GLY D 120 0.26 -9.29 -34.45
C GLY D 120 1.26 -8.29 -33.85
N GLY D 121 0.88 -7.68 -32.73
CA GLY D 121 1.76 -6.89 -31.91
C GLY D 121 1.50 -7.19 -30.43
N GLY D 122 2.51 -6.89 -29.57
CA GLY D 122 2.43 -6.88 -28.11
C GLY D 122 3.01 -8.10 -27.44
N HIS D 136 -12.25 -24.67 -9.36
CA HIS D 136 -13.61 -24.93 -8.77
C HIS D 136 -14.67 -24.12 -9.53
N VAL D 137 -15.76 -24.81 -9.95
CA VAL D 137 -16.87 -24.19 -10.65
C VAL D 137 -17.51 -23.17 -9.69
N SER D 138 -17.89 -22.03 -10.25
CA SER D 138 -17.97 -20.80 -9.49
C SER D 138 -18.96 -19.85 -10.14
N PHE D 139 -19.74 -19.15 -9.30
CA PHE D 139 -20.47 -17.98 -9.76
C PHE D 139 -20.04 -16.84 -8.86
N HIS D 140 -19.78 -15.68 -9.47
CA HIS D 140 -19.40 -14.55 -8.68
C HIS D 140 -19.80 -13.25 -9.36
N VAL D 141 -19.98 -12.24 -8.51
CA VAL D 141 -20.19 -10.89 -8.96
C VAL D 141 -18.91 -10.15 -8.64
N ILE D 142 -18.55 -9.16 -9.46
CA ILE D 142 -17.46 -8.29 -9.11
C ILE D 142 -17.99 -6.87 -9.06
N GLN D 143 -17.33 -6.03 -8.29
CA GLN D 143 -17.61 -4.61 -8.33
C GLN D 143 -16.29 -3.86 -8.35
N ILE D 144 -16.32 -2.71 -9.01
CA ILE D 144 -15.18 -1.81 -9.10
C ILE D 144 -15.74 -0.44 -8.75
N PHE D 145 -15.25 0.12 -7.66
CA PHE D 145 -15.62 1.46 -7.24
C PHE D 145 -14.40 2.37 -7.37
N SER D 146 -14.55 3.43 -8.16
CA SER D 146 -13.49 4.39 -8.38
C SER D 146 -13.89 5.71 -7.74
N PHE D 147 -13.10 6.10 -6.73
CA PHE D 147 -13.29 7.33 -6.00
C PHE D 147 -12.26 8.34 -6.47
N VAL D 148 -12.68 9.25 -7.34
CA VAL D 148 -11.74 10.20 -7.94
C VAL D 148 -11.59 11.39 -7.01
N ASN D 149 -12.71 11.94 -6.52
CA ASN D 149 -12.67 13.06 -5.58
C ASN D 149 -13.99 13.09 -4.79
N GLN D 150 -14.12 14.11 -3.94
CA GLN D 150 -15.31 14.26 -3.12
C GLN D 150 -16.57 14.43 -3.97
N SER D 151 -16.48 14.89 -5.21
CA SER D 151 -17.68 15.05 -6.02
C SER D 151 -17.87 13.94 -7.06
N TRP D 152 -17.03 12.91 -7.07
CA TRP D 152 -17.06 12.01 -8.22
C TRP D 152 -16.58 10.61 -7.82
N ALA D 153 -17.52 9.68 -7.94
CA ALA D 153 -17.28 8.27 -7.73
C ALA D 153 -18.15 7.50 -8.72
N ARG D 154 -17.73 6.28 -9.05
CA ARG D 154 -18.50 5.46 -9.97
C ARG D 154 -18.41 4.00 -9.53
N GLY D 155 -19.57 3.31 -9.61
CA GLY D 155 -19.68 1.86 -9.46
C GLY D 155 -19.83 1.18 -10.83
N GLN D 156 -19.13 0.06 -11.02
CA GLN D 156 -19.35 -0.83 -12.15
C GLN D 156 -19.43 -2.26 -11.59
N GLY D 157 -20.10 -3.17 -12.30
CA GLY D 157 -20.14 -4.54 -11.81
C GLY D 157 -20.66 -5.47 -12.89
N SER D 158 -20.56 -6.76 -12.61
CA SER D 158 -20.91 -7.79 -13.56
C SER D 158 -20.92 -9.13 -12.86
N GLY D 159 -21.50 -10.12 -13.55
CA GLY D 159 -21.57 -11.46 -13.00
C GLY D 159 -20.93 -12.47 -13.95
N TRP D 160 -20.34 -13.52 -13.37
CA TRP D 160 -19.41 -14.41 -14.05
C TRP D 160 -19.63 -15.86 -13.62
N LEU D 161 -19.63 -16.77 -14.60
CA LEU D 161 -19.23 -18.16 -14.39
C LEU D 161 -17.80 -18.29 -14.85
N ASP D 162 -16.84 -18.34 -13.93
CA ASP D 162 -15.44 -18.38 -14.26
C ASP D 162 -15.11 -17.16 -15.14
N GLU D 163 -14.61 -17.37 -16.37
CA GLU D 163 -14.22 -16.29 -17.26
C GLU D 163 -15.34 -15.92 -18.24
N LEU D 164 -16.46 -16.64 -18.18
CA LEU D 164 -17.65 -16.35 -18.96
C LEU D 164 -18.57 -15.34 -18.26
N GLN D 165 -18.87 -14.23 -18.94
CA GLN D 165 -19.70 -13.19 -18.38
C GLN D 165 -21.18 -13.61 -18.56
N THR D 166 -21.93 -13.65 -17.46
CA THR D 166 -23.34 -14.01 -17.56
C THR D 166 -24.25 -12.79 -17.37
N HIS D 167 -23.74 -11.76 -16.64
CA HIS D 167 -24.56 -10.62 -16.30
C HIS D 167 -23.74 -9.35 -16.41
N GLY D 168 -24.37 -8.26 -16.82
CA GLY D 168 -23.80 -6.96 -16.58
C GLY D 168 -24.68 -6.16 -15.61
N TRP D 169 -24.38 -4.86 -15.47
CA TRP D 169 -25.10 -3.99 -14.58
C TRP D 169 -25.18 -2.62 -15.26
N ASP D 170 -26.39 -2.12 -15.44
CA ASP D 170 -26.61 -0.81 -15.98
C ASP D 170 -26.65 0.15 -14.80
N SER D 171 -25.61 0.99 -14.69
CA SER D 171 -25.47 1.94 -13.60
C SER D 171 -26.57 2.98 -13.62
N GLU D 172 -26.89 3.49 -14.81
CA GLU D 172 -27.84 4.56 -14.89
C GLU D 172 -29.13 4.05 -14.24
N SER D 173 -29.68 2.94 -14.76
CA SER D 173 -30.99 2.47 -14.32
C SER D 173 -30.93 1.62 -13.05
N GLY D 174 -29.73 1.17 -12.63
CA GLY D 174 -29.56 0.28 -11.47
C GLY D 174 -30.23 -1.07 -11.68
N THR D 175 -30.02 -1.73 -12.85
CA THR D 175 -30.68 -2.98 -13.19
C THR D 175 -29.66 -4.01 -13.67
N ILE D 176 -30.02 -5.29 -13.52
CA ILE D 176 -29.22 -6.41 -14.00
C ILE D 176 -29.40 -6.50 -15.52
N ILE D 177 -28.30 -6.62 -16.26
CA ILE D 177 -28.37 -6.96 -17.67
C ILE D 177 -28.15 -8.47 -17.82
N PHE D 178 -29.21 -9.18 -18.26
CA PHE D 178 -29.14 -10.61 -18.49
C PHE D 178 -28.53 -10.83 -19.88
N LEU D 179 -27.29 -11.35 -19.95
CA LEU D 179 -26.54 -11.34 -21.21
C LEU D 179 -26.96 -12.48 -22.12
N HIS D 180 -27.40 -13.61 -21.54
CA HIS D 180 -27.85 -14.74 -22.30
C HIS D 180 -29.29 -15.06 -21.95
N ASN D 181 -29.95 -15.82 -22.84
CA ASN D 181 -31.31 -16.31 -22.69
C ASN D 181 -31.50 -17.04 -21.36
N TRP D 182 -30.43 -17.67 -20.87
CA TRP D 182 -30.47 -18.55 -19.72
C TRP D 182 -29.86 -17.90 -18.48
N SER D 183 -29.56 -16.58 -18.56
CA SER D 183 -28.90 -15.87 -17.47
C SER D 183 -29.78 -15.74 -16.21
N LYS D 184 -31.09 -16.04 -16.31
CA LYS D 184 -31.93 -16.09 -15.11
C LYS D 184 -31.81 -17.41 -14.35
N GLY D 185 -31.06 -18.38 -14.87
CA GLY D 185 -30.95 -19.66 -14.17
C GLY D 185 -32.33 -20.26 -13.96
N ASN D 186 -32.57 -20.84 -12.78
CA ASN D 186 -33.89 -21.35 -12.40
C ASN D 186 -34.54 -20.38 -11.40
N PHE D 187 -34.10 -19.12 -11.32
CA PHE D 187 -34.70 -18.18 -10.38
C PHE D 187 -35.92 -17.53 -11.02
N SER D 188 -36.95 -17.29 -10.20
CA SER D 188 -38.12 -16.53 -10.61
C SER D 188 -37.75 -15.08 -10.83
N ASN D 189 -38.60 -14.40 -11.60
CA ASN D 189 -38.52 -12.95 -11.75
C ASN D 189 -38.68 -12.24 -10.40
N GLU D 190 -39.57 -12.76 -9.53
CA GLU D 190 -39.81 -12.18 -8.22
C GLU D 190 -38.51 -12.16 -7.40
N GLU D 191 -37.76 -13.29 -7.43
CA GLU D 191 -36.55 -13.38 -6.62
C GLU D 191 -35.49 -12.46 -7.22
N LEU D 192 -35.41 -12.43 -8.54
CA LEU D 192 -34.35 -11.68 -9.19
C LEU D 192 -34.59 -10.18 -9.02
N SER D 193 -35.84 -9.75 -9.08
CA SER D 193 -36.20 -8.34 -8.84
C SER D 193 -35.80 -7.92 -7.44
N ASP D 194 -35.99 -8.80 -6.46
CA ASP D 194 -35.68 -8.47 -5.06
C ASP D 194 -34.18 -8.30 -4.92
N LEU D 195 -33.40 -9.23 -5.50
CA LEU D 195 -31.94 -9.16 -5.51
C LEU D 195 -31.46 -7.93 -6.27
N GLU D 196 -32.11 -7.61 -7.39
CA GLU D 196 -31.75 -6.46 -8.21
C GLU D 196 -31.83 -5.21 -7.34
N LEU D 197 -32.89 -5.10 -6.56
CA LEU D 197 -33.16 -3.90 -5.78
C LEU D 197 -32.18 -3.85 -4.62
N LEU D 198 -31.83 -5.02 -4.06
CA LEU D 198 -30.88 -5.05 -2.98
C LEU D 198 -29.50 -4.59 -3.48
N PHE D 199 -29.11 -5.07 -4.65
CA PHE D 199 -27.85 -4.68 -5.25
C PHE D 199 -27.88 -3.18 -5.56
N ARG D 200 -29.00 -2.66 -6.05
CA ARG D 200 -29.11 -1.23 -6.32
C ARG D 200 -28.89 -0.40 -5.06
N PHE D 201 -29.53 -0.77 -3.95
CA PHE D 201 -29.35 -0.05 -2.67
C PHE D 201 -27.92 -0.19 -2.20
N TYR D 202 -27.37 -1.40 -2.32
CA TYR D 202 -26.01 -1.67 -1.87
C TYR D 202 -24.98 -0.81 -2.60
N LEU D 203 -25.05 -0.76 -3.93
CA LEU D 203 -24.12 0.06 -4.70
C LEU D 203 -24.23 1.53 -4.28
N PHE D 204 -25.47 2.03 -4.19
CA PHE D 204 -25.68 3.41 -3.81
C PHE D 204 -25.14 3.65 -2.40
N GLY D 205 -25.37 2.70 -1.50
CA GLY D 205 -25.17 2.93 -0.07
C GLY D 205 -23.70 2.81 0.30
N LEU D 206 -23.03 1.82 -0.30
CA LEU D 206 -21.60 1.65 -0.17
C LEU D 206 -20.88 2.86 -0.73
N THR D 207 -21.23 3.30 -1.94
CA THR D 207 -20.52 4.43 -2.54
C THR D 207 -20.63 5.64 -1.62
N ARG D 208 -21.85 5.94 -1.18
CA ARG D 208 -22.13 7.14 -0.39
C ARG D 208 -21.43 7.04 0.97
N GLU D 209 -21.49 5.86 1.59
CA GLU D 209 -20.83 5.66 2.89
C GLU D 209 -19.33 5.91 2.74
N ILE D 210 -18.72 5.36 1.68
CA ILE D 210 -17.28 5.51 1.53
C ILE D 210 -16.96 6.99 1.32
N GLN D 211 -17.77 7.68 0.51
CA GLN D 211 -17.57 9.10 0.25
C GLN D 211 -17.68 9.90 1.53
N ASP D 212 -18.55 9.49 2.47
CA ASP D 212 -18.73 10.22 3.73
C ASP D 212 -17.49 10.06 4.61
N HIS D 213 -16.92 8.87 4.66
CA HIS D 213 -15.70 8.66 5.48
C HIS D 213 -14.51 9.38 4.82
N ALA D 214 -14.48 9.40 3.48
CA ALA D 214 -13.32 9.96 2.77
C ALA D 214 -13.35 11.48 2.70
N SER D 215 -14.54 12.09 2.86
CA SER D 215 -14.69 13.53 2.70
C SER D 215 -14.04 14.27 3.88
N GLN D 216 -13.58 13.53 4.89
CA GLN D 216 -12.96 14.13 6.08
C GLN D 216 -11.46 14.31 5.91
N ASP D 217 -10.86 13.70 4.86
CA ASP D 217 -9.48 14.00 4.46
C ASP D 217 -9.27 13.64 2.98
N TYR D 218 -9.13 14.69 2.16
CA TYR D 218 -9.11 14.57 0.71
C TYR D 218 -7.85 13.91 0.15
N SER D 219 -6.76 13.79 0.91
CA SER D 219 -5.49 13.40 0.30
C SER D 219 -5.46 11.90 0.00
N LYS D 220 -6.50 11.16 0.43
CA LYS D 220 -6.62 9.75 0.12
C LYS D 220 -6.93 9.55 -1.37
N TYR D 221 -7.48 10.58 -2.01
CA TYR D 221 -7.99 10.52 -3.37
C TYR D 221 -6.85 10.60 -4.37
N PRO D 222 -6.90 9.94 -5.56
CA PRO D 222 -7.91 8.94 -5.88
C PRO D 222 -7.61 7.56 -5.30
N PHE D 223 -8.65 6.71 -5.22
CA PHE D 223 -8.44 5.36 -4.76
C PHE D 223 -9.50 4.46 -5.38
N GLU D 224 -9.20 3.16 -5.41
CA GLU D 224 -10.13 2.26 -6.03
C GLU D 224 -10.35 1.06 -5.12
N VAL D 225 -11.61 0.63 -5.09
CA VAL D 225 -12.03 -0.51 -4.30
C VAL D 225 -12.63 -1.52 -5.24
N GLN D 226 -12.26 -2.79 -4.98
CA GLN D 226 -12.78 -3.90 -5.72
C GLN D 226 -13.37 -4.89 -4.74
N VAL D 227 -14.46 -5.51 -5.20
CA VAL D 227 -15.10 -6.59 -4.49
C VAL D 227 -15.30 -7.75 -5.43
N LYS D 228 -14.97 -8.94 -4.96
CA LYS D 228 -15.40 -10.16 -5.60
C LYS D 228 -16.14 -11.02 -4.58
N ALA D 229 -17.38 -11.41 -4.90
CA ALA D 229 -18.21 -12.14 -3.96
C ALA D 229 -18.96 -13.22 -4.71
N GLY D 230 -19.12 -14.38 -4.10
CA GLY D 230 -19.84 -15.47 -4.77
C GLY D 230 -19.61 -16.80 -4.06
N CYS D 231 -19.68 -17.87 -4.84
CA CYS D 231 -19.56 -19.20 -4.28
C CYS D 231 -18.88 -20.12 -5.30
N GLU D 232 -18.28 -21.20 -4.80
CA GLU D 232 -17.65 -22.23 -5.60
C GLU D 232 -18.05 -23.60 -5.06
N LEU D 233 -18.06 -24.58 -5.98
CA LEU D 233 -18.41 -25.95 -5.61
C LEU D 233 -17.17 -26.69 -5.14
N HIS D 234 -17.34 -27.56 -4.14
CA HIS D 234 -16.29 -28.42 -3.61
C HIS D 234 -16.84 -29.83 -3.49
N SER D 235 -16.38 -30.72 -4.37
CA SER D 235 -16.83 -32.11 -4.39
C SER D 235 -16.81 -32.71 -2.99
N GLY D 236 -17.96 -33.25 -2.55
CA GLY D 236 -18.04 -33.98 -1.30
C GLY D 236 -18.47 -33.09 -0.14
N LYS D 237 -18.53 -31.77 -0.34
CA LYS D 237 -18.77 -30.83 0.74
C LYS D 237 -19.82 -29.81 0.30
N SER D 238 -20.25 -28.96 1.23
CA SER D 238 -21.09 -27.82 0.91
C SER D 238 -20.38 -26.85 -0.03
N PRO D 239 -21.10 -26.21 -0.99
CA PRO D 239 -20.57 -25.05 -1.68
C PRO D 239 -20.03 -24.01 -0.68
N GLU D 240 -18.96 -23.31 -1.08
CA GLU D 240 -18.34 -22.35 -0.17
C GLU D 240 -18.50 -20.95 -0.75
N GLY D 241 -18.94 -20.04 0.12
CA GLY D 241 -19.03 -18.63 -0.24
C GLY D 241 -17.73 -17.90 0.09
N PHE D 242 -17.50 -16.81 -0.64
CA PHE D 242 -16.40 -15.92 -0.38
C PHE D 242 -16.87 -14.50 -0.69
N PHE D 243 -16.20 -13.55 -0.06
CA PHE D 243 -16.47 -12.13 -0.19
C PHE D 243 -15.13 -11.44 0.07
N GLN D 244 -14.49 -10.97 -1.01
CA GLN D 244 -13.12 -10.49 -0.92
C GLN D 244 -13.05 -9.04 -1.38
N VAL D 245 -12.18 -8.28 -0.71
CA VAL D 245 -12.11 -6.85 -0.97
C VAL D 245 -10.66 -6.48 -1.18
N ALA D 246 -10.43 -5.62 -2.20
CA ALA D 246 -9.12 -5.05 -2.48
C ALA D 246 -9.20 -3.53 -2.48
N PHE D 247 -8.11 -2.88 -2.12
CA PHE D 247 -8.01 -1.45 -2.07
C PHE D 247 -6.68 -1.08 -2.73
N ASN D 248 -6.72 -0.14 -3.68
CA ASN D 248 -5.58 0.22 -4.50
C ASN D 248 -4.83 -0.99 -5.04
N GLY D 249 -5.54 -2.04 -5.42
CA GLY D 249 -4.97 -3.19 -6.10
C GLY D 249 -4.34 -4.25 -5.18
N LEU D 250 -4.48 -4.09 -3.84
CA LEU D 250 -4.01 -5.06 -2.84
C LEU D 250 -5.17 -5.58 -1.99
N ASP D 251 -5.07 -6.86 -1.61
CA ASP D 251 -6.06 -7.47 -0.70
C ASP D 251 -6.22 -6.57 0.52
N LEU D 252 -7.46 -6.21 0.85
CA LEU D 252 -7.72 -5.41 2.06
C LEU D 252 -8.30 -6.32 3.14
N LEU D 253 -9.33 -7.09 2.80
CA LEU D 253 -9.98 -7.95 3.79
C LEU D 253 -10.81 -8.98 3.06
N SER D 254 -11.29 -9.98 3.82
CA SER D 254 -12.30 -10.91 3.34
C SER D 254 -13.24 -11.38 4.45
N PHE D 255 -14.34 -11.96 4.03
CA PHE D 255 -15.28 -12.54 4.97
C PHE D 255 -14.95 -14.02 5.17
N GLN D 256 -14.68 -14.43 6.43
CA GLN D 256 -14.35 -15.80 6.80
C GLN D 256 -15.30 -16.29 7.89
N ASN D 257 -16.11 -17.30 7.58
CA ASN D 257 -17.17 -17.81 8.51
C ASN D 257 -18.17 -16.68 8.76
N THR D 258 -18.08 -16.03 9.92
CA THR D 258 -18.98 -14.92 10.21
C THR D 258 -18.19 -13.68 10.63
N THR D 259 -16.89 -13.66 10.31
CA THR D 259 -15.98 -12.61 10.74
C THR D 259 -15.30 -11.95 9.54
N TRP D 260 -15.32 -10.63 9.53
CA TRP D 260 -14.48 -9.87 8.62
C TRP D 260 -13.05 -9.89 9.12
N VAL D 261 -12.19 -10.50 8.32
CA VAL D 261 -10.79 -10.73 8.65
C VAL D 261 -9.90 -9.83 7.79
N PRO D 262 -9.03 -9.01 8.43
CA PRO D 262 -8.11 -8.15 7.70
C PRO D 262 -7.00 -8.93 7.00
N SER D 263 -6.66 -8.48 5.80
CA SER D 263 -5.55 -9.13 5.05
C SER D 263 -4.26 -8.92 5.84
N PRO D 264 -3.49 -9.98 6.08
CA PRO D 264 -2.20 -9.89 6.80
C PRO D 264 -1.38 -8.74 6.25
N GLY D 265 -1.29 -8.66 4.93
CA GLY D 265 -0.48 -7.60 4.30
C GLY D 265 -1.26 -6.32 4.04
N CYS D 266 -2.16 -5.93 4.93
CA CYS D 266 -2.80 -4.61 4.71
C CYS D 266 -2.67 -3.75 5.97
N GLY D 267 -2.69 -4.32 7.17
CA GLY D 267 -2.43 -3.49 8.36
C GLY D 267 -3.56 -2.67 8.93
N SER D 268 -3.30 -1.41 9.27
CA SER D 268 -4.26 -0.55 10.01
C SER D 268 -5.59 -0.27 9.28
N LEU D 269 -5.58 0.14 8.01
CA LEU D 269 -6.87 0.49 7.34
C LEU D 269 -7.75 -0.77 7.36
N ALA D 270 -7.18 -1.91 7.03
CA ALA D 270 -7.92 -3.18 7.03
C ALA D 270 -8.50 -3.44 8.43
N GLN D 271 -7.69 -3.20 9.46
CA GLN D 271 -8.18 -3.41 10.82
C GLN D 271 -9.36 -2.48 11.14
N SER D 272 -9.28 -1.20 10.75
CA SER D 272 -10.36 -0.25 10.99
C SER D 272 -11.63 -0.66 10.26
N VAL D 273 -11.50 -1.08 8.98
CA VAL D 273 -12.68 -1.42 8.21
C VAL D 273 -13.31 -2.68 8.81
N CYS D 274 -12.46 -3.65 9.19
CA CYS D 274 -12.98 -4.89 9.77
C CYS D 274 -13.69 -4.59 11.10
N HIS D 275 -13.13 -3.65 11.88
CA HIS D 275 -13.71 -3.28 13.16
C HIS D 275 -15.10 -2.68 12.90
N LEU D 276 -15.21 -1.73 12.00
CA LEU D 276 -16.54 -1.17 11.65
C LEU D 276 -17.51 -2.31 11.26
N LEU D 277 -17.10 -3.18 10.34
CA LEU D 277 -18.02 -4.21 9.82
C LEU D 277 -18.37 -5.24 10.90
N ASN D 278 -17.45 -5.54 11.82
CA ASN D 278 -17.72 -6.57 12.79
C ASN D 278 -18.58 -6.01 13.93
N HIS D 279 -18.52 -4.71 14.16
CA HIS D 279 -19.19 -4.13 15.36
C HIS D 279 -20.34 -3.17 15.03
N GLN D 280 -20.31 -2.53 13.87
CA GLN D 280 -21.35 -1.51 13.58
C GLN D 280 -22.18 -1.92 12.36
N TYR D 281 -22.09 -3.17 11.92
CA TYR D 281 -22.82 -3.61 10.70
C TYR D 281 -23.04 -5.13 10.76
N GLU D 282 -23.62 -5.61 11.86
CA GLU D 282 -23.91 -7.07 12.03
C GLU D 282 -25.04 -7.46 11.09
N GLY D 283 -25.88 -6.49 10.69
CA GLY D 283 -26.93 -6.79 9.70
C GLY D 283 -26.30 -7.03 8.34
N VAL D 284 -25.27 -6.25 8.01
CA VAL D 284 -24.54 -6.47 6.72
C VAL D 284 -23.90 -7.86 6.76
N THR D 285 -23.24 -8.19 7.87
CA THR D 285 -22.61 -9.51 8.03
C THR D 285 -23.61 -10.61 7.78
N GLU D 286 -24.81 -10.51 8.33
CA GLU D 286 -25.79 -11.60 8.17
C GLU D 286 -26.24 -11.67 6.70
N THR D 287 -26.39 -10.53 6.06
CA THR D 287 -26.90 -10.51 4.67
C THR D 287 -25.83 -11.09 3.76
N VAL D 288 -24.58 -10.66 3.93
CA VAL D 288 -23.51 -11.25 3.14
C VAL D 288 -23.47 -12.76 3.32
N TYR D 289 -23.50 -13.24 4.57
CA TYR D 289 -23.48 -14.69 4.85
C TYR D 289 -24.57 -15.43 4.08
N ASN D 290 -25.81 -14.95 4.15
CA ASN D 290 -26.93 -15.67 3.51
C ASN D 290 -26.78 -15.66 1.97
N LEU D 291 -26.39 -14.52 1.42
CA LEU D 291 -26.24 -14.42 -0.05
C LEU D 291 -25.16 -15.39 -0.56
N ILE D 292 -23.99 -15.41 0.08
CA ILE D 292 -22.85 -16.22 -0.45
C ILE D 292 -22.99 -17.72 -0.08
N ARG D 293 -23.58 -18.04 1.07
CA ARG D 293 -23.64 -19.46 1.52
C ARG D 293 -24.96 -20.14 1.11
N SER D 294 -26.03 -19.38 0.87
CA SER D 294 -27.34 -20.01 0.59
C SER D 294 -27.88 -19.62 -0.79
N THR D 295 -27.97 -18.33 -1.07
CA THR D 295 -28.58 -17.92 -2.35
C THR D 295 -27.64 -18.21 -3.49
N CYS D 296 -26.36 -17.94 -3.31
CA CYS D 296 -25.41 -18.07 -4.41
C CYS D 296 -25.35 -19.53 -4.92
N PRO D 297 -25.18 -20.54 -4.04
CA PRO D 297 -25.21 -21.97 -4.48
C PRO D 297 -26.48 -22.28 -5.29
N ARG D 298 -27.65 -21.88 -4.81
CA ARG D 298 -28.87 -22.12 -5.55
C ARG D 298 -28.79 -21.49 -6.95
N PHE D 299 -28.27 -20.26 -7.00
CA PHE D 299 -28.21 -19.56 -8.26
C PHE D 299 -27.27 -20.27 -9.22
N LEU D 300 -26.08 -20.62 -8.74
CA LEU D 300 -25.04 -21.28 -9.51
C LEU D 300 -25.56 -22.55 -10.18
N LEU D 301 -26.17 -23.44 -9.37
CA LEU D 301 -26.63 -24.72 -9.87
C LEU D 301 -27.72 -24.55 -10.94
N GLY D 302 -28.64 -23.62 -10.72
CA GLY D 302 -29.67 -23.34 -11.72
C GLY D 302 -29.12 -22.70 -12.99
N LEU D 303 -28.06 -21.90 -12.83
CA LEU D 303 -27.46 -21.23 -13.97
C LEU D 303 -26.69 -22.22 -14.86
N LEU D 304 -25.91 -23.13 -14.25
CA LEU D 304 -25.18 -24.14 -14.99
C LEU D 304 -26.14 -25.00 -15.80
N ASP D 305 -27.25 -25.36 -15.15
CA ASP D 305 -28.25 -26.26 -15.73
C ASP D 305 -28.92 -25.58 -16.92
N ALA D 306 -29.37 -24.32 -16.74
CA ALA D 306 -30.02 -23.56 -17.81
C ALA D 306 -29.05 -23.28 -18.96
N GLY D 307 -27.76 -23.15 -18.69
CA GLY D 307 -26.79 -22.78 -19.75
C GLY D 307 -25.94 -23.94 -20.22
N LYS D 308 -26.33 -25.17 -19.89
CA LYS D 308 -25.57 -26.39 -20.25
C LYS D 308 -25.05 -26.38 -21.69
N MET D 309 -25.93 -26.13 -22.66
CA MET D 309 -25.55 -26.25 -24.09
C MET D 309 -24.53 -25.18 -24.53
N TYR D 310 -24.51 -24.02 -23.90
CA TYR D 310 -23.56 -22.94 -24.31
C TYR D 310 -22.25 -23.15 -23.61
N VAL D 311 -22.31 -23.42 -22.31
CA VAL D 311 -21.07 -23.56 -21.50
C VAL D 311 -20.28 -24.78 -21.95
N HIS D 312 -20.97 -25.86 -22.34
CA HIS D 312 -20.29 -27.12 -22.74
C HIS D 312 -20.33 -27.25 -24.27
N ARG D 313 -20.54 -26.13 -24.95
CA ARG D 313 -20.51 -26.13 -26.42
C ARG D 313 -19.09 -26.39 -26.94
N GLN D 314 -18.99 -26.87 -28.16
CA GLN D 314 -17.72 -27.11 -28.80
C GLN D 314 -17.68 -26.28 -30.09
N VAL D 315 -16.62 -25.49 -30.27
CA VAL D 315 -16.49 -24.69 -31.47
C VAL D 315 -15.08 -24.96 -32.01
N ARG D 316 -15.05 -25.44 -33.26
CA ARG D 316 -13.81 -25.84 -33.90
C ARG D 316 -12.99 -24.60 -34.21
N PRO D 317 -11.66 -24.62 -33.94
CA PRO D 317 -10.78 -23.55 -34.39
C PRO D 317 -10.60 -23.52 -35.89
N GLU D 318 -10.40 -22.32 -36.44
CA GLU D 318 -9.80 -22.22 -37.75
C GLU D 318 -8.31 -22.01 -37.48
N ALA D 319 -7.49 -22.52 -38.37
CA ALA D 319 -6.06 -22.59 -38.14
C ALA D 319 -5.34 -22.21 -39.43
N TRP D 320 -4.19 -21.55 -39.31
CA TRP D 320 -3.42 -21.17 -40.48
C TRP D 320 -1.97 -20.89 -40.12
N LEU D 321 -1.12 -20.95 -41.16
CA LEU D 321 0.28 -20.64 -41.05
C LEU D 321 0.56 -19.26 -41.65
N SER D 322 1.58 -18.58 -41.13
CA SER D 322 2.13 -17.39 -41.76
C SER D 322 3.62 -17.32 -41.43
N SER D 323 4.29 -16.39 -42.11
CA SER D 323 5.73 -16.21 -41.95
C SER D 323 6.10 -14.75 -42.13
N ARG D 324 7.25 -14.43 -41.54
CA ARG D 324 7.82 -13.09 -41.53
C ARG D 324 9.32 -13.26 -41.43
N PRO D 325 10.15 -12.29 -41.88
CA PRO D 325 11.56 -12.24 -41.44
C PRO D 325 11.71 -12.05 -39.92
N SER D 326 12.93 -12.33 -39.38
CA SER D 326 13.20 -12.26 -37.94
C SER D 326 13.55 -10.82 -37.51
N GLN D 331 16.66 -15.52 -41.58
CA GLN D 331 15.97 -16.36 -40.56
C GLN D 331 14.47 -16.06 -40.55
N LEU D 332 13.67 -17.05 -40.95
CA LEU D 332 12.22 -16.89 -40.97
C LEU D 332 11.63 -17.15 -39.58
N LEU D 333 10.51 -16.50 -39.31
CA LEU D 333 9.63 -16.87 -38.21
C LEU D 333 8.44 -17.59 -38.83
N LEU D 334 8.22 -18.86 -38.42
CA LEU D 334 7.01 -19.55 -38.83
C LEU D 334 6.01 -19.38 -37.69
N VAL D 335 4.79 -19.00 -38.05
CA VAL D 335 3.77 -18.74 -37.05
C VAL D 335 2.58 -19.64 -37.32
N CYS D 336 2.17 -20.39 -36.29
CA CYS D 336 0.98 -21.24 -36.37
C CYS D 336 -0.14 -20.61 -35.56
N HIS D 337 -1.31 -20.42 -36.17
CA HIS D 337 -2.38 -19.71 -35.48
C HIS D 337 -3.62 -20.60 -35.39
N ALA D 338 -4.34 -20.50 -34.27
CA ALA D 338 -5.64 -21.12 -34.09
C ALA D 338 -6.57 -20.07 -33.49
N SER D 339 -7.73 -19.83 -34.12
CA SER D 339 -8.67 -18.84 -33.60
C SER D 339 -10.08 -19.36 -33.71
N GLY D 340 -10.94 -18.94 -32.80
CA GLY D 340 -12.35 -19.27 -32.85
C GLY D 340 -12.72 -20.56 -32.11
N PHE D 341 -11.77 -21.11 -31.33
CA PHE D 341 -12.04 -22.34 -30.59
C PHE D 341 -12.69 -21.99 -29.24
N TYR D 342 -13.56 -22.91 -28.81
CA TYR D 342 -14.12 -22.94 -27.47
C TYR D 342 -14.46 -24.40 -27.17
N PRO D 343 -14.22 -24.99 -25.96
CA PRO D 343 -13.62 -24.32 -24.81
C PRO D 343 -12.16 -23.95 -24.96
N LYS D 344 -11.58 -23.51 -23.84
CA LYS D 344 -10.33 -22.79 -23.82
C LYS D 344 -9.15 -23.74 -23.92
N PRO D 345 -9.11 -24.93 -23.27
CA PRO D 345 -7.99 -25.84 -23.43
C PRO D 345 -7.71 -26.18 -24.90
N VAL D 346 -6.44 -26.12 -25.30
CA VAL D 346 -6.02 -26.33 -26.68
C VAL D 346 -4.54 -26.69 -26.64
N TRP D 347 -4.04 -27.33 -27.69
CA TRP D 347 -2.60 -27.57 -27.83
C TRP D 347 -2.23 -27.19 -29.27
N VAL D 348 -1.19 -26.34 -29.41
CA VAL D 348 -0.66 -25.98 -30.71
C VAL D 348 0.84 -26.22 -30.69
N THR D 349 1.34 -27.10 -31.57
CA THR D 349 2.73 -27.55 -31.46
C THR D 349 3.31 -27.62 -32.87
N TRP D 350 4.53 -27.09 -33.04
CA TRP D 350 5.31 -27.35 -34.23
C TRP D 350 6.02 -28.71 -34.13
N MET D 351 5.91 -29.49 -35.20
CA MET D 351 6.46 -30.86 -35.11
C MET D 351 7.41 -31.14 -36.29
N ARG D 352 8.39 -32.01 -36.06
CA ARG D 352 9.27 -32.45 -37.18
C ARG D 352 9.03 -33.97 -37.26
N ASN D 353 7.89 -34.36 -37.83
CA ASN D 353 7.52 -35.80 -37.90
C ASN D 353 7.58 -36.44 -36.51
N GLU D 354 6.61 -36.14 -35.64
CA GLU D 354 6.51 -36.78 -34.29
C GLU D 354 7.59 -36.27 -33.33
N GLN D 355 8.34 -35.26 -33.74
CA GLN D 355 9.31 -34.65 -32.81
C GLN D 355 8.83 -33.22 -32.53
N GLU D 356 8.39 -32.94 -31.31
CA GLU D 356 7.94 -31.57 -30.96
C GLU D 356 9.18 -30.67 -30.99
N GLN D 357 9.05 -29.50 -31.59
CA GLN D 357 10.22 -28.65 -31.78
C GLN D 357 10.53 -27.83 -30.52
N LEU D 358 11.82 -27.78 -30.19
CA LEU D 358 12.35 -26.79 -29.27
C LEU D 358 12.61 -25.50 -30.04
N GLY D 359 12.55 -24.36 -29.33
CA GLY D 359 12.69 -23.06 -29.95
C GLY D 359 11.34 -22.37 -30.10
N THR D 360 10.27 -23.06 -29.70
CA THR D 360 8.91 -22.62 -29.95
C THR D 360 8.44 -21.70 -28.83
N LYS D 361 8.06 -20.46 -29.21
CA LYS D 361 7.47 -19.44 -28.34
C LYS D 361 5.94 -19.60 -28.31
N HIS D 362 5.37 -20.03 -27.16
CA HIS D 362 3.93 -20.04 -27.01
C HIS D 362 3.43 -18.66 -26.58
N GLY D 363 2.52 -18.10 -27.39
CA GLY D 363 1.76 -16.92 -27.01
C GLY D 363 0.78 -17.26 -25.89
N ASP D 364 0.15 -16.23 -25.34
CA ASP D 364 -0.92 -16.40 -24.40
C ASP D 364 -2.16 -16.82 -25.17
N ILE D 365 -3.08 -17.51 -24.50
CA ILE D 365 -4.42 -17.70 -25.04
C ILE D 365 -5.23 -16.43 -24.82
N LEU D 366 -5.69 -15.80 -25.89
CA LEU D 366 -6.26 -14.46 -25.85
C LEU D 366 -7.72 -14.52 -26.26
N PRO D 367 -8.58 -13.63 -25.71
CA PRO D 367 -10.01 -13.68 -25.99
C PRO D 367 -10.39 -13.04 -27.33
N ASN D 368 -11.42 -13.62 -27.97
CA ASN D 368 -12.19 -12.97 -29.02
C ASN D 368 -13.50 -12.46 -28.39
N ALA D 369 -14.17 -11.56 -29.10
CA ALA D 369 -15.33 -10.85 -28.58
C ALA D 369 -16.52 -11.79 -28.48
N ASP D 370 -16.56 -12.87 -29.27
CA ASP D 370 -17.65 -13.84 -29.23
C ASP D 370 -17.44 -14.90 -28.15
N GLY D 371 -16.44 -14.80 -27.27
CA GLY D 371 -16.22 -15.79 -26.22
C GLY D 371 -15.30 -16.95 -26.65
N THR D 372 -14.88 -17.02 -27.92
CA THR D 372 -13.93 -18.04 -28.32
C THR D 372 -12.55 -17.48 -28.01
N TRP D 373 -11.50 -18.24 -28.37
CA TRP D 373 -10.13 -17.89 -28.04
C TRP D 373 -9.23 -17.92 -29.28
N TYR D 374 -8.04 -17.32 -29.08
CA TYR D 374 -6.99 -17.19 -30.07
C TYR D 374 -5.65 -17.61 -29.47
N LEU D 375 -4.81 -18.25 -30.29
CA LEU D 375 -3.46 -18.63 -29.90
C LEU D 375 -2.55 -18.66 -31.14
N GLN D 376 -1.36 -18.07 -31.01
CA GLN D 376 -0.33 -18.32 -32.01
C GLN D 376 0.89 -18.90 -31.33
N VAL D 377 1.64 -19.68 -32.12
CA VAL D 377 2.88 -20.27 -31.70
C VAL D 377 3.92 -19.98 -32.79
N ILE D 378 5.10 -19.50 -32.39
CA ILE D 378 6.14 -19.03 -33.29
C ILE D 378 7.34 -19.97 -33.22
N LEU D 379 7.83 -20.41 -34.38
CA LEU D 379 9.10 -21.14 -34.46
C LEU D 379 10.08 -20.34 -35.33
N GLU D 380 11.28 -20.09 -34.80
CA GLU D 380 12.35 -19.46 -35.58
C GLU D 380 13.14 -20.54 -36.31
N VAL D 381 13.28 -20.38 -37.63
CA VAL D 381 13.98 -21.35 -38.46
C VAL D 381 15.08 -20.63 -39.26
N ALA D 382 15.98 -21.39 -39.89
CA ALA D 382 16.90 -20.87 -40.88
C ALA D 382 16.26 -21.00 -42.27
N SER D 383 16.59 -20.07 -43.17
CA SER D 383 15.84 -19.76 -44.39
C SER D 383 15.26 -21.02 -45.08
N ALA D 387 12.75 -28.48 -45.05
CA ALA D 387 11.32 -28.80 -45.30
C ALA D 387 10.79 -29.78 -44.26
N GLY D 388 9.54 -30.21 -44.41
CA GLY D 388 9.00 -31.23 -43.50
C GLY D 388 8.55 -30.70 -42.15
N LEU D 389 8.29 -29.40 -42.05
CA LEU D 389 7.77 -28.90 -40.79
C LEU D 389 6.24 -28.96 -40.86
N SER D 390 5.60 -29.24 -39.73
CA SER D 390 4.14 -29.08 -39.65
C SER D 390 3.72 -28.52 -38.29
N CYS D 391 2.51 -27.97 -38.27
CA CYS D 391 1.90 -27.53 -37.03
C CYS D 391 0.66 -28.38 -36.74
N ARG D 392 0.58 -28.91 -35.52
CA ARG D 392 -0.59 -29.73 -35.13
C ARG D 392 -1.46 -28.95 -34.12
N VAL D 393 -2.74 -28.79 -34.43
CA VAL D 393 -3.70 -28.12 -33.55
C VAL D 393 -4.63 -29.17 -32.98
N ARG D 394 -4.67 -29.29 -31.64
CA ARG D 394 -5.45 -30.31 -30.96
C ARG D 394 -6.46 -29.60 -30.06
N HIS D 395 -7.69 -30.09 -30.05
CA HIS D 395 -8.75 -29.38 -29.37
C HIS D 395 -9.96 -30.30 -29.25
N SER D 396 -10.69 -30.17 -28.13
CA SER D 396 -11.79 -31.08 -27.82
C SER D 396 -12.82 -31.14 -28.96
N SER D 397 -12.99 -30.01 -29.68
CA SER D 397 -14.00 -29.89 -30.70
C SER D 397 -13.73 -30.76 -31.93
N LEU D 398 -12.51 -31.33 -32.04
CA LEU D 398 -12.05 -32.03 -33.23
C LEU D 398 -12.11 -33.55 -33.09
N GLY D 399 -12.28 -34.06 -31.87
CA GLY D 399 -12.64 -35.46 -31.66
C GLY D 399 -11.63 -36.47 -32.19
N GLY D 400 -10.37 -36.36 -31.75
CA GLY D 400 -9.37 -37.37 -32.08
C GLY D 400 -8.79 -37.22 -33.50
N GLN D 401 -9.15 -36.12 -34.18
CA GLN D 401 -8.61 -35.79 -35.48
C GLN D 401 -8.00 -34.39 -35.39
N ASP D 402 -6.72 -34.32 -35.05
CA ASP D 402 -5.98 -33.07 -35.05
C ASP D 402 -5.99 -32.41 -36.43
N ILE D 403 -5.99 -31.06 -36.49
CA ILE D 403 -5.64 -30.33 -37.71
C ILE D 403 -4.12 -30.31 -37.84
N ILE D 404 -3.59 -30.77 -38.97
CA ILE D 404 -2.17 -30.66 -39.23
C ILE D 404 -1.95 -29.77 -40.45
N LEU D 405 -1.13 -28.72 -40.30
CA LEU D 405 -0.79 -27.81 -41.38
C LEU D 405 0.68 -28.01 -41.75
N TYR D 406 0.96 -28.18 -43.04
CA TYR D 406 2.29 -28.47 -43.54
C TYR D 406 2.82 -27.16 -44.11
N TRP D 407 4.02 -26.75 -43.70
CA TRP D 407 4.53 -25.47 -44.15
C TRP D 407 4.47 -25.38 -45.70
N ASN E 3 -49.25 -9.22 -2.43
CA ASN E 3 -47.88 -9.15 -1.80
C ASN E 3 -47.64 -10.47 -1.05
N SER E 4 -46.48 -10.59 -0.40
CA SER E 4 -46.06 -11.86 0.14
C SER E 4 -46.75 -12.20 1.47
N VAL E 5 -47.57 -11.31 2.06
CA VAL E 5 -47.98 -11.46 3.45
C VAL E 5 -49.46 -11.80 3.55
N THR E 6 -49.78 -12.91 4.22
CA THR E 6 -51.16 -13.30 4.44
C THR E 6 -51.42 -13.36 5.95
N GLN E 7 -52.47 -12.70 6.43
CA GLN E 7 -52.82 -12.78 7.84
C GLN E 7 -54.31 -13.05 7.99
N MET E 8 -54.69 -13.44 9.20
CA MET E 8 -56.05 -13.84 9.52
C MET E 8 -57.03 -12.72 9.23
N GLU E 9 -58.16 -13.12 8.63
CA GLU E 9 -59.26 -12.22 8.37
C GLU E 9 -59.96 -11.95 9.71
N GLY E 10 -60.26 -10.69 10.00
CA GLY E 10 -61.03 -10.34 11.19
C GLY E 10 -62.43 -9.90 10.80
N PRO E 11 -63.17 -9.19 11.65
CA PRO E 11 -62.74 -8.86 12.99
C PRO E 11 -62.64 -10.06 13.93
N VAL E 12 -61.71 -10.02 14.88
CA VAL E 12 -61.63 -11.00 15.93
C VAL E 12 -62.16 -10.31 17.19
N THR E 13 -63.24 -10.88 17.75
CA THR E 13 -63.88 -10.38 18.95
C THR E 13 -63.56 -11.35 20.09
N LEU E 14 -63.01 -10.84 21.19
CA LEU E 14 -62.83 -11.68 22.37
C LEU E 14 -62.98 -10.86 23.65
N SER E 15 -63.14 -11.59 24.73
CA SER E 15 -63.35 -11.06 26.06
C SER E 15 -62.02 -10.64 26.65
N GLU E 16 -62.01 -9.50 27.34
CA GLU E 16 -60.95 -9.14 28.27
C GLU E 16 -60.44 -10.37 29.01
N GLU E 17 -59.11 -10.56 29.01
CA GLU E 17 -58.38 -11.65 29.67
C GLU E 17 -58.35 -12.94 28.86
N ALA E 18 -58.99 -13.00 27.67
CA ALA E 18 -58.89 -14.18 26.82
C ALA E 18 -57.58 -14.16 26.01
N PHE E 19 -57.20 -15.33 25.48
CA PHE E 19 -55.96 -15.49 24.75
C PHE E 19 -56.16 -15.00 23.31
N LEU E 20 -55.24 -14.19 22.78
CA LEU E 20 -55.34 -13.72 21.39
C LEU E 20 -54.29 -14.44 20.55
N THR E 21 -54.68 -14.96 19.38
CA THR E 21 -53.76 -15.42 18.34
C THR E 21 -54.13 -14.76 17.02
N ILE E 22 -53.17 -14.11 16.34
CA ILE E 22 -53.38 -13.66 14.98
C ILE E 22 -52.31 -14.30 14.11
N ASN E 23 -52.76 -15.23 13.26
CA ASN E 23 -51.87 -15.94 12.33
C ASN E 23 -51.39 -14.98 11.25
N CYS E 24 -50.10 -15.12 10.93
CA CYS E 24 -49.48 -14.47 9.81
C CYS E 24 -48.46 -15.41 9.16
N THR E 25 -48.56 -15.59 7.83
CA THR E 25 -47.52 -16.26 7.06
C THR E 25 -47.06 -15.37 5.89
N TYR E 26 -45.87 -15.69 5.36
CA TYR E 26 -45.32 -14.96 4.23
C TYR E 26 -44.83 -15.93 3.17
N THR E 27 -44.69 -15.40 1.94
CA THR E 27 -44.06 -16.16 0.86
C THR E 27 -42.90 -15.39 0.24
N ALA E 28 -42.37 -14.36 0.86
CA ALA E 28 -41.27 -13.66 0.17
C ALA E 28 -40.08 -14.59 0.00
N THR E 29 -39.28 -14.39 -1.07
CA THR E 29 -38.02 -15.12 -1.22
C THR E 29 -36.99 -14.39 -0.37
N GLY E 30 -35.80 -14.96 -0.29
CA GLY E 30 -34.71 -14.34 0.42
C GLY E 30 -34.90 -14.46 1.94
N TYR E 31 -34.28 -13.53 2.66
CA TYR E 31 -34.26 -13.56 4.15
C TYR E 31 -34.85 -12.28 4.70
N PRO E 32 -36.18 -12.13 4.68
CA PRO E 32 -36.85 -10.89 5.12
C PRO E 32 -36.81 -10.63 6.63
N SER E 33 -37.11 -9.40 7.04
CA SER E 33 -37.25 -9.09 8.49
C SER E 33 -38.76 -9.01 8.76
N LEU E 34 -39.22 -9.36 9.96
CA LEU E 34 -40.66 -9.45 10.20
C LEU E 34 -41.11 -8.51 11.31
N PHE E 35 -42.35 -8.02 11.18
CA PHE E 35 -42.88 -6.99 12.06
C PHE E 35 -44.37 -7.21 12.31
N TRP E 36 -44.83 -6.69 13.45
CA TRP E 36 -46.22 -6.33 13.62
C TRP E 36 -46.31 -4.83 13.90
N TYR E 37 -47.20 -4.17 13.16
CA TYR E 37 -47.62 -2.81 13.38
C TYR E 37 -49.02 -2.82 14.01
N VAL E 38 -49.32 -1.77 14.79
CA VAL E 38 -50.66 -1.63 15.35
C VAL E 38 -51.19 -0.23 15.05
N GLN E 39 -52.50 -0.15 14.87
CA GLN E 39 -53.16 1.12 14.66
C GLN E 39 -54.35 1.17 15.64
N TYR E 40 -54.21 2.00 16.68
CA TYR E 40 -55.29 2.27 17.62
C TYR E 40 -56.32 3.20 16.98
N PRO E 41 -57.61 3.14 17.40
CA PRO E 41 -58.66 3.96 16.81
C PRO E 41 -58.32 5.44 16.77
N GLY E 42 -58.48 6.09 15.64
CA GLY E 42 -58.19 7.51 15.51
C GLY E 42 -56.70 7.83 15.38
N GLU E 43 -55.81 6.82 15.36
CA GLU E 43 -54.37 7.09 15.38
C GLU E 43 -53.68 6.56 14.11
N GLY E 44 -52.39 6.89 13.99
CA GLY E 44 -51.53 6.39 12.93
C GLY E 44 -50.95 5.02 13.26
N LEU E 45 -50.26 4.44 12.28
CA LEU E 45 -49.61 3.16 12.50
C LEU E 45 -48.37 3.36 13.39
N GLN E 46 -48.09 2.35 14.20
CA GLN E 46 -46.84 2.32 14.94
C GLN E 46 -46.38 0.88 15.09
N LEU E 47 -45.07 0.74 15.20
CA LEU E 47 -44.49 -0.57 15.40
C LEU E 47 -44.92 -1.15 16.74
N LEU E 48 -45.44 -2.38 16.75
CA LEU E 48 -45.66 -3.14 17.97
C LEU E 48 -44.42 -3.93 18.36
N LEU E 49 -43.92 -4.76 17.44
CA LEU E 49 -42.79 -5.63 17.73
C LEU E 49 -42.20 -6.13 16.42
N LYS E 50 -41.00 -6.71 16.49
CA LYS E 50 -40.31 -7.13 15.30
C LYS E 50 -39.35 -8.25 15.65
N ALA E 51 -38.85 -8.88 14.57
CA ALA E 51 -37.84 -9.91 14.63
C ALA E 51 -37.03 -9.84 13.34
N THR E 52 -35.78 -9.42 13.47
CA THR E 52 -34.95 -9.19 12.26
C THR E 52 -34.47 -10.48 11.65
N LYS E 53 -34.52 -11.59 12.38
CA LYS E 53 -33.94 -12.83 11.81
C LYS E 53 -34.64 -14.09 12.33
N ALA E 54 -34.58 -15.18 11.56
CA ALA E 54 -35.16 -16.47 11.91
C ALA E 54 -34.87 -16.82 13.38
N ASP E 55 -35.93 -17.25 14.07
CA ASP E 55 -35.92 -17.67 15.46
C ASP E 55 -35.86 -16.51 16.46
N ASP E 56 -35.71 -15.25 16.01
CA ASP E 56 -35.92 -14.13 16.91
C ASP E 56 -37.40 -14.06 17.34
N LYS E 57 -37.60 -13.66 18.60
CA LYS E 57 -38.89 -13.34 19.22
C LYS E 57 -38.93 -11.84 19.56
N GLY E 58 -40.00 -11.18 19.09
CA GLY E 58 -40.31 -9.81 19.45
C GLY E 58 -41.39 -9.82 20.53
N SER E 59 -41.33 -8.89 21.48
CA SER E 59 -42.36 -8.82 22.50
C SER E 59 -42.58 -7.38 22.93
N ASN E 60 -43.80 -7.09 23.37
CA ASN E 60 -44.18 -5.75 23.73
C ASN E 60 -45.53 -5.78 24.43
N LYS E 61 -45.62 -5.29 25.67
CA LYS E 61 -46.91 -5.16 26.37
C LYS E 61 -47.69 -6.49 26.35
N GLY E 62 -46.99 -7.62 26.53
CA GLY E 62 -47.66 -8.91 26.58
C GLY E 62 -47.84 -9.55 25.21
N PHE E 63 -47.58 -8.82 24.14
CA PHE E 63 -47.67 -9.44 22.83
C PHE E 63 -46.34 -10.13 22.52
N GLU E 64 -46.39 -11.22 21.76
CA GLU E 64 -45.16 -11.83 21.27
C GLU E 64 -45.38 -12.47 19.91
N ALA E 65 -44.29 -12.57 19.14
CA ALA E 65 -44.32 -13.29 17.87
C ALA E 65 -42.91 -13.79 17.58
N THR E 66 -42.84 -15.03 17.09
CA THR E 66 -41.58 -15.68 16.80
C THR E 66 -41.48 -15.88 15.29
N TYR E 67 -40.35 -15.45 14.74
CA TYR E 67 -40.04 -15.66 13.34
C TYR E 67 -39.69 -17.14 13.11
N ARG E 68 -40.61 -17.92 12.54
CA ARG E 68 -40.35 -19.34 12.27
C ARG E 68 -40.17 -19.55 10.76
N LYS E 69 -38.92 -19.52 10.31
CA LYS E 69 -38.58 -19.63 8.90
C LYS E 69 -39.22 -20.88 8.26
N GLU E 70 -39.23 -22.02 8.94
CA GLU E 70 -39.62 -23.27 8.30
C GLU E 70 -41.13 -23.37 8.11
N THR E 71 -41.95 -22.61 8.84
CA THR E 71 -43.37 -22.55 8.53
C THR E 71 -43.71 -21.19 7.95
N THR E 72 -42.70 -20.42 7.53
CA THR E 72 -42.80 -19.05 7.01
C THR E 72 -43.89 -18.30 7.78
N SER E 73 -43.68 -18.08 9.08
CA SER E 73 -44.75 -17.57 9.95
C SER E 73 -44.20 -16.61 11.00
N PHE E 74 -45.07 -15.69 11.42
CA PHE E 74 -44.81 -14.75 12.50
C PHE E 74 -46.13 -14.52 13.25
N HIS E 75 -46.67 -15.59 13.83
CA HIS E 75 -47.97 -15.54 14.50
C HIS E 75 -47.94 -14.62 15.73
N LEU E 76 -48.92 -13.72 15.86
CA LEU E 76 -49.02 -12.85 17.02
C LEU E 76 -49.77 -13.57 18.12
N GLU E 77 -49.25 -13.50 19.35
CA GLU E 77 -49.97 -14.02 20.51
C GLU E 77 -49.91 -13.06 21.70
N LYS E 78 -51.01 -13.06 22.47
CA LYS E 78 -51.06 -12.40 23.76
C LYS E 78 -51.89 -13.22 24.73
N GLY E 79 -51.32 -13.53 25.90
CA GLY E 79 -51.89 -14.48 26.85
C GLY E 79 -53.21 -13.97 27.43
N SER E 80 -53.30 -12.65 27.65
CA SER E 80 -54.42 -12.07 28.37
C SER E 80 -54.72 -10.67 27.83
N VAL E 81 -55.69 -10.53 26.92
CA VAL E 81 -55.86 -9.25 26.27
C VAL E 81 -56.55 -8.28 27.21
N GLN E 82 -56.25 -6.98 27.05
CA GLN E 82 -56.91 -5.87 27.72
C GLN E 82 -57.80 -5.09 26.74
N VAL E 83 -58.76 -4.32 27.26
CA VAL E 83 -59.66 -3.56 26.43
C VAL E 83 -58.92 -2.56 25.54
N SER E 84 -57.84 -1.98 26.04
CA SER E 84 -57.04 -1.03 25.30
C SER E 84 -56.30 -1.67 24.12
N ASP E 85 -56.40 -2.98 23.94
CA ASP E 85 -55.76 -3.70 22.86
C ASP E 85 -56.66 -3.73 21.63
N SER E 86 -57.87 -3.15 21.76
CA SER E 86 -58.76 -2.97 20.64
C SER E 86 -58.07 -2.09 19.61
N ALA E 87 -57.87 -2.64 18.42
CA ALA E 87 -57.10 -1.97 17.38
C ALA E 87 -57.05 -2.83 16.12
N VAL E 88 -56.38 -2.31 15.07
CA VAL E 88 -56.05 -3.10 13.89
C VAL E 88 -54.57 -3.46 13.92
N TYR E 89 -54.28 -4.74 13.77
CA TYR E 89 -52.93 -5.29 13.79
C TYR E 89 -52.51 -5.69 12.37
N PHE E 90 -51.32 -5.25 11.96
CA PHE E 90 -50.84 -5.54 10.62
C PHE E 90 -49.51 -6.30 10.70
N CYS E 91 -49.52 -7.50 10.13
CA CYS E 91 -48.29 -8.23 9.89
C CYS E 91 -47.54 -7.55 8.75
N ALA E 92 -46.22 -7.46 8.85
CA ALA E 92 -45.44 -6.92 7.76
C ALA E 92 -44.08 -7.60 7.63
N LEU E 93 -43.51 -7.52 6.43
CA LEU E 93 -42.14 -7.93 6.21
C LEU E 93 -41.40 -6.88 5.40
N SER E 94 -40.09 -6.88 5.63
CA SER E 94 -39.20 -6.01 4.92
C SER E 94 -38.41 -6.88 3.96
N ASP E 95 -38.51 -6.55 2.66
CA ASP E 95 -37.93 -7.35 1.59
C ASP E 95 -36.46 -6.93 1.42
N GLN E 96 -35.87 -7.30 0.28
CA GLN E 96 -34.46 -7.07 0.04
C GLN E 96 -33.62 -7.46 1.27
N TYR E 97 -33.86 -8.66 1.80
CA TYR E 97 -33.09 -9.23 2.95
C TYR E 97 -33.16 -8.34 4.19
N GLY E 98 -34.27 -7.61 4.38
CA GLY E 98 -34.46 -6.73 5.55
C GLY E 98 -33.97 -5.33 5.31
N TRP E 99 -33.67 -4.98 4.07
CA TRP E 99 -33.11 -3.65 3.73
C TRP E 99 -34.07 -2.88 2.84
N GLY E 100 -35.15 -3.51 2.40
CA GLY E 100 -36.02 -2.86 1.42
C GLY E 100 -37.26 -2.21 1.97
N LYS E 101 -38.39 -2.42 1.32
CA LYS E 101 -39.65 -1.77 1.73
C LYS E 101 -40.51 -2.74 2.57
N LEU E 102 -41.41 -2.16 3.34
CA LEU E 102 -42.33 -2.96 4.13
C LEU E 102 -43.46 -3.40 3.22
N GLN E 103 -43.82 -4.67 3.30
CA GLN E 103 -45.02 -5.23 2.71
C GLN E 103 -45.98 -5.64 3.84
N PHE E 104 -47.19 -5.06 3.84
CA PHE E 104 -48.15 -5.27 4.91
C PHE E 104 -49.21 -6.26 4.50
N GLY E 105 -49.65 -7.07 5.46
CA GLY E 105 -50.88 -7.84 5.32
C GLY E 105 -52.09 -6.91 5.25
N ALA E 106 -53.26 -7.54 5.10
CA ALA E 106 -54.50 -6.78 4.98
C ALA E 106 -54.94 -6.20 6.34
N GLY E 107 -54.34 -6.65 7.43
CA GLY E 107 -54.73 -6.20 8.75
C GLY E 107 -55.83 -7.06 9.39
N THR E 108 -55.85 -7.12 10.72
CA THR E 108 -56.85 -7.84 11.48
C THR E 108 -57.34 -6.92 12.60
N GLN E 109 -58.61 -6.53 12.52
CA GLN E 109 -59.23 -5.79 13.61
C GLN E 109 -59.44 -6.73 14.79
N VAL E 110 -59.07 -6.27 15.98
CA VAL E 110 -59.36 -6.99 17.22
C VAL E 110 -60.27 -6.14 18.10
N VAL E 111 -61.40 -6.74 18.50
CA VAL E 111 -62.35 -6.07 19.39
C VAL E 111 -62.30 -6.81 20.72
N VAL E 112 -61.79 -6.12 21.74
CA VAL E 112 -61.73 -6.66 23.10
C VAL E 112 -62.88 -6.09 23.90
N THR E 113 -63.83 -6.95 24.24
CA THR E 113 -65.03 -6.56 25.02
C THR E 113 -64.74 -6.52 26.49
N PRO E 114 -65.26 -5.54 27.25
CA PRO E 114 -65.11 -5.52 28.71
C PRO E 114 -65.91 -6.60 29.42
N ASP E 115 -65.41 -7.01 30.60
CA ASP E 115 -66.20 -7.79 31.53
C ASP E 115 -67.10 -6.85 32.33
N ILE E 116 -68.40 -6.86 32.06
CA ILE E 116 -69.30 -5.91 32.70
C ILE E 116 -69.63 -6.46 34.10
N GLN E 117 -69.21 -5.73 35.14
CA GLN E 117 -69.36 -6.17 36.52
C GLN E 117 -70.84 -6.32 36.88
N ASN E 118 -71.65 -5.30 36.52
CA ASN E 118 -73.05 -5.24 36.90
C ASN E 118 -73.97 -5.01 35.71
N PRO E 119 -74.35 -6.04 34.87
CA PRO E 119 -75.21 -5.78 33.73
C PRO E 119 -76.57 -5.30 34.22
N ASP E 120 -77.12 -4.30 33.51
CA ASP E 120 -78.45 -3.78 33.81
C ASP E 120 -79.05 -3.26 32.51
N PRO E 121 -79.31 -4.16 31.53
CA PRO E 121 -79.70 -3.74 30.19
C PRO E 121 -80.96 -2.91 30.19
N ALA E 122 -80.92 -1.75 29.53
CA ALA E 122 -82.15 -0.95 29.42
C ALA E 122 -82.10 -0.12 28.15
N VAL E 123 -83.30 0.28 27.71
CA VAL E 123 -83.41 1.19 26.57
C VAL E 123 -83.99 2.50 27.08
N TYR E 124 -83.32 3.61 26.84
CA TYR E 124 -83.83 4.89 27.31
C TYR E 124 -84.03 5.81 26.09
N GLN E 125 -84.99 6.72 26.25
CA GLN E 125 -85.27 7.75 25.28
C GLN E 125 -84.63 9.05 25.77
N LEU E 126 -83.88 9.71 24.87
CA LEU E 126 -83.27 10.99 25.15
C LEU E 126 -83.87 12.08 24.26
N ARG E 127 -84.41 13.14 24.86
CA ARG E 127 -85.01 14.22 24.11
C ARG E 127 -83.99 15.32 23.78
N ASP E 128 -84.20 15.99 22.64
CA ASP E 128 -83.34 17.09 22.20
C ASP E 128 -83.38 18.21 23.25
N SER E 129 -84.55 18.41 23.86
CA SER E 129 -84.72 19.34 24.96
C SER E 129 -86.01 19.00 25.67
N LYS E 130 -86.25 19.64 26.81
CA LYS E 130 -87.44 19.37 27.61
C LYS E 130 -88.68 19.73 26.78
N SER E 131 -88.66 20.89 26.11
CA SER E 131 -89.79 21.35 25.33
C SER E 131 -89.69 20.83 23.90
N SER E 132 -89.15 19.61 23.70
CA SER E 132 -88.99 19.02 22.39
C SER E 132 -89.35 17.52 22.39
N ASP E 133 -89.75 17.02 21.21
CA ASP E 133 -90.06 15.61 20.99
C ASP E 133 -89.03 14.88 20.12
N LYS E 134 -88.17 15.60 19.37
CA LYS E 134 -87.14 14.97 18.59
C LYS E 134 -86.23 14.15 19.53
N SER E 135 -85.83 12.94 19.12
CA SER E 135 -85.30 11.97 20.06
C SER E 135 -84.34 10.98 19.43
N VAL E 136 -83.44 10.48 20.30
CA VAL E 136 -82.64 9.31 20.03
C VAL E 136 -82.96 8.27 21.09
N CYS E 137 -82.58 7.02 20.79
CA CYS E 137 -82.75 5.89 21.68
C CYS E 137 -81.39 5.34 22.06
N LEU E 138 -81.23 5.04 23.35
CA LEU E 138 -79.97 4.53 23.87
C LEU E 138 -80.20 3.16 24.49
N PHE E 139 -79.51 2.16 23.95
CA PHE E 139 -79.47 0.86 24.57
C PHE E 139 -78.16 0.80 25.34
N THR E 140 -78.22 0.54 26.66
CA THR E 140 -77.00 0.64 27.46
C THR E 140 -77.02 -0.37 28.61
N ASP E 141 -75.82 -0.61 29.14
CA ASP E 141 -75.57 -1.36 30.36
C ASP E 141 -75.78 -2.86 30.13
N PHE E 142 -75.81 -3.27 28.87
CA PHE E 142 -75.91 -4.71 28.53
C PHE E 142 -74.54 -5.37 28.65
N ASP E 143 -74.51 -6.69 28.75
CA ASP E 143 -73.28 -7.43 28.92
C ASP E 143 -72.64 -7.59 27.54
N SER E 144 -71.34 -7.87 27.53
CA SER E 144 -70.57 -7.85 26.26
C SER E 144 -70.86 -9.02 25.33
N GLN E 145 -71.74 -9.93 25.72
CA GLN E 145 -72.11 -10.99 24.81
C GLN E 145 -73.49 -10.74 24.18
N THR E 146 -74.04 -9.55 24.38
CA THR E 146 -75.30 -9.18 23.71
C THR E 146 -74.99 -8.75 22.30
N ASN E 147 -75.63 -9.35 21.29
CA ASN E 147 -75.48 -8.91 19.92
C ASN E 147 -76.48 -7.77 19.65
N VAL E 148 -75.99 -6.70 19.04
CA VAL E 148 -76.89 -5.60 18.62
C VAL E 148 -76.94 -5.68 17.09
N SER E 149 -77.98 -6.28 16.54
CA SER E 149 -78.06 -6.44 15.09
C SER E 149 -78.41 -5.11 14.43
N GLN E 150 -78.11 -5.04 13.13
CA GLN E 150 -78.20 -3.80 12.38
C GLN E 150 -79.68 -3.52 12.12
N SER E 151 -79.98 -2.32 11.65
CA SER E 151 -81.38 -1.92 11.44
C SER E 151 -81.98 -2.63 10.21
N LYS E 152 -83.26 -2.98 10.29
CA LYS E 152 -83.95 -3.57 9.11
C LYS E 152 -84.39 -2.44 8.18
N ASP E 153 -85.08 -1.42 8.71
CA ASP E 153 -85.61 -0.31 7.87
C ASP E 153 -84.47 0.61 7.46
N SER E 154 -84.59 1.23 6.30
CA SER E 154 -83.57 2.22 5.86
C SER E 154 -83.90 3.55 6.54
N ASP E 155 -85.02 3.60 7.26
CA ASP E 155 -85.44 4.85 7.93
C ASP E 155 -84.94 4.83 9.38
N VAL E 156 -84.50 3.67 9.84
CA VAL E 156 -83.97 3.53 11.23
C VAL E 156 -82.46 3.22 11.18
N TYR E 157 -81.67 3.93 11.98
CA TYR E 157 -80.25 3.72 12.07
C TYR E 157 -79.90 3.19 13.44
N ILE E 158 -78.98 2.21 13.47
CA ILE E 158 -78.52 1.62 14.69
C ILE E 158 -77.01 1.55 14.62
N THR E 159 -76.37 2.12 15.62
CA THR E 159 -74.90 2.18 15.64
C THR E 159 -74.34 0.87 16.13
N ASP E 160 -73.05 0.67 15.92
CA ASP E 160 -72.39 -0.52 16.51
C ASP E 160 -72.30 -0.29 18.01
N LYS E 161 -71.93 -1.33 18.74
CA LYS E 161 -71.76 -1.19 20.20
C LYS E 161 -70.50 -0.34 20.43
N CYS E 162 -70.55 0.55 21.42
CA CYS E 162 -69.40 1.41 21.79
C CYS E 162 -69.08 1.14 23.26
N VAL E 163 -67.80 1.06 23.61
CA VAL E 163 -67.38 0.82 25.03
C VAL E 163 -66.93 2.15 25.66
N LEU E 164 -67.67 2.61 26.65
CA LEU E 164 -67.36 3.89 27.33
C LEU E 164 -66.65 3.61 28.64
N ASP E 165 -65.68 4.45 29.00
CA ASP E 165 -64.91 4.24 30.25
C ASP E 165 -64.93 5.48 31.14
N MET E 166 -65.66 5.41 32.25
CA MET E 166 -65.61 6.48 33.28
C MET E 166 -64.37 6.07 34.08
N ARG E 167 -63.20 6.59 33.72
CA ARG E 167 -61.96 6.05 34.23
C ARG E 167 -61.84 6.36 35.71
N SER E 168 -62.28 7.56 36.13
CA SER E 168 -62.09 7.94 37.53
C SER E 168 -63.05 7.15 38.41
N MET E 169 -63.97 6.38 37.80
CA MET E 169 -64.90 5.56 38.56
C MET E 169 -64.62 4.09 38.33
N ASP E 170 -63.55 3.79 37.60
CA ASP E 170 -63.23 2.43 37.19
C ASP E 170 -64.48 1.67 36.73
N PHE E 171 -65.25 2.31 35.84
CA PHE E 171 -66.54 1.73 35.40
C PHE E 171 -66.62 1.79 33.89
N LYS E 172 -66.91 0.64 33.28
CA LYS E 172 -67.03 0.57 31.81
C LYS E 172 -68.47 0.14 31.46
N SER E 173 -69.01 0.68 30.38
CA SER E 173 -70.41 0.40 29.97
C SER E 173 -70.51 0.28 28.44
N ASN E 174 -71.26 -0.71 27.95
CA ASN E 174 -71.50 -0.84 26.51
C ASN E 174 -72.75 -0.04 26.14
N SER E 175 -72.82 0.49 24.93
CA SER E 175 -74.04 1.19 24.47
C SER E 175 -74.21 1.17 22.96
N ALA E 176 -75.43 1.41 22.49
CA ALA E 176 -75.69 1.57 21.05
C ALA E 176 -76.79 2.62 20.93
N VAL E 177 -76.73 3.44 19.88
CA VAL E 177 -77.72 4.47 19.66
C VAL E 177 -78.55 4.11 18.44
N ALA E 178 -79.81 4.52 18.49
CA ALA E 178 -80.69 4.38 17.38
C ALA E 178 -81.48 5.66 17.24
N TRP E 179 -81.76 6.02 15.98
CA TRP E 179 -82.62 7.13 15.65
C TRP E 179 -83.28 6.90 14.33
N SER E 180 -84.25 7.76 14.02
CA SER E 180 -85.05 7.63 12.82
C SER E 180 -85.67 8.98 12.49
N ASN E 181 -86.01 9.13 11.20
CA ASN E 181 -86.60 10.32 10.63
C ASN E 181 -88.12 10.26 10.78
N LYS E 182 -88.62 9.06 11.09
CA LYS E 182 -90.08 8.83 11.16
C LYS E 182 -90.72 9.50 12.38
N SER E 183 -91.99 9.82 12.26
CA SER E 183 -92.78 10.44 13.33
C SER E 183 -93.28 9.39 14.33
N ASP E 184 -93.37 8.13 13.91
CA ASP E 184 -93.94 7.06 14.73
C ASP E 184 -92.83 6.28 15.42
N PHE E 185 -91.61 6.82 15.49
CA PHE E 185 -90.51 6.03 16.03
C PHE E 185 -90.61 5.98 17.55
N ALA E 186 -90.54 4.76 18.11
CA ALA E 186 -90.58 4.57 19.56
C ALA E 186 -89.42 3.71 20.03
N CYS E 187 -88.85 4.13 21.17
CA CYS E 187 -87.62 3.53 21.67
C CYS E 187 -87.89 2.12 22.16
N ALA E 188 -89.09 1.92 22.73
CA ALA E 188 -89.51 0.62 23.21
C ALA E 188 -89.18 -0.51 22.23
N ASN E 189 -89.35 -0.29 20.91
CA ASN E 189 -89.20 -1.38 19.95
C ASN E 189 -88.00 -1.20 19.02
N ALA E 190 -87.04 -0.34 19.39
CA ALA E 190 -86.05 0.09 18.42
C ALA E 190 -84.97 -0.98 18.15
N PHE E 191 -84.59 -1.82 19.12
CA PHE E 191 -83.34 -2.57 18.99
C PHE E 191 -83.58 -4.03 18.54
N THR F 3 -40.68 15.21 17.61
CA THR F 3 -41.68 14.15 17.80
C THR F 3 -41.76 13.35 16.49
N GLY F 4 -42.75 13.62 15.62
CA GLY F 4 -43.16 12.68 14.59
C GLY F 4 -42.81 13.12 13.18
N VAL F 5 -43.20 12.30 12.22
CA VAL F 5 -43.33 12.66 10.81
C VAL F 5 -44.53 13.59 10.63
N SER F 6 -44.30 14.72 9.97
CA SER F 6 -45.35 15.69 9.71
C SER F 6 -45.77 15.59 8.26
N GLN F 7 -47.08 15.45 8.05
CA GLN F 7 -47.66 15.54 6.74
C GLN F 7 -48.66 16.68 6.68
N ASN F 8 -48.65 17.39 5.55
CA ASN F 8 -49.58 18.45 5.23
C ASN F 8 -50.06 18.29 3.79
N PRO F 9 -51.35 18.59 3.50
CA PRO F 9 -52.34 18.92 4.53
C PRO F 9 -52.90 17.67 5.20
N ARG F 10 -53.59 17.85 6.32
CA ARG F 10 -54.09 16.68 7.03
C ARG F 10 -55.24 16.06 6.24
N HIS F 11 -55.97 16.91 5.49
CA HIS F 11 -57.18 16.50 4.78
C HIS F 11 -57.14 17.25 3.47
N LYS F 12 -57.63 16.65 2.39
CA LYS F 12 -57.78 17.37 1.13
C LYS F 12 -58.97 16.79 0.39
N ILE F 13 -59.87 17.69 0.01
CA ILE F 13 -61.02 17.36 -0.79
C ILE F 13 -60.77 18.06 -2.10
N THR F 14 -60.95 17.37 -3.23
CA THR F 14 -60.76 18.03 -4.52
C THR F 14 -61.74 17.43 -5.54
N LYS F 15 -62.03 18.21 -6.57
CA LYS F 15 -62.82 17.79 -7.70
C LYS F 15 -62.00 16.88 -8.64
N ARG F 16 -62.61 15.79 -9.10
CA ARG F 16 -62.04 14.93 -10.12
C ARG F 16 -61.47 15.78 -11.26
N GLY F 17 -60.23 15.50 -11.64
CA GLY F 17 -59.57 16.23 -12.71
C GLY F 17 -58.51 17.23 -12.21
N GLN F 18 -58.62 17.70 -10.96
CA GLN F 18 -57.65 18.66 -10.43
C GLN F 18 -56.36 17.97 -9.97
N ASN F 19 -55.26 18.72 -10.00
CA ASN F 19 -53.99 18.30 -9.47
C ASN F 19 -53.93 18.61 -7.97
N VAL F 20 -53.24 17.75 -7.17
CA VAL F 20 -52.97 17.99 -5.77
C VAL F 20 -51.51 17.68 -5.50
N THR F 21 -50.91 18.39 -4.53
CA THR F 21 -49.58 18.13 -4.04
C THR F 21 -49.65 17.94 -2.52
N PHE F 22 -49.02 16.88 -2.01
CA PHE F 22 -48.90 16.61 -0.59
C PHE F 22 -47.44 16.72 -0.20
N ARG F 23 -47.25 17.04 1.08
CA ARG F 23 -45.93 17.26 1.64
C ARG F 23 -45.72 16.35 2.85
N CYS F 24 -44.48 15.88 2.97
CA CYS F 24 -44.03 15.11 4.10
C CYS F 24 -42.71 15.72 4.62
N ASP F 25 -42.63 15.91 5.94
CA ASP F 25 -41.39 16.28 6.59
C ASP F 25 -41.02 15.17 7.54
N PRO F 26 -40.03 14.34 7.15
CA PRO F 26 -39.72 13.14 7.91
C PRO F 26 -39.02 13.51 9.21
N ILE F 27 -38.80 12.55 10.09
CA ILE F 27 -37.98 12.86 11.25
C ILE F 27 -36.59 13.23 10.72
N SER F 28 -36.03 14.31 11.26
CA SER F 28 -34.82 14.90 10.76
C SER F 28 -33.71 13.87 10.83
N GLU F 29 -32.91 13.76 9.76
CA GLU F 29 -31.72 12.93 9.77
C GLU F 29 -32.06 11.49 9.32
N HIS F 30 -33.34 11.18 9.19
CA HIS F 30 -33.75 9.85 8.66
C HIS F 30 -33.41 9.79 7.17
N ASN F 31 -32.63 8.80 6.79
CA ASN F 31 -32.18 8.69 5.37
C ASN F 31 -33.20 7.93 4.53
N ARG F 32 -34.06 7.14 5.18
CA ARG F 32 -35.04 6.30 4.43
C ARG F 32 -36.43 6.91 4.54
N LEU F 33 -37.07 7.19 3.41
CA LEU F 33 -38.42 7.79 3.39
C LEU F 33 -39.31 6.97 2.47
N TYR F 34 -40.53 6.70 2.89
CA TYR F 34 -41.48 5.88 2.10
C TYR F 34 -42.79 6.57 1.93
N TRP F 35 -43.44 6.35 0.81
CA TRP F 35 -44.82 6.83 0.62
C TRP F 35 -45.71 5.60 0.48
N TYR F 36 -46.83 5.56 1.18
CA TYR F 36 -47.79 4.45 1.09
C TYR F 36 -49.19 5.01 1.03
N ARG F 37 -50.16 4.21 0.61
CA ARG F 37 -51.54 4.66 0.74
C ARG F 37 -52.37 3.56 1.39
N GLN F 38 -53.45 3.96 2.04
CA GLN F 38 -54.33 3.01 2.74
C GLN F 38 -55.80 3.34 2.48
N THR F 39 -56.63 2.34 2.20
CA THR F 39 -58.08 2.51 2.13
C THR F 39 -58.71 1.70 3.26
N LEU F 40 -59.82 2.18 3.84
CA LEU F 40 -60.31 1.67 5.12
C LEU F 40 -60.52 0.17 5.01
N GLY F 41 -60.09 -0.55 6.03
CA GLY F 41 -60.21 -2.01 6.03
C GLY F 41 -59.12 -2.71 5.23
N GLN F 42 -58.03 -1.99 4.92
CA GLN F 42 -56.90 -2.63 4.26
C GLN F 42 -55.56 -2.15 4.84
N GLY F 43 -54.53 -2.92 4.51
CA GLY F 43 -53.16 -2.63 4.87
C GLY F 43 -52.58 -1.59 3.93
N PRO F 44 -51.57 -0.83 4.38
CA PRO F 44 -50.93 0.13 3.53
C PRO F 44 -50.37 -0.54 2.28
N GLU F 45 -50.56 0.15 1.15
CA GLU F 45 -50.08 -0.26 -0.16
C GLU F 45 -48.87 0.61 -0.50
N PHE F 46 -47.76 -0.02 -0.89
CA PHE F 46 -46.52 0.72 -1.22
C PHE F 46 -46.62 1.59 -2.45
N LEU F 47 -46.17 2.83 -2.35
CA LEU F 47 -46.04 3.66 -3.53
C LEU F 47 -44.59 3.85 -3.99
N THR F 48 -43.71 4.33 -3.10
CA THR F 48 -42.31 4.60 -3.47
C THR F 48 -41.45 4.74 -2.24
N TYR F 49 -40.14 4.63 -2.42
CA TYR F 49 -39.19 4.85 -1.30
C TYR F 49 -37.95 5.55 -1.83
N PHE F 50 -37.31 6.32 -0.96
CA PHE F 50 -36.10 7.06 -1.32
C PHE F 50 -34.97 6.72 -0.38
N GLN F 51 -33.74 6.67 -0.89
CA GLN F 51 -32.53 6.52 -0.04
C GLN F 51 -31.83 7.87 -0.23
N ASN F 52 -31.75 8.69 0.82
CA ASN F 52 -31.31 10.07 0.66
C ASN F 52 -32.22 10.69 -0.37
N GLU F 53 -31.66 11.30 -1.43
CA GLU F 53 -32.43 11.96 -2.48
C GLU F 53 -32.89 10.97 -3.54
N ALA F 54 -32.37 9.74 -3.52
CA ALA F 54 -32.50 8.82 -4.65
C ALA F 54 -33.77 7.97 -4.50
N GLN F 55 -34.64 8.05 -5.51
CA GLN F 55 -35.81 7.20 -5.59
C GLN F 55 -35.38 5.82 -6.10
N LEU F 56 -35.39 4.84 -5.19
CA LEU F 56 -34.87 3.52 -5.49
C LEU F 56 -35.91 2.54 -6.04
N GLU F 57 -37.20 2.75 -5.76
CA GLU F 57 -38.24 1.84 -6.19
C GLU F 57 -39.59 2.59 -6.22
N LYS F 58 -40.40 2.32 -7.26
CA LYS F 58 -41.76 2.80 -7.33
C LYS F 58 -42.68 1.63 -7.68
N SER F 59 -43.87 1.58 -7.10
CA SER F 59 -44.86 0.61 -7.49
C SER F 59 -45.10 0.64 -9.01
N ARG F 60 -45.05 -0.52 -9.65
CA ARG F 60 -45.20 -0.60 -11.11
C ARG F 60 -46.65 -0.42 -11.56
N LEU F 61 -47.64 -0.65 -10.68
CA LEU F 61 -49.06 -0.47 -11.01
C LEU F 61 -49.46 1.00 -10.93
N LEU F 62 -48.78 1.74 -10.06
CA LEU F 62 -49.14 3.13 -9.83
C LEU F 62 -49.15 3.96 -11.11
N SER F 63 -50.23 4.74 -11.28
CA SER F 63 -50.34 5.68 -12.38
C SER F 63 -49.13 6.62 -12.49
N ASP F 64 -48.72 6.91 -13.73
CA ASP F 64 -47.74 7.95 -14.02
C ASP F 64 -48.27 9.36 -13.73
N ARG F 65 -49.56 9.52 -13.44
CA ARG F 65 -50.09 10.75 -12.88
C ARG F 65 -49.49 11.04 -11.48
N PHE F 66 -48.90 10.02 -10.83
CA PHE F 66 -48.29 10.20 -9.52
C PHE F 66 -46.80 10.45 -9.71
N SER F 67 -46.25 11.46 -9.04
CA SER F 67 -44.81 11.63 -9.01
C SER F 67 -44.35 12.11 -7.63
N ALA F 68 -43.26 11.53 -7.14
CA ALA F 68 -42.69 11.90 -5.88
C ALA F 68 -41.29 12.48 -6.07
N GLU F 69 -40.92 13.41 -5.19
CA GLU F 69 -39.53 13.78 -5.12
C GLU F 69 -39.14 14.10 -3.68
N ARG F 70 -37.82 14.06 -3.48
CA ARG F 70 -37.17 14.38 -2.18
C ARG F 70 -35.84 14.99 -2.63
N PRO F 71 -35.83 16.23 -3.16
CA PRO F 71 -34.65 16.78 -3.84
C PRO F 71 -33.43 16.96 -2.94
N LYS F 72 -33.61 17.24 -1.62
CA LYS F 72 -32.46 17.42 -0.75
C LYS F 72 -32.30 16.27 0.25
N GLY F 73 -32.95 15.14 0.02
CA GLY F 73 -32.81 14.03 0.95
C GLY F 73 -33.53 14.31 2.26
N SER F 74 -34.42 15.32 2.28
CA SER F 74 -35.14 15.63 3.49
C SER F 74 -36.64 15.51 3.25
N PHE F 75 -37.31 16.67 3.10
CA PHE F 75 -38.74 16.70 2.82
C PHE F 75 -39.03 16.00 1.48
N SER F 76 -40.26 15.47 1.36
CA SER F 76 -40.71 14.88 0.12
C SER F 76 -42.08 15.43 -0.27
N THR F 77 -42.29 15.56 -1.58
CA THR F 77 -43.61 15.91 -2.10
C THR F 77 -44.13 14.75 -2.95
N LEU F 78 -45.44 14.56 -2.84
CA LEU F 78 -46.15 13.64 -3.71
C LEU F 78 -47.17 14.45 -4.49
N GLU F 79 -47.05 14.42 -5.82
CA GLU F 79 -47.98 15.14 -6.67
C GLU F 79 -48.85 14.17 -7.45
N ILE F 80 -50.17 14.43 -7.45
CA ILE F 80 -51.14 13.66 -8.24
C ILE F 80 -51.76 14.59 -9.26
N GLN F 81 -51.49 14.35 -10.55
CA GLN F 81 -52.16 15.11 -11.59
C GLN F 81 -53.49 14.45 -11.94
N ARG F 82 -54.47 15.27 -12.29
CA ARG F 82 -55.73 14.82 -12.86
C ARG F 82 -56.34 13.75 -11.97
N THR F 83 -56.68 14.13 -10.72
CA THR F 83 -57.19 13.17 -9.75
C THR F 83 -58.41 12.43 -10.28
N GLU F 84 -58.51 11.17 -9.88
CA GLU F 84 -59.63 10.29 -10.12
C GLU F 84 -60.25 9.92 -8.77
N GLN F 85 -61.53 9.53 -8.77
CA GLN F 85 -62.20 9.05 -7.56
C GLN F 85 -61.44 7.90 -6.90
N GLY F 86 -60.94 6.96 -7.72
CA GLY F 86 -60.17 5.85 -7.19
C GLY F 86 -58.84 6.25 -6.55
N ASP F 87 -58.38 7.50 -6.67
CA ASP F 87 -57.19 7.94 -5.98
C ASP F 87 -57.50 8.21 -4.49
N SER F 88 -58.78 8.31 -4.12
CA SER F 88 -59.16 8.58 -2.73
C SER F 88 -58.54 7.55 -1.79
N ALA F 89 -57.88 8.02 -0.74
CA ALA F 89 -57.20 7.15 0.22
C ALA F 89 -56.52 8.06 1.24
N MET F 90 -56.02 7.42 2.31
CA MET F 90 -55.05 8.03 3.19
C MET F 90 -53.65 7.84 2.60
N TYR F 91 -52.96 8.94 2.31
CA TYR F 91 -51.59 8.95 1.84
C TYR F 91 -50.66 9.13 3.04
N LEU F 92 -49.87 8.08 3.25
CA LEU F 92 -49.00 8.01 4.43
C LEU F 92 -47.54 8.18 4.07
N CYS F 93 -46.83 8.94 4.88
CA CYS F 93 -45.37 9.06 4.71
C CYS F 93 -44.72 8.38 5.92
N ALA F 94 -43.64 7.66 5.69
CA ALA F 94 -42.90 7.05 6.81
C ALA F 94 -41.40 7.29 6.64
N SER F 95 -40.69 7.33 7.76
CA SER F 95 -39.23 7.55 7.73
C SER F 95 -38.56 6.51 8.65
N SER F 96 -37.33 6.14 8.34
CA SER F 96 -36.59 5.17 9.18
C SER F 96 -35.15 5.66 9.44
N PRO F 97 -34.62 5.49 10.66
CA PRO F 97 -33.24 5.81 10.96
C PRO F 97 -32.30 4.74 10.46
N ARG F 98 -31.01 5.02 10.62
CA ARG F 98 -29.95 4.10 10.16
C ARG F 98 -29.58 3.10 11.26
N THR F 99 -30.51 2.23 11.63
CA THR F 99 -30.23 1.18 12.62
C THR F 99 -29.90 -0.09 11.89
N GLY F 100 -30.05 -0.11 10.58
CA GLY F 100 -29.67 -1.28 9.79
C GLY F 100 -30.83 -2.17 9.37
N ARG F 101 -30.64 -3.49 9.46
CA ARG F 101 -31.69 -4.44 9.02
C ARG F 101 -32.89 -4.40 9.97
N GLY F 102 -34.09 -4.59 9.42
CA GLY F 102 -35.31 -4.62 10.24
C GLY F 102 -35.56 -3.31 10.97
N ALA F 103 -35.36 -2.19 10.30
CA ALA F 103 -35.47 -0.89 10.99
C ALA F 103 -36.93 -0.49 11.17
N GLU F 104 -37.26 0.11 12.32
CA GLU F 104 -38.57 0.67 12.53
C GLU F 104 -38.89 1.76 11.51
N ALA F 105 -40.10 1.72 10.94
CA ALA F 105 -40.63 2.83 10.14
C ALA F 105 -41.56 3.65 11.02
N PHE F 106 -41.39 4.97 10.96
CA PHE F 106 -42.18 5.89 11.76
C PHE F 106 -43.16 6.55 10.81
N PHE F 107 -44.46 6.43 11.09
CA PHE F 107 -45.49 6.94 10.20
C PHE F 107 -46.05 8.30 10.64
N GLY F 108 -46.34 9.12 9.65
CA GLY F 108 -47.17 10.29 9.86
C GLY F 108 -48.64 9.91 10.06
N GLN F 109 -49.41 10.97 10.30
CA GLN F 109 -50.84 10.91 10.52
C GLN F 109 -51.58 11.00 9.20
N GLY F 110 -50.85 11.24 8.11
CA GLY F 110 -51.42 11.02 6.79
C GLY F 110 -52.05 12.29 6.20
N THR F 111 -52.25 12.25 4.88
CA THR F 111 -53.13 13.17 4.18
C THR F 111 -54.33 12.37 3.69
N ARG F 112 -55.52 12.63 4.25
CA ARG F 112 -56.71 11.94 3.78
C ARG F 112 -57.29 12.66 2.56
N LEU F 113 -57.23 12.00 1.39
CA LEU F 113 -57.67 12.58 0.14
C LEU F 113 -59.02 11.98 -0.21
N THR F 114 -59.99 12.86 -0.51
CA THR F 114 -61.26 12.43 -1.03
C THR F 114 -61.45 13.19 -2.34
N VAL F 115 -61.53 12.44 -3.44
CA VAL F 115 -61.77 13.02 -4.75
C VAL F 115 -63.26 12.86 -5.05
N VAL F 116 -63.94 13.98 -5.26
CA VAL F 116 -65.38 13.99 -5.48
C VAL F 116 -65.62 14.35 -6.94
N GLU F 117 -66.74 13.85 -7.47
CA GLU F 117 -67.20 14.15 -8.82
C GLU F 117 -67.46 15.66 -8.98
N ASP F 118 -67.98 16.30 -7.92
CA ASP F 118 -68.35 17.70 -7.97
C ASP F 118 -68.42 18.26 -6.55
N LEU F 119 -67.83 19.43 -6.33
CA LEU F 119 -67.73 19.98 -5.00
C LEU F 119 -69.11 20.16 -4.38
N ASN F 120 -70.19 20.18 -5.17
CA ASN F 120 -71.52 20.32 -4.59
C ASN F 120 -72.04 19.06 -3.90
N LYS F 121 -71.19 18.04 -3.72
CA LYS F 121 -71.58 16.89 -2.90
C LYS F 121 -71.08 17.04 -1.47
N VAL F 122 -70.27 18.09 -1.23
CA VAL F 122 -69.72 18.34 0.08
C VAL F 122 -70.77 19.09 0.93
N PHE F 123 -70.95 18.58 2.15
CA PHE F 123 -71.95 19.14 3.08
C PHE F 123 -71.38 19.08 4.49
N PRO F 124 -71.53 20.14 5.30
CA PRO F 124 -71.04 20.10 6.67
C PRO F 124 -72.05 19.30 7.50
N PRO F 125 -71.70 18.85 8.72
CA PRO F 125 -72.67 18.21 9.58
C PRO F 125 -73.65 19.19 10.21
N GLU F 126 -74.87 18.71 10.46
CA GLU F 126 -75.73 19.30 11.48
C GLU F 126 -75.54 18.52 12.78
N VAL F 127 -75.64 19.20 13.93
CA VAL F 127 -75.20 18.63 15.20
C VAL F 127 -76.28 18.93 16.23
N ALA F 128 -76.70 17.91 16.98
CA ALA F 128 -77.65 18.12 18.07
C ALA F 128 -77.19 17.27 19.26
N VAL F 129 -77.48 17.78 20.47
CA VAL F 129 -77.23 17.05 21.69
C VAL F 129 -78.56 16.62 22.30
N PHE F 130 -78.63 15.35 22.71
CA PHE F 130 -79.82 14.81 23.30
C PHE F 130 -79.55 14.59 24.79
N GLU F 131 -80.52 14.98 25.62
CA GLU F 131 -80.33 15.17 27.06
C GLU F 131 -80.67 13.88 27.77
N PRO F 132 -80.07 13.62 28.96
CA PRO F 132 -80.23 12.34 29.63
C PRO F 132 -81.68 12.06 30.03
N SER F 133 -82.04 10.78 30.01
CA SER F 133 -83.31 10.25 30.40
C SER F 133 -83.43 10.29 31.94
N GLU F 134 -84.57 10.76 32.42
CA GLU F 134 -84.94 10.67 33.82
C GLU F 134 -84.92 9.22 34.29
N ALA F 135 -85.31 8.25 33.45
CA ALA F 135 -85.32 6.86 33.91
C ALA F 135 -83.88 6.39 34.16
N GLU F 136 -82.92 6.83 33.32
CA GLU F 136 -81.54 6.40 33.50
C GLU F 136 -81.03 6.97 34.81
N ILE F 137 -81.32 8.24 35.04
CA ILE F 137 -80.86 8.92 36.22
C ILE F 137 -81.38 8.20 37.48
N SER F 138 -82.71 7.93 37.57
CA SER F 138 -83.30 7.25 38.72
C SER F 138 -82.73 5.86 38.89
N HIS F 139 -82.53 5.15 37.77
CA HIS F 139 -82.21 3.74 37.83
C HIS F 139 -80.73 3.49 38.10
N THR F 140 -79.80 4.36 37.65
CA THR F 140 -78.37 4.06 37.65
C THR F 140 -77.53 5.13 38.34
N GLN F 141 -78.12 6.31 38.67
CA GLN F 141 -77.40 7.47 39.15
C GLN F 141 -76.31 7.93 38.18
N LYS F 142 -76.47 7.60 36.89
CA LYS F 142 -75.62 8.15 35.85
C LYS F 142 -76.52 8.81 34.80
N ALA F 143 -75.90 9.66 33.96
CA ALA F 143 -76.61 10.45 32.98
C ALA F 143 -75.84 10.39 31.65
N THR F 144 -76.43 9.81 30.61
CA THR F 144 -75.75 9.73 29.31
C THR F 144 -76.27 10.81 28.38
N LEU F 145 -75.39 11.72 27.95
CA LEU F 145 -75.74 12.65 26.89
C LEU F 145 -75.39 11.97 25.58
N VAL F 146 -76.15 12.25 24.50
CA VAL F 146 -75.78 11.75 23.19
C VAL F 146 -75.68 12.91 22.21
N CYS F 147 -74.59 12.87 21.42
CA CYS F 147 -74.37 13.81 20.32
C CYS F 147 -74.57 13.08 18.98
N LEU F 148 -75.27 13.74 18.06
CA LEU F 148 -75.61 13.17 16.77
C LEU F 148 -75.27 14.22 15.72
N ALA F 149 -74.31 13.84 14.85
CA ALA F 149 -73.92 14.63 13.69
C ALA F 149 -74.46 13.94 12.44
N THR F 150 -75.29 14.66 11.67
CA THR F 150 -75.92 14.11 10.47
C THR F 150 -75.60 14.95 9.24
N GLY F 151 -75.88 14.36 8.07
CA GLY F 151 -75.79 15.08 6.78
C GLY F 151 -74.43 15.45 6.27
N PHE F 152 -73.37 14.84 6.75
CA PHE F 152 -72.03 15.31 6.33
C PHE F 152 -71.44 14.46 5.20
N TYR F 153 -70.62 15.09 4.38
CA TYR F 153 -69.95 14.41 3.26
C TYR F 153 -68.79 15.31 2.85
N PRO F 154 -67.56 14.79 2.68
CA PRO F 154 -67.23 13.40 3.01
C PRO F 154 -67.19 13.13 4.52
N ASP F 155 -66.61 11.99 4.90
CA ASP F 155 -66.73 11.47 6.26
C ASP F 155 -65.53 11.87 7.12
N HIS F 156 -64.99 13.06 6.87
CA HIS F 156 -63.82 13.61 7.54
C HIS F 156 -64.23 14.50 8.72
N VAL F 157 -64.49 13.91 9.90
CA VAL F 157 -64.93 14.70 11.05
C VAL F 157 -64.21 14.23 12.30
N GLU F 158 -64.13 15.12 13.30
CA GLU F 158 -63.51 14.85 14.57
C GLU F 158 -64.44 15.40 15.65
N LEU F 159 -64.96 14.49 16.47
CA LEU F 159 -65.96 14.86 17.46
C LEU F 159 -65.29 14.87 18.82
N SER F 160 -65.48 15.98 19.53
CA SER F 160 -64.94 16.15 20.86
C SER F 160 -66.07 16.65 21.76
N TRP F 161 -65.95 16.35 23.04
CA TRP F 161 -66.82 16.87 24.05
C TRP F 161 -66.05 17.85 24.91
N TRP F 162 -66.77 18.91 25.32
CA TRP F 162 -66.25 20.00 26.11
C TRP F 162 -67.22 20.26 27.26
N VAL F 163 -66.66 20.24 28.48
CA VAL F 163 -67.41 20.47 29.70
C VAL F 163 -66.82 21.71 30.37
N ASN F 164 -67.68 22.73 30.52
CA ASN F 164 -67.30 24.00 31.11
C ASN F 164 -66.06 24.54 30.40
N GLY F 165 -66.03 24.47 29.07
CA GLY F 165 -64.96 25.11 28.32
C GLY F 165 -63.69 24.26 28.20
N LYS F 166 -63.64 23.06 28.82
CA LYS F 166 -62.48 22.18 28.69
C LYS F 166 -62.84 20.85 28.06
N GLU F 167 -61.95 20.38 27.17
CA GLU F 167 -62.16 19.12 26.47
C GLU F 167 -62.06 17.98 27.49
N VAL F 168 -62.97 17.00 27.41
CA VAL F 168 -62.89 15.79 28.21
C VAL F 168 -62.66 14.59 27.30
N HIS F 169 -62.00 13.57 27.87
CA HIS F 169 -61.76 12.30 27.18
C HIS F 169 -62.45 11.15 27.92
N SER F 170 -62.44 11.25 29.25
CA SER F 170 -63.03 10.26 30.12
C SER F 170 -64.54 10.23 29.92
N GLY F 171 -65.14 9.04 29.99
CA GLY F 171 -66.61 8.91 29.92
C GLY F 171 -67.16 9.13 28.53
N VAL F 172 -66.34 9.03 27.50
CA VAL F 172 -66.79 9.31 26.11
C VAL F 172 -66.62 8.08 25.21
N CYS F 173 -67.63 7.77 24.40
CA CYS F 173 -67.51 6.70 23.37
C CYS F 173 -68.15 7.22 22.07
N THR F 174 -67.33 7.40 21.03
CA THR F 174 -67.78 7.88 19.72
C THR F 174 -67.77 6.70 18.76
N ASP F 175 -68.81 6.53 17.93
CA ASP F 175 -68.80 5.49 16.91
C ASP F 175 -67.45 5.51 16.19
N PRO F 176 -66.75 4.38 16.04
CA PRO F 176 -65.45 4.37 15.33
C PRO F 176 -65.54 4.80 13.87
N GLN F 177 -66.68 4.49 13.22
CA GLN F 177 -66.89 4.84 11.82
C GLN F 177 -68.22 5.58 11.64
N PRO F 178 -68.27 6.65 10.84
CA PRO F 178 -69.54 7.24 10.42
C PRO F 178 -70.42 6.20 9.75
N LEU F 179 -71.74 6.28 9.94
CA LEU F 179 -72.65 5.37 9.20
C LEU F 179 -73.22 6.13 7.99
N LYS F 180 -73.53 5.39 6.92
CA LYS F 180 -74.12 6.02 5.70
C LYS F 180 -75.63 6.18 5.91
N GLU F 181 -76.14 7.36 5.63
CA GLU F 181 -77.59 7.61 5.75
C GLU F 181 -78.31 6.82 4.64
N GLN F 182 -77.64 6.51 3.53
CA GLN F 182 -78.25 5.71 2.50
C GLN F 182 -77.25 4.63 2.12
N PRO F 183 -77.25 3.48 2.83
CA PRO F 183 -76.20 2.47 2.68
C PRO F 183 -76.01 1.93 1.26
N ALA F 184 -77.09 2.00 0.45
CA ALA F 184 -77.03 1.53 -0.93
C ALA F 184 -76.15 2.42 -1.83
N LEU F 185 -75.88 3.67 -1.46
CA LEU F 185 -75.24 4.61 -2.39
C LEU F 185 -73.75 4.73 -2.06
N ASN F 186 -72.92 4.91 -3.09
CA ASN F 186 -71.49 5.05 -2.90
C ASN F 186 -71.15 6.46 -2.43
N ASP F 187 -72.05 7.41 -2.69
CA ASP F 187 -71.79 8.83 -2.35
C ASP F 187 -72.72 9.27 -1.21
N SER F 188 -73.16 8.32 -0.40
CA SER F 188 -74.10 8.64 0.71
C SER F 188 -73.53 9.68 1.67
N ARG F 189 -74.39 10.53 2.19
CA ARG F 189 -73.98 11.46 3.26
C ARG F 189 -73.88 10.63 4.55
N TYR F 190 -73.23 11.14 5.57
CA TYR F 190 -72.96 10.30 6.76
C TYR F 190 -73.52 10.82 8.06
N ALA F 191 -73.63 9.93 9.04
CA ALA F 191 -74.02 10.32 10.38
C ALA F 191 -73.04 9.70 11.38
N LEU F 192 -72.84 10.36 12.53
CA LEU F 192 -71.98 9.89 13.60
C LEU F 192 -72.58 10.17 14.96
N SER F 193 -72.55 9.19 15.86
CA SER F 193 -73.03 9.44 17.22
C SER F 193 -71.90 9.30 18.23
N SER F 194 -72.11 9.92 19.41
CA SER F 194 -71.15 9.87 20.48
C SER F 194 -71.89 9.97 21.80
N ARG F 195 -71.32 9.31 22.81
CA ARG F 195 -71.92 9.34 24.15
C ARG F 195 -70.93 9.88 25.18
N LEU F 196 -71.40 10.77 26.03
CA LEU F 196 -70.70 11.30 27.18
C LEU F 196 -71.51 10.91 28.40
N ARG F 197 -70.90 10.09 29.24
CA ARG F 197 -71.58 9.65 30.48
C ARG F 197 -70.96 10.35 31.71
N VAL F 198 -71.81 10.94 32.54
CA VAL F 198 -71.42 11.64 33.75
C VAL F 198 -72.32 11.15 34.88
N SER F 199 -71.97 11.53 36.10
CA SER F 199 -72.80 11.16 37.23
C SER F 199 -74.12 11.94 37.20
N ALA F 200 -75.18 11.37 37.79
CA ALA F 200 -76.44 12.08 37.90
C ALA F 200 -76.25 13.45 38.54
N THR F 201 -75.42 13.49 39.61
CA THR F 201 -75.14 14.70 40.40
C THR F 201 -74.51 15.78 39.50
N PHE F 202 -73.59 15.39 38.60
CA PHE F 202 -72.91 16.37 37.77
C PHE F 202 -73.90 16.93 36.74
N TRP F 203 -74.77 16.07 36.20
CA TRP F 203 -75.76 16.49 35.22
C TRP F 203 -76.76 17.42 35.91
N GLN F 204 -77.07 17.16 37.18
CA GLN F 204 -78.17 17.86 37.83
C GLN F 204 -77.77 19.25 38.29
N ASP F 205 -76.49 19.61 38.15
CA ASP F 205 -76.02 20.91 38.59
C ASP F 205 -76.18 21.90 37.42
N PRO F 206 -77.05 22.92 37.53
CA PRO F 206 -77.27 23.86 36.44
C PRO F 206 -76.07 24.74 36.08
N ARG F 207 -74.99 24.66 36.86
CA ARG F 207 -73.77 25.40 36.56
C ARG F 207 -72.99 24.67 35.45
N ASN F 208 -73.25 23.39 35.19
CA ASN F 208 -72.44 22.62 34.25
C ASN F 208 -72.93 22.84 32.83
N HIS F 209 -71.97 23.10 31.92
CA HIS F 209 -72.21 23.33 30.50
C HIS F 209 -71.55 22.22 29.68
N PHE F 210 -72.29 21.63 28.73
CA PHE F 210 -71.83 20.51 27.94
C PHE F 210 -71.95 20.87 26.46
N ARG F 211 -70.84 20.69 25.71
CA ARG F 211 -70.78 21.07 24.30
C ARG F 211 -70.21 19.90 23.52
N CYS F 212 -70.96 19.45 22.52
CA CYS F 212 -70.48 18.53 21.49
C CYS F 212 -69.99 19.33 20.29
N GLN F 213 -68.70 19.14 19.96
CA GLN F 213 -68.05 19.88 18.88
C GLN F 213 -67.67 18.93 17.74
N VAL F 214 -68.06 19.28 16.51
CA VAL F 214 -67.67 18.46 15.36
C VAL F 214 -66.84 19.33 14.42
N GLN F 215 -65.55 19.05 14.38
CA GLN F 215 -64.66 19.65 13.38
C GLN F 215 -64.89 18.92 12.07
N PHE F 216 -65.33 19.66 11.06
CA PHE F 216 -65.48 19.13 9.71
C PHE F 216 -64.36 19.64 8.81
N TYR F 217 -63.83 18.74 7.98
CA TYR F 217 -62.84 19.14 6.96
C TYR F 217 -63.49 19.10 5.60
N GLY F 218 -63.57 20.28 5.00
CA GLY F 218 -64.33 20.53 3.79
C GLY F 218 -63.48 21.31 2.80
N LEU F 219 -64.09 22.25 2.12
CA LEU F 219 -63.45 23.04 1.09
C LEU F 219 -62.52 24.07 1.73
N SER F 220 -61.60 24.58 0.90
CA SER F 220 -60.72 25.68 1.30
C SER F 220 -60.91 26.86 0.34
N GLU F 221 -60.09 27.91 0.53
CA GLU F 221 -60.31 29.21 -0.11
C GLU F 221 -60.18 29.11 -1.63
N ASN F 222 -59.18 28.38 -2.12
CA ASN F 222 -58.95 28.29 -3.54
C ASN F 222 -60.02 27.48 -4.28
N ASP F 223 -60.90 26.74 -3.59
CA ASP F 223 -61.91 25.92 -4.26
C ASP F 223 -62.99 26.82 -4.84
N GLU F 224 -63.30 26.63 -6.12
CA GLU F 224 -64.31 27.45 -6.81
C GLU F 224 -65.69 27.00 -6.34
N TRP F 225 -66.54 27.97 -5.97
CA TRP F 225 -67.87 27.70 -5.44
C TRP F 225 -68.80 28.80 -5.94
N THR F 226 -69.84 28.40 -6.68
CA THR F 226 -70.80 29.32 -7.30
C THR F 226 -72.21 28.79 -7.04
N GLN F 227 -72.33 27.86 -6.10
CA GLN F 227 -73.63 27.32 -5.74
C GLN F 227 -74.35 28.31 -4.85
N ASP F 228 -75.67 28.18 -4.85
CA ASP F 228 -76.57 29.14 -4.22
C ASP F 228 -76.82 28.69 -2.79
N ARG F 229 -75.77 28.36 -2.06
CA ARG F 229 -75.88 27.92 -0.67
C ARG F 229 -74.50 28.13 -0.06
N ALA F 230 -74.38 28.08 1.28
CA ALA F 230 -73.13 28.35 1.96
C ALA F 230 -72.04 27.38 1.47
N LYS F 231 -70.87 27.92 1.11
CA LYS F 231 -69.71 27.10 0.76
C LYS F 231 -69.40 26.17 1.94
N PRO F 232 -69.44 24.82 1.76
CA PRO F 232 -69.11 23.90 2.83
C PRO F 232 -67.62 23.83 3.18
N VAL F 233 -67.11 24.90 3.77
CA VAL F 233 -65.70 25.02 4.14
C VAL F 233 -65.44 24.17 5.39
N THR F 234 -64.16 23.85 5.60
CA THR F 234 -63.67 23.39 6.89
C THR F 234 -64.24 24.30 7.97
N GLN F 235 -64.78 23.72 9.03
CA GLN F 235 -65.55 24.49 10.01
C GLN F 235 -65.86 23.58 11.18
N ILE F 236 -66.16 24.21 12.31
CA ILE F 236 -66.68 23.57 13.50
C ILE F 236 -68.19 23.82 13.61
N VAL F 237 -68.94 22.75 13.90
CA VAL F 237 -70.36 22.83 14.17
C VAL F 237 -70.57 22.19 15.54
N SER F 238 -71.29 22.91 16.41
CA SER F 238 -71.44 22.53 17.81
C SER F 238 -72.91 22.48 18.18
N ALA F 239 -73.19 21.78 19.27
CA ALA F 239 -74.47 21.79 19.96
C ALA F 239 -74.15 21.64 21.44
N GLU F 240 -75.11 22.02 22.30
CA GLU F 240 -74.85 22.12 23.72
C GLU F 240 -76.08 21.76 24.56
N ALA F 241 -75.83 21.65 25.87
CA ALA F 241 -76.87 21.46 26.88
C ALA F 241 -76.32 22.02 28.18
N TRP F 242 -77.22 22.43 29.06
CA TRP F 242 -76.88 22.81 30.42
C TRP F 242 -77.40 21.77 31.41
N GLY F 243 -76.67 21.51 32.48
CA GLY F 243 -77.21 20.75 33.59
C GLY F 243 -78.55 21.33 34.07
N ARG F 244 -79.39 20.48 34.67
CA ARG F 244 -80.75 20.84 35.07
C ARG F 244 -81.09 20.06 36.34
N ALA F 245 -81.52 20.78 37.38
CA ALA F 245 -82.05 20.15 38.58
C ALA F 245 -83.38 19.47 38.27
N ASP F 246 -83.45 18.15 38.56
CA ASP F 246 -84.68 17.43 38.82
C ASP F 246 -84.39 15.92 38.68
C1 NAG G . 35.00 -21.88 9.19
C2 NAG G . 36.21 -22.01 8.28
C3 NAG G . 35.76 -22.42 6.88
C4 NAG G . 34.94 -23.71 6.94
C5 NAG G . 33.75 -23.54 7.90
C6 NAG G . 33.02 -24.84 8.10
C7 NAG G . 36.63 -19.64 7.68
C8 NAG G . 37.67 -18.55 7.63
N2 NAG G . 36.99 -20.80 8.26
O3 NAG G . 36.90 -22.62 6.08
O4 NAG G . 34.37 -23.95 5.66
O5 NAG G . 34.19 -23.06 9.19
O6 NAG G . 33.89 -25.90 8.48
O7 NAG G . 35.54 -19.48 7.15
C1 NAG G . 34.41 -25.10 5.05
C2 NAG G . 33.67 -25.20 3.74
C3 NAG G . 33.82 -26.63 3.26
C4 NAG G . 35.30 -26.96 3.10
C5 NAG G . 36.02 -26.74 4.43
C6 NAG G . 37.51 -26.93 4.38
C7 NAG G . 31.62 -23.79 3.36
C8 NAG G . 32.38 -22.91 2.43
N2 NAG G . 32.27 -24.85 3.87
O3 NAG G . 33.12 -26.76 2.04
O4 NAG G . 35.40 -28.32 2.71
O5 NAG G . 35.79 -25.37 4.80
O6 NAG G . 38.05 -26.04 3.38
O7 NAG G . 30.45 -23.58 3.66
C1 NAG H . -32.60 -23.92 -8.31
C2 NAG H . -33.65 -23.77 -7.18
C3 NAG H . -33.27 -24.45 -5.87
C4 NAG H . -32.30 -25.61 -5.98
C5 NAG H . -31.21 -25.35 -7.02
C6 NAG H . -30.25 -26.51 -7.22
C7 NAG H . -35.09 -21.80 -7.15
C8 NAG H . -35.35 -20.40 -6.69
N2 NAG H . -33.90 -22.36 -6.82
O3 NAG H . -34.43 -24.89 -5.20
O4 NAG H . -31.78 -25.68 -4.66
O5 NAG H . -31.90 -25.15 -8.26
O6 NAG H . -30.96 -27.74 -7.38
O7 NAG H . -35.93 -22.42 -7.80
C1 NAG H . -31.96 -27.05 -4.04
C2 NAG H . -31.07 -26.99 -2.81
C3 NAG H . -31.28 -28.24 -1.97
C4 NAG H . -32.76 -28.49 -1.72
C5 NAG H . -33.51 -28.49 -3.05
C6 NAG H . -35.00 -28.75 -2.94
C7 NAG H . -28.92 -25.83 -2.67
C8 NAG H . -27.48 -25.78 -3.10
N2 NAG H . -29.66 -26.84 -3.13
O3 NAG H . -30.56 -28.17 -0.74
O4 NAG H . -32.89 -29.78 -1.15
O5 NAG H . -33.31 -27.20 -3.66
O6 NAG H . -35.57 -27.83 -2.02
O7 NAG H . -29.42 -24.98 -1.96
C1 EDO I . 11.45 -11.30 5.72
O1 EDO I . 10.75 -12.52 5.66
C2 EDO I . 11.33 -10.54 7.01
O2 EDO I . 11.90 -11.22 8.17
C1 NAG J . 13.23 16.58 8.20
C2 NAG J . 12.74 17.89 8.79
C3 NAG J . 13.64 18.23 9.97
C4 NAG J . 13.55 17.12 11.00
C5 NAG J . 13.92 15.80 10.34
C6 NAG J . 13.72 14.63 11.26
C7 NAG J . 11.62 19.32 7.12
C8 NAG J . 10.26 19.18 7.75
N2 NAG J . 12.70 18.97 7.84
O3 NAG J . 13.26 19.47 10.53
O4 NAG J . 14.43 17.35 12.09
O5 NAG J . 13.08 15.59 9.20
O6 NAG J . 12.40 14.70 11.75
O7 NAG J . 11.76 19.78 5.99
C1 NAG K . 13.46 17.12 13.84
C2 NAG K . 14.59 17.00 14.86
C3 NAG K . 14.10 17.52 16.22
C4 NAG K . 13.50 18.93 16.12
C5 NAG K . 12.47 18.96 15.01
C6 NAG K . 11.96 20.34 14.73
C7 NAG K . 16.27 15.21 14.62
C8 NAG K . 16.54 13.75 14.81
N2 NAG K . 15.05 15.63 14.98
O3 NAG K . 15.20 17.53 17.11
O4 NAG K . 12.85 19.28 17.35
O5 NAG K . 13.04 18.48 13.77
O6 NAG K . 12.31 20.63 13.41
O7 NAG K . 17.11 15.98 14.15
C1 BMA L . 35.95 -28.46 1.21
C2 BMA L . 36.79 -29.73 1.32
C3 BMA L . 37.35 -30.13 -0.02
C4 BMA L . 36.27 -30.07 -1.14
C5 BMA L . 35.31 -28.84 -1.06
C6 BMA L . 34.09 -28.96 -1.98
O2 BMA L . 36.03 -30.79 1.90
O3 BMA L . 37.96 -31.44 0.11
O4 BMA L . 36.94 -29.96 -2.40
O5 BMA L . 34.85 -28.64 0.32
O6 BMA L . 32.88 -29.42 -1.33
C1 NAG M . 21.13 -19.79 -12.00
C2 NAG M . 20.56 -20.84 -12.94
C3 NAG M . 21.66 -21.38 -13.86
C4 NAG M . 22.26 -20.18 -14.60
C5 NAG M . 22.82 -19.19 -13.58
C6 NAG M . 23.39 -17.94 -14.19
C7 NAG M . 18.44 -21.73 -12.22
C8 NAG M . 17.75 -20.46 -11.78
N2 NAG M . 19.78 -21.80 -12.21
O3 NAG M . 21.13 -22.31 -14.81
O4 NAG M . 23.26 -20.64 -15.51
O5 NAG M . 21.74 -18.74 -12.74
O6 NAG M . 22.52 -17.53 -15.23
O7 NAG M . 17.80 -22.69 -12.60
C1 NAG N . 24.25 -22.38 -16.51
C2 NAG N . 25.21 -21.55 -17.39
C3 NAG N . 25.16 -22.02 -18.85
C4 NAG N . 23.86 -22.77 -19.13
C5 NAG N . 22.73 -22.06 -18.37
C6 NAG N . 21.36 -22.61 -18.69
C7 NAG N . 25.81 -19.17 -17.03
C8 NAG N . 25.81 -17.96 -17.91
N2 NAG N . 24.92 -20.12 -17.34
O3 NAG N . 26.29 -22.81 -19.21
O4 NAG N . 23.67 -22.83 -20.53
O5 NAG N . 22.91 -22.18 -16.95
O6 NAG N . 21.34 -24.00 -18.44
O7 NAG N . 26.56 -19.31 -16.07
C1 D12 O . 12.69 4.86 -8.21
C2 D12 O . 13.83 3.85 -7.96
C3 D12 O . 14.86 3.99 -6.80
C4 D12 O . 16.04 2.98 -6.90
C5 D12 O . 17.24 3.11 -5.95
C6 D12 O . 17.91 1.78 -5.51
C7 D12 O . 19.37 1.56 -5.97
C8 D12 O . 20.24 0.67 -5.07
C9 D12 O . 21.74 0.69 -5.37
C10 D12 O . 22.67 0.06 -4.28
C11 D12 O . 23.90 0.89 -3.95
C12 D12 O . 24.93 0.30 -3.00
C1 D12 P . 11.99 5.03 -3.55
C2 D12 P . 12.17 3.52 -3.68
C3 D12 P . 13.01 2.83 -2.64
C4 D12 P . 13.30 1.34 -2.84
C5 D12 P . 14.79 0.99 -2.70
C6 D12 P . 15.14 -0.47 -2.76
C7 D12 P . 16.48 -0.86 -2.21
C8 D12 P . 17.03 -2.15 -2.78
C9 D12 P . 18.31 -2.64 -2.17
C10 D12 P . 19.32 -3.18 -3.12
C11 D12 P . 20.37 -4.10 -2.58
C12 D12 P . 21.81 -3.67 -2.76
C1 EDO Q . 15.66 -10.48 12.83
O1 EDO Q . 14.99 -10.85 11.63
C2 EDO Q . 15.35 -11.42 13.95
O2 EDO Q . 15.63 -12.77 13.63
C1 EDO R . 50.57 -13.75 -16.78
O1 EDO R . 49.22 -13.58 -17.22
C2 EDO R . 50.76 -14.09 -15.34
O2 EDO R . 49.98 -13.32 -14.43
CA CA S . 67.43 -6.54 -27.56
C1 EDO T . 63.72 20.63 -35.31
O1 EDO T . 64.16 20.59 -33.99
C2 EDO T . 64.76 20.06 -36.19
O2 EDO T . 65.17 18.82 -35.65
C1 EDO U . -9.05 -12.29 -5.93
O1 EDO U . -10.09 -13.23 -5.85
C2 EDO U . -9.37 -11.22 -6.90
O2 EDO U . -9.88 -11.72 -8.14
C1 NAG V . -13.59 15.34 -9.73
C2 NAG V . -13.21 16.66 -10.38
C3 NAG V . -14.09 16.90 -11.60
C4 NAG V . -13.89 15.76 -12.59
C5 NAG V . -14.17 14.43 -11.88
C6 NAG V . -13.84 13.23 -12.74
C7 NAG V . -12.00 18.31 -9.09
C8 NAG V . -10.88 18.33 -10.10
N2 NAG V . -13.16 17.78 -9.47
O3 NAG V . -13.71 18.14 -12.19
O4 NAG V . -14.74 15.93 -13.72
O5 NAG V . -13.36 14.31 -10.69
O6 NAG V . -12.52 13.33 -13.24
O7 NAG V . -11.86 18.77 -7.98
C1 NAG W . -13.76 16.34 -15.40
C2 NAG W . -14.46 15.75 -16.64
C3 NAG W . -13.66 16.11 -17.89
C4 NAG W . -13.37 17.60 -17.93
C5 NAG W . -12.49 17.92 -16.71
C6 NAG W . -12.05 19.36 -16.66
C7 NAG W . -15.89 13.74 -16.39
C8 NAG W . -16.08 12.39 -17.01
N2 NAG W . -14.70 14.32 -16.56
O3 NAG W . -14.41 15.67 -19.02
O4 NAG W . -12.73 18.00 -19.15
O5 NAG W . -13.24 17.65 -15.50
O6 NAG W . -12.53 19.97 -15.47
O7 NAG W . -16.78 14.29 -15.74
C1 BMA X . -33.97 -29.66 0.06
C2 BMA X . -34.38 -31.12 0.17
C3 BMA X . -35.19 -31.35 1.44
C4 BMA X . -34.41 -30.78 2.67
C5 BMA X . -33.82 -29.34 2.46
C6 BMA X . -32.86 -28.83 3.55
O2 BMA X . -33.20 -31.91 0.14
O3 BMA X . -35.56 -32.74 1.54
O4 BMA X . -35.32 -30.67 3.77
O5 BMA X . -33.13 -29.28 1.17
O6 BMA X . -31.69 -29.63 3.85
C1 EDO Y . -13.82 -12.60 -14.08
O1 EDO Y . -14.16 -13.94 -13.80
C2 EDO Y . -14.02 -11.65 -12.95
O2 EDO Y . -13.50 -12.18 -11.75
C1 D10 Z . -19.24 -4.70 2.33
C2 D10 Z . -17.74 -4.47 2.50
C3 D10 Z . -17.20 -3.08 2.26
C4 D10 Z . -15.70 -2.79 2.05
C5 D10 Z . -15.38 -1.29 1.92
C6 D10 Z . -13.91 -0.86 1.79
C7 D10 Z . -13.65 0.58 2.24
C8 D10 Z . -12.34 1.26 1.78
C9 D10 Z . -12.05 2.56 2.59
C10 D10 Z . -11.51 3.82 1.89
C1 D10 AA . -23.21 -0.63 2.73
C2 D10 AA . -21.99 -1.02 3.53
C3 D10 AA . -21.39 0.11 4.32
C4 D10 AA . -19.99 -0.15 4.82
C5 D10 AA . -19.01 0.93 4.45
C6 D10 AA . -17.66 0.77 5.12
C7 D10 AA . -16.73 1.93 4.87
C8 D10 AA . -15.47 1.89 5.70
C9 D10 AA . -14.75 3.21 5.75
C10 D10 AA . -13.57 3.21 6.69
C1 EDO BA . -45.70 -17.21 18.10
O1 EDO BA . -45.19 -16.48 16.99
C2 EDO BA . -45.50 -16.53 19.42
O2 EDO BA . -44.14 -16.47 19.84
CA CA CA . -80.46 19.59 22.48
CA CA DA . -63.24 -11.94 30.35
#